data_3I1H
# 
_entry.id   3I1H 
# 
_audit_conform.dict_name       mmcif_pdbx.dic 
_audit_conform.dict_version    5.399 
_audit_conform.dict_location   http://mmcif.pdb.org/dictionaries/ascii/mmcif_pdbx.dic 
# 
loop_
_database_2.database_id 
_database_2.database_code 
_database_2.pdbx_database_accession 
_database_2.pdbx_DOI 
PDB   3I1H         pdb_00003i1h 10.2210/pdb3i1h/pdb 
RCSB  RCSB053844   ?            ?                   
WWPDB D_1000053844 ?            ?                   
# 
loop_
_pdbx_audit_revision_history.ordinal 
_pdbx_audit_revision_history.data_content_type 
_pdbx_audit_revision_history.major_revision 
_pdbx_audit_revision_history.minor_revision 
_pdbx_audit_revision_history.revision_date 
1 'Structure model' 1 0 2009-07-14 
2 'Structure model' 1 1 2011-07-13 
3 'Structure model' 1 2 2014-11-12 
4 'Structure model' 1 3 2023-09-06 
5 'Structure model' 1 4 2024-11-20 
# 
_pdbx_audit_revision_details.ordinal             1 
_pdbx_audit_revision_details.revision_ordinal    1 
_pdbx_audit_revision_details.data_content_type   'Structure model' 
_pdbx_audit_revision_details.provider            repository 
_pdbx_audit_revision_details.type                'Initial release' 
_pdbx_audit_revision_details.description         ? 
_pdbx_audit_revision_details.details             ? 
# 
loop_
_pdbx_audit_revision_group.ordinal 
_pdbx_audit_revision_group.revision_ordinal 
_pdbx_audit_revision_group.data_content_type 
_pdbx_audit_revision_group.group 
1 2 'Structure model' 'Version format compliance' 
2 3 'Structure model' 'Non-polymer description'   
3 4 'Structure model' 'Data collection'           
4 4 'Structure model' 'Database references'       
5 4 'Structure model' 'Derived calculations'      
6 4 'Structure model' 'Refinement description'    
7 5 'Structure model' 'Structure summary'         
# 
loop_
_pdbx_audit_revision_category.ordinal 
_pdbx_audit_revision_category.revision_ordinal 
_pdbx_audit_revision_category.data_content_type 
_pdbx_audit_revision_category.category 
1 4 'Structure model' chem_comp_atom                
2 4 'Structure model' chem_comp_bond                
3 4 'Structure model' database_2                    
4 4 'Structure model' pdbx_initial_refinement_model 
5 4 'Structure model' struct_conn                   
6 5 'Structure model' pdbx_entry_details            
7 5 'Structure model' pdbx_modification_feature     
# 
loop_
_pdbx_audit_revision_item.ordinal 
_pdbx_audit_revision_item.revision_ordinal 
_pdbx_audit_revision_item.data_content_type 
_pdbx_audit_revision_item.item 
1 4 'Structure model' '_database_2.pdbx_DOI'                
2 4 'Structure model' '_database_2.pdbx_database_accession' 
3 4 'Structure model' '_struct_conn.pdbx_leaving_atom_flag' 
# 
_pdbx_database_status.status_code                     REL 
_pdbx_database_status.entry_id                        3I1H 
_pdbx_database_status.recvd_initial_deposition_date   2009-06-26 
_pdbx_database_status.deposit_site                    RCSB 
_pdbx_database_status.process_site                    RCSB 
_pdbx_database_status.status_code_sf                  REL 
_pdbx_database_status.status_code_mr                  ? 
_pdbx_database_status.SG_entry                        Y 
_pdbx_database_status.status_code_cs                  ? 
_pdbx_database_status.pdb_format_compatible           Y 
_pdbx_database_status.status_code_nmr_data            ? 
_pdbx_database_status.methods_development_category    ? 
# 
_pdbx_database_related.db_name        TargetDB 
_pdbx_database_related.db_id          HR2930 
_pdbx_database_related.details        . 
_pdbx_database_related.content_type   unspecified 
# 
loop_
_audit_author.name 
_audit_author.pdbx_ordinal 
'Guan, R.'                                        1 
'Xiao, R.'                                        2 
'Zhao, L.'                                        3 
'Acton, T.'                                       4 
'White, E.'                                       5 
'Gelinas, C.'                                     6 
'Montelione, G.T.'                                7 
'Northeast Structural Genomics Consortium (NESG)' 8 
# 
_citation.id                        primary 
_citation.title                     'crystal structure of human BFL-1 in complex with BAK BH3 peptide' 
_citation.journal_abbrev            'To be Published' 
_citation.journal_volume            ? 
_citation.page_first                ? 
_citation.page_last                 ? 
_citation.year                      ? 
_citation.journal_id_ASTM           ? 
_citation.country                   ? 
_citation.journal_id_ISSN           ? 
_citation.journal_id_CSD            0353 
_citation.book_publisher            ? 
_citation.pdbx_database_id_PubMed   ? 
_citation.pdbx_database_id_DOI      ? 
# 
loop_
_citation_author.citation_id 
_citation_author.name 
_citation_author.ordinal 
_citation_author.identifier_ORCID 
primary 'Guan, R.'         1 ? 
primary 'Xiao, R.'         2 ? 
primary 'Zhao, L.'         3 ? 
primary 'Acton, T.'        4 ? 
primary 'White, E.'        5 ? 
primary 'Gelinas, C.'      6 ? 
primary 'Montelione, G.T.' 7 ? 
# 
loop_
_entity.id 
_entity.type 
_entity.src_method 
_entity.pdbx_description 
_entity.formula_weight 
_entity.pdbx_number_of_molecules 
_entity.pdbx_ec 
_entity.pdbx_mutation 
_entity.pdbx_fragment 
_entity.details 
1 polymer man 'Protein BFL-1'           18660.191 1  ? ? 'residues 1-151' ? 
2 polymer syn 'Apoptosis regulator BAK' 1726.934  1  ? ? BH3              ? 
3 water   nat water                     18.015    31 ? ? ?                ? 
# 
loop_
_entity_name_com.entity_id 
_entity_name_com.name 
1 'Bcl-2-like protein 5, Bcl2-L-5, Bcl-2-related protein A1, Hemopoietic-specific early response protein, Protein GRS' 
2 'Bcl-2 homologous antagonist/killer, Bcl-2-like protein 7, Bcl2-L-7'                                                 
# 
loop_
_entity_poly.entity_id 
_entity_poly.type 
_entity_poly.nstd_linkage 
_entity_poly.nstd_monomer 
_entity_poly.pdbx_seq_one_letter_code 
_entity_poly.pdbx_seq_one_letter_code_can 
_entity_poly.pdbx_strand_id 
_entity_poly.pdbx_target_identifier 
1 'polypeptide(L)' no yes 
;MGHHHHHHSHMTDCEFGYIYRLAQDYLQ(CSD)VLQIPQPGSGPSKTSRVLQNVAFSVQKEVEKNLKSCLDNVNVVSVDT
ARTLFNQVMEKEFEDGIINWGRIVTIFAFEGILIKKLLRQQIAPDVDTYKEISYFVAEFIMNNTGEWIRQNGGWENGFVK
KFEPK
;
;MGHHHHHHSHMTDCEFGYIYRLAQDYLQCVLQIPQPGSGPSKTSRVLQNVAFSVQKEVEKNLKSCLDNVNVVSVDTARTL
FNQVMEKEFEDGIINWGRIVTIFAFEGILIKKLLRQQIAPDVDTYKEISYFVAEFIMNNTGEWIRQNGGWENGFVKKFEP
K
;
A HR2930 
2 'polypeptide(L)' no no  GQVGRQLAIIGDDINR GQVGRQLAIIGDDINR B ?      
# 
_pdbx_entity_nonpoly.entity_id   3 
_pdbx_entity_nonpoly.name        water 
_pdbx_entity_nonpoly.comp_id     HOH 
# 
loop_
_entity_poly_seq.entity_id 
_entity_poly_seq.num 
_entity_poly_seq.mon_id 
_entity_poly_seq.hetero 
1 1   MET n 
1 2   GLY n 
1 3   HIS n 
1 4   HIS n 
1 5   HIS n 
1 6   HIS n 
1 7   HIS n 
1 8   HIS n 
1 9   SER n 
1 10  HIS n 
1 11  MET n 
1 12  THR n 
1 13  ASP n 
1 14  CYS n 
1 15  GLU n 
1 16  PHE n 
1 17  GLY n 
1 18  TYR n 
1 19  ILE n 
1 20  TYR n 
1 21  ARG n 
1 22  LEU n 
1 23  ALA n 
1 24  GLN n 
1 25  ASP n 
1 26  TYR n 
1 27  LEU n 
1 28  GLN n 
1 29  CSD n 
1 30  VAL n 
1 31  LEU n 
1 32  GLN n 
1 33  ILE n 
1 34  PRO n 
1 35  GLN n 
1 36  PRO n 
1 37  GLY n 
1 38  SER n 
1 39  GLY n 
1 40  PRO n 
1 41  SER n 
1 42  LYS n 
1 43  THR n 
1 44  SER n 
1 45  ARG n 
1 46  VAL n 
1 47  LEU n 
1 48  GLN n 
1 49  ASN n 
1 50  VAL n 
1 51  ALA n 
1 52  PHE n 
1 53  SER n 
1 54  VAL n 
1 55  GLN n 
1 56  LYS n 
1 57  GLU n 
1 58  VAL n 
1 59  GLU n 
1 60  LYS n 
1 61  ASN n 
1 62  LEU n 
1 63  LYS n 
1 64  SER n 
1 65  CYS n 
1 66  LEU n 
1 67  ASP n 
1 68  ASN n 
1 69  VAL n 
1 70  ASN n 
1 71  VAL n 
1 72  VAL n 
1 73  SER n 
1 74  VAL n 
1 75  ASP n 
1 76  THR n 
1 77  ALA n 
1 78  ARG n 
1 79  THR n 
1 80  LEU n 
1 81  PHE n 
1 82  ASN n 
1 83  GLN n 
1 84  VAL n 
1 85  MET n 
1 86  GLU n 
1 87  LYS n 
1 88  GLU n 
1 89  PHE n 
1 90  GLU n 
1 91  ASP n 
1 92  GLY n 
1 93  ILE n 
1 94  ILE n 
1 95  ASN n 
1 96  TRP n 
1 97  GLY n 
1 98  ARG n 
1 99  ILE n 
1 100 VAL n 
1 101 THR n 
1 102 ILE n 
1 103 PHE n 
1 104 ALA n 
1 105 PHE n 
1 106 GLU n 
1 107 GLY n 
1 108 ILE n 
1 109 LEU n 
1 110 ILE n 
1 111 LYS n 
1 112 LYS n 
1 113 LEU n 
1 114 LEU n 
1 115 ARG n 
1 116 GLN n 
1 117 GLN n 
1 118 ILE n 
1 119 ALA n 
1 120 PRO n 
1 121 ASP n 
1 122 VAL n 
1 123 ASP n 
1 124 THR n 
1 125 TYR n 
1 126 LYS n 
1 127 GLU n 
1 128 ILE n 
1 129 SER n 
1 130 TYR n 
1 131 PHE n 
1 132 VAL n 
1 133 ALA n 
1 134 GLU n 
1 135 PHE n 
1 136 ILE n 
1 137 MET n 
1 138 ASN n 
1 139 ASN n 
1 140 THR n 
1 141 GLY n 
1 142 GLU n 
1 143 TRP n 
1 144 ILE n 
1 145 ARG n 
1 146 GLN n 
1 147 ASN n 
1 148 GLY n 
1 149 GLY n 
1 150 TRP n 
1 151 GLU n 
1 152 ASN n 
1 153 GLY n 
1 154 PHE n 
1 155 VAL n 
1 156 LYS n 
1 157 LYS n 
1 158 PHE n 
1 159 GLU n 
1 160 PRO n 
1 161 LYS n 
2 1   GLY n 
2 2   GLN n 
2 3   VAL n 
2 4   GLY n 
2 5   ARG n 
2 6   GLN n 
2 7   LEU n 
2 8   ALA n 
2 9   ILE n 
2 10  ILE n 
2 11  GLY n 
2 12  ASP n 
2 13  ASP n 
2 14  ILE n 
2 15  ASN n 
2 16  ARG n 
# 
_entity_src_gen.entity_id                          1 
_entity_src_gen.pdbx_src_id                        1 
_entity_src_gen.pdbx_alt_source_flag               sample 
_entity_src_gen.pdbx_seq_type                      ? 
_entity_src_gen.pdbx_beg_seq_num                   ? 
_entity_src_gen.pdbx_end_seq_num                   ? 
_entity_src_gen.gene_src_common_name               human 
_entity_src_gen.gene_src_genus                     ? 
_entity_src_gen.pdbx_gene_src_gene                 'BCL2A1, BCL2L5, BFL1, GRS, HBPA1' 
_entity_src_gen.gene_src_species                   ? 
_entity_src_gen.gene_src_strain                    ? 
_entity_src_gen.gene_src_tissue                    ? 
_entity_src_gen.gene_src_tissue_fraction           ? 
_entity_src_gen.gene_src_details                   ? 
_entity_src_gen.pdbx_gene_src_fragment             ? 
_entity_src_gen.pdbx_gene_src_scientific_name      'Homo sapiens' 
_entity_src_gen.pdbx_gene_src_ncbi_taxonomy_id     9606 
_entity_src_gen.pdbx_gene_src_variant              ? 
_entity_src_gen.pdbx_gene_src_cell_line            ? 
_entity_src_gen.pdbx_gene_src_atcc                 ? 
_entity_src_gen.pdbx_gene_src_organ                ? 
_entity_src_gen.pdbx_gene_src_organelle            ? 
_entity_src_gen.pdbx_gene_src_cell                 ? 
_entity_src_gen.pdbx_gene_src_cellular_location    ? 
_entity_src_gen.host_org_common_name               ? 
_entity_src_gen.pdbx_host_org_scientific_name      'Escherichia coli BL21(DE3)' 
_entity_src_gen.pdbx_host_org_ncbi_taxonomy_id     469008 
_entity_src_gen.host_org_genus                     ? 
_entity_src_gen.pdbx_host_org_gene                 ? 
_entity_src_gen.pdbx_host_org_organ                ? 
_entity_src_gen.host_org_species                   ? 
_entity_src_gen.pdbx_host_org_tissue               ? 
_entity_src_gen.pdbx_host_org_tissue_fraction      ? 
_entity_src_gen.pdbx_host_org_strain               'BL21 DE3' 
_entity_src_gen.pdbx_host_org_variant              ? 
_entity_src_gen.pdbx_host_org_cell_line            ? 
_entity_src_gen.pdbx_host_org_atcc                 ? 
_entity_src_gen.pdbx_host_org_culture_collection   ? 
_entity_src_gen.pdbx_host_org_cell                 ? 
_entity_src_gen.pdbx_host_org_organelle            ? 
_entity_src_gen.pdbx_host_org_cellular_location    ? 
_entity_src_gen.pdbx_host_org_vector_type          plasmid 
_entity_src_gen.pdbx_host_org_vector               ? 
_entity_src_gen.host_org_details                   ? 
_entity_src_gen.expression_system_id               ? 
_entity_src_gen.plasmid_name                       pET15b 
_entity_src_gen.plasmid_details                    ? 
_entity_src_gen.pdbx_description                   ? 
# 
_pdbx_entity_src_syn.entity_id              2 
_pdbx_entity_src_syn.pdbx_src_id            1 
_pdbx_entity_src_syn.pdbx_alt_source_flag   sample 
_pdbx_entity_src_syn.pdbx_beg_seq_num       ? 
_pdbx_entity_src_syn.pdbx_end_seq_num       ? 
_pdbx_entity_src_syn.organism_scientific    'Homo sapiens' 
_pdbx_entity_src_syn.organism_common_name   human 
_pdbx_entity_src_syn.ncbi_taxonomy_id       9606 
_pdbx_entity_src_syn.details                'this peptide was synthesized.' 
# 
loop_
_chem_comp.id 
_chem_comp.type 
_chem_comp.mon_nstd_flag 
_chem_comp.name 
_chem_comp.pdbx_synonyms 
_chem_comp.formula 
_chem_comp.formula_weight 
ALA 'L-peptide linking' y ALANINE          ?                                            'C3 H7 N O2'     89.093  
ARG 'L-peptide linking' y ARGININE         ?                                            'C6 H15 N4 O2 1' 175.209 
ASN 'L-peptide linking' y ASPARAGINE       ?                                            'C4 H8 N2 O3'    132.118 
ASP 'L-peptide linking' y 'ASPARTIC ACID'  ?                                            'C4 H7 N O4'     133.103 
CSD 'L-peptide linking' n 3-SULFINOALANINE 'S-CYSTEINESULFINIC ACID; S-SULFINOCYSTEINE' 'C3 H7 N O4 S'   153.157 
CYS 'L-peptide linking' y CYSTEINE         ?                                            'C3 H7 N O2 S'   121.158 
GLN 'L-peptide linking' y GLUTAMINE        ?                                            'C5 H10 N2 O3'   146.144 
GLU 'L-peptide linking' y 'GLUTAMIC ACID'  ?                                            'C5 H9 N O4'     147.129 
GLY 'peptide linking'   y GLYCINE          ?                                            'C2 H5 N O2'     75.067  
HIS 'L-peptide linking' y HISTIDINE        ?                                            'C6 H10 N3 O2 1' 156.162 
HOH non-polymer         . WATER            ?                                            'H2 O'           18.015  
ILE 'L-peptide linking' y ISOLEUCINE       ?                                            'C6 H13 N O2'    131.173 
LEU 'L-peptide linking' y LEUCINE          ?                                            'C6 H13 N O2'    131.173 
LYS 'L-peptide linking' y LYSINE           ?                                            'C6 H15 N2 O2 1' 147.195 
MET 'L-peptide linking' y METHIONINE       ?                                            'C5 H11 N O2 S'  149.211 
PHE 'L-peptide linking' y PHENYLALANINE    ?                                            'C9 H11 N O2'    165.189 
PRO 'L-peptide linking' y PROLINE          ?                                            'C5 H9 N O2'     115.130 
SER 'L-peptide linking' y SERINE           ?                                            'C3 H7 N O3'     105.093 
THR 'L-peptide linking' y THREONINE        ?                                            'C4 H9 N O3'     119.119 
TRP 'L-peptide linking' y TRYPTOPHAN       ?                                            'C11 H12 N2 O2'  204.225 
TYR 'L-peptide linking' y TYROSINE         ?                                            'C9 H11 N O3'    181.189 
VAL 'L-peptide linking' y VALINE           ?                                            'C5 H11 N O2'    117.146 
# 
loop_
_pdbx_poly_seq_scheme.asym_id 
_pdbx_poly_seq_scheme.entity_id 
_pdbx_poly_seq_scheme.seq_id 
_pdbx_poly_seq_scheme.mon_id 
_pdbx_poly_seq_scheme.ndb_seq_num 
_pdbx_poly_seq_scheme.pdb_seq_num 
_pdbx_poly_seq_scheme.auth_seq_num 
_pdbx_poly_seq_scheme.pdb_mon_id 
_pdbx_poly_seq_scheme.auth_mon_id 
_pdbx_poly_seq_scheme.pdb_strand_id 
_pdbx_poly_seq_scheme.pdb_ins_code 
_pdbx_poly_seq_scheme.hetero 
A 1 1   MET 1   -9  ?   ?   ?   A . n 
A 1 2   GLY 2   -8  ?   ?   ?   A . n 
A 1 3   HIS 3   -7  ?   ?   ?   A . n 
A 1 4   HIS 4   -6  ?   ?   ?   A . n 
A 1 5   HIS 5   -5  ?   ?   ?   A . n 
A 1 6   HIS 6   -4  ?   ?   ?   A . n 
A 1 7   HIS 7   -3  ?   ?   ?   A . n 
A 1 8   HIS 8   -2  ?   ?   ?   A . n 
A 1 9   SER 9   -1  ?   ?   ?   A . n 
A 1 10  HIS 10  0   ?   ?   ?   A . n 
A 1 11  MET 11  1   ?   ?   ?   A . n 
A 1 12  THR 12  2   ?   ?   ?   A . n 
A 1 13  ASP 13  3   ?   ?   ?   A . n 
A 1 14  CYS 14  4   4   CYS CYS A . n 
A 1 15  GLU 15  5   5   GLU GLU A . n 
A 1 16  PHE 16  6   6   PHE PHE A . n 
A 1 17  GLY 17  7   7   GLY GLY A . n 
A 1 18  TYR 18  8   8   TYR TYR A . n 
A 1 19  ILE 19  9   9   ILE ILE A . n 
A 1 20  TYR 20  10  10  TYR TYR A . n 
A 1 21  ARG 21  11  11  ARG ARG A . n 
A 1 22  LEU 22  12  12  LEU LEU A . n 
A 1 23  ALA 23  13  13  ALA ALA A . n 
A 1 24  GLN 24  14  14  GLN GLN A . n 
A 1 25  ASP 25  15  15  ASP ASP A . n 
A 1 26  TYR 26  16  16  TYR TYR A . n 
A 1 27  LEU 27  17  17  LEU LEU A . n 
A 1 28  GLN 28  18  18  GLN GLN A . n 
A 1 29  CSD 29  19  19  CSD CSD A . n 
A 1 30  VAL 30  20  20  VAL VAL A . n 
A 1 31  LEU 31  21  21  LEU LEU A . n 
A 1 32  GLN 32  22  22  GLN GLN A . n 
A 1 33  ILE 33  23  23  ILE ILE A . n 
A 1 34  PRO 34  24  24  PRO PRO A . n 
A 1 35  GLN 35  25  ?   ?   ?   A . n 
A 1 36  PRO 36  26  ?   ?   ?   A . n 
A 1 37  GLY 37  27  ?   ?   ?   A . n 
A 1 38  SER 38  28  ?   ?   ?   A . n 
A 1 39  GLY 39  29  ?   ?   ?   A . n 
A 1 40  PRO 40  30  30  PRO PRO A . n 
A 1 41  SER 41  31  31  SER SER A . n 
A 1 42  LYS 42  32  32  LYS LYS A . n 
A 1 43  THR 43  33  33  THR THR A . n 
A 1 44  SER 44  34  34  SER SER A . n 
A 1 45  ARG 45  35  35  ARG ARG A . n 
A 1 46  VAL 46  36  36  VAL VAL A . n 
A 1 47  LEU 47  37  37  LEU LEU A . n 
A 1 48  GLN 48  38  38  GLN GLN A . n 
A 1 49  ASN 49  39  39  ASN ASN A . n 
A 1 50  VAL 50  40  40  VAL VAL A . n 
A 1 51  ALA 51  41  41  ALA ALA A . n 
A 1 52  PHE 52  42  42  PHE PHE A . n 
A 1 53  SER 53  43  43  SER SER A . n 
A 1 54  VAL 54  44  44  VAL VAL A . n 
A 1 55  GLN 55  45  45  GLN GLN A . n 
A 1 56  LYS 56  46  46  LYS LYS A . n 
A 1 57  GLU 57  47  47  GLU GLU A . n 
A 1 58  VAL 58  48  48  VAL VAL A . n 
A 1 59  GLU 59  49  49  GLU GLU A . n 
A 1 60  LYS 60  50  50  LYS LYS A . n 
A 1 61  ASN 61  51  51  ASN ASN A . n 
A 1 62  LEU 62  52  52  LEU LEU A . n 
A 1 63  LYS 63  53  53  LYS LYS A . n 
A 1 64  SER 64  54  54  SER SER A . n 
A 1 65  CYS 65  55  55  CYS CYS A . n 
A 1 66  LEU 66  56  56  LEU LEU A . n 
A 1 67  ASP 67  57  57  ASP ASP A . n 
A 1 68  ASN 68  58  58  ASN ASN A . n 
A 1 69  VAL 69  59  59  VAL VAL A . n 
A 1 70  ASN 70  60  60  ASN ASN A . n 
A 1 71  VAL 71  61  61  VAL VAL A . n 
A 1 72  VAL 72  62  62  VAL VAL A . n 
A 1 73  SER 73  63  63  SER SER A . n 
A 1 74  VAL 74  64  64  VAL VAL A . n 
A 1 75  ASP 75  65  65  ASP ASP A . n 
A 1 76  THR 76  66  66  THR THR A . n 
A 1 77  ALA 77  67  67  ALA ALA A . n 
A 1 78  ARG 78  68  68  ARG ARG A . n 
A 1 79  THR 79  69  69  THR THR A . n 
A 1 80  LEU 80  70  70  LEU LEU A . n 
A 1 81  PHE 81  71  71  PHE PHE A . n 
A 1 82  ASN 82  72  72  ASN ASN A . n 
A 1 83  GLN 83  73  73  GLN GLN A . n 
A 1 84  VAL 84  74  74  VAL VAL A . n 
A 1 85  MET 85  75  75  MET MET A . n 
A 1 86  GLU 86  76  76  GLU GLU A . n 
A 1 87  LYS 87  77  77  LYS LYS A . n 
A 1 88  GLU 88  78  78  GLU GLU A . n 
A 1 89  PHE 89  79  79  PHE PHE A . n 
A 1 90  GLU 90  80  80  GLU GLU A . n 
A 1 91  ASP 91  81  81  ASP ASP A . n 
A 1 92  GLY 92  82  82  GLY GLY A . n 
A 1 93  ILE 93  83  83  ILE ILE A . n 
A 1 94  ILE 94  84  84  ILE ILE A . n 
A 1 95  ASN 95  85  85  ASN ASN A . n 
A 1 96  TRP 96  86  86  TRP TRP A . n 
A 1 97  GLY 97  87  87  GLY GLY A . n 
A 1 98  ARG 98  88  88  ARG ARG A . n 
A 1 99  ILE 99  89  89  ILE ILE A . n 
A 1 100 VAL 100 90  90  VAL VAL A . n 
A 1 101 THR 101 91  91  THR THR A . n 
A 1 102 ILE 102 92  92  ILE ILE A . n 
A 1 103 PHE 103 93  93  PHE PHE A . n 
A 1 104 ALA 104 94  94  ALA ALA A . n 
A 1 105 PHE 105 95  95  PHE PHE A . n 
A 1 106 GLU 106 96  96  GLU GLU A . n 
A 1 107 GLY 107 97  97  GLY GLY A . n 
A 1 108 ILE 108 98  98  ILE ILE A . n 
A 1 109 LEU 109 99  99  LEU LEU A . n 
A 1 110 ILE 110 100 100 ILE ILE A . n 
A 1 111 LYS 111 101 101 LYS LYS A . n 
A 1 112 LYS 112 102 102 LYS LYS A . n 
A 1 113 LEU 113 103 103 LEU LEU A . n 
A 1 114 LEU 114 104 104 LEU LEU A . n 
A 1 115 ARG 115 105 105 ARG ARG A . n 
A 1 116 GLN 116 106 106 GLN GLN A . n 
A 1 117 GLN 117 107 107 GLN GLN A . n 
A 1 118 ILE 118 108 108 ILE ILE A . n 
A 1 119 ALA 119 109 109 ALA ALA A . n 
A 1 120 PRO 120 110 110 PRO PRO A . n 
A 1 121 ASP 121 111 111 ASP ASP A . n 
A 1 122 VAL 122 112 112 VAL VAL A . n 
A 1 123 ASP 123 113 113 ASP ASP A . n 
A 1 124 THR 124 114 114 THR THR A . n 
A 1 125 TYR 125 115 115 TYR TYR A . n 
A 1 126 LYS 126 116 116 LYS LYS A . n 
A 1 127 GLU 127 117 117 GLU GLU A . n 
A 1 128 ILE 128 118 118 ILE ILE A . n 
A 1 129 SER 129 119 119 SER SER A . n 
A 1 130 TYR 130 120 120 TYR TYR A . n 
A 1 131 PHE 131 121 121 PHE PHE A . n 
A 1 132 VAL 132 122 122 VAL VAL A . n 
A 1 133 ALA 133 123 123 ALA ALA A . n 
A 1 134 GLU 134 124 124 GLU GLU A . n 
A 1 135 PHE 135 125 125 PHE PHE A . n 
A 1 136 ILE 136 126 126 ILE ILE A . n 
A 1 137 MET 137 127 127 MET MET A . n 
A 1 138 ASN 138 128 128 ASN ASN A . n 
A 1 139 ASN 139 129 129 ASN ASN A . n 
A 1 140 THR 140 130 130 THR THR A . n 
A 1 141 GLY 141 131 131 GLY GLY A . n 
A 1 142 GLU 142 132 132 GLU GLU A . n 
A 1 143 TRP 143 133 133 TRP TRP A . n 
A 1 144 ILE 144 134 134 ILE ILE A . n 
A 1 145 ARG 145 135 135 ARG ARG A . n 
A 1 146 GLN 146 136 136 GLN GLN A . n 
A 1 147 ASN 147 137 137 ASN ASN A . n 
A 1 148 GLY 148 138 138 GLY GLY A . n 
A 1 149 GLY 149 139 139 GLY GLY A . n 
A 1 150 TRP 150 140 140 TRP TRP A . n 
A 1 151 GLU 151 141 141 GLU GLU A . n 
A 1 152 ASN 152 142 142 ASN ASN A . n 
A 1 153 GLY 153 143 143 GLY GLY A . n 
A 1 154 PHE 154 144 144 PHE PHE A . n 
A 1 155 VAL 155 145 145 VAL VAL A . n 
A 1 156 LYS 156 146 146 LYS LYS A . n 
A 1 157 LYS 157 147 147 LYS LYS A . n 
A 1 158 PHE 158 148 148 PHE PHE A . n 
A 1 159 GLU 159 149 149 GLU GLU A . n 
A 1 160 PRO 160 150 150 PRO PRO A . n 
A 1 161 LYS 161 151 ?   ?   ?   A . n 
B 2 1   GLY 1   72  72  GLY GLY B . n 
B 2 2   GLN 2   73  73  GLN GLN B . n 
B 2 3   VAL 3   74  74  VAL VAL B . n 
B 2 4   GLY 4   75  75  GLY GLY B . n 
B 2 5   ARG 5   76  76  ARG ARG B . n 
B 2 6   GLN 6   77  77  GLN GLN B . n 
B 2 7   LEU 7   78  78  LEU LEU B . n 
B 2 8   ALA 8   79  79  ALA ALA B . n 
B 2 9   ILE 9   80  80  ILE ILE B . n 
B 2 10  ILE 10  81  81  ILE ILE B . n 
B 2 11  GLY 11  82  82  GLY GLY B . n 
B 2 12  ASP 12  83  83  ASP ASP B . n 
B 2 13  ASP 13  84  84  ASP ASP B . n 
B 2 14  ILE 14  85  85  ILE ILE B . n 
B 2 15  ASN 15  86  86  ASN ASN B . n 
B 2 16  ARG 16  87  87  ARG ARG B . n 
# 
loop_
_pdbx_nonpoly_scheme.asym_id 
_pdbx_nonpoly_scheme.entity_id 
_pdbx_nonpoly_scheme.mon_id 
_pdbx_nonpoly_scheme.ndb_seq_num 
_pdbx_nonpoly_scheme.pdb_seq_num 
_pdbx_nonpoly_scheme.auth_seq_num 
_pdbx_nonpoly_scheme.pdb_mon_id 
_pdbx_nonpoly_scheme.auth_mon_id 
_pdbx_nonpoly_scheme.pdb_strand_id 
_pdbx_nonpoly_scheme.pdb_ins_code 
C 3 HOH 1  152 1  HOH HOH A . 
C 3 HOH 2  153 2  HOH HOH A . 
C 3 HOH 3  154 3  HOH HOH A . 
C 3 HOH 4  155 4  HOH HOH A . 
C 3 HOH 5  156 5  HOH HOH A . 
C 3 HOH 6  157 6  HOH HOH A . 
C 3 HOH 7  158 9  HOH HOH A . 
C 3 HOH 8  159 10 HOH HOH A . 
C 3 HOH 9  160 11 HOH HOH A . 
C 3 HOH 10 161 12 HOH HOH A . 
C 3 HOH 11 162 13 HOH HOH A . 
C 3 HOH 12 163 14 HOH HOH A . 
C 3 HOH 13 164 15 HOH HOH A . 
C 3 HOH 14 165 16 HOH HOH A . 
C 3 HOH 15 166 17 HOH HOH A . 
C 3 HOH 16 167 18 HOH HOH A . 
C 3 HOH 17 168 19 HOH HOH A . 
C 3 HOH 18 169 20 HOH HOH A . 
C 3 HOH 19 170 21 HOH HOH A . 
C 3 HOH 20 171 22 HOH HOH A . 
C 3 HOH 21 172 23 HOH HOH A . 
C 3 HOH 22 173 25 HOH HOH A . 
C 3 HOH 23 174 27 HOH HOH A . 
C 3 HOH 24 175 28 HOH HOH A . 
C 3 HOH 25 176 30 HOH HOH A . 
C 3 HOH 26 177 31 HOH HOH A . 
C 3 HOH 27 178 32 HOH HOH A . 
C 3 HOH 28 179 33 HOH HOH A . 
D 3 HOH 1  7   7  HOH HOH B . 
D 3 HOH 2  8   8  HOH HOH B . 
D 3 HOH 3  26  26 HOH HOH B . 
# 
loop_
_software.name 
_software.classification 
_software.version 
_software.citation_id 
_software.pdbx_ordinal 
MAR345dtb    'data collection' .   ? 1 
AMoRE        phasing           .   ? 2 
CNS          refinement        1.2 ? 3 
CrystalClear 'data reduction'  .   ? 4 
CrystalClear 'data scaling'    .   ? 5 
# 
_cell.entry_id           3I1H 
_cell.length_a           43.236 
_cell.length_b           43.145 
_cell.length_c           46.068 
_cell.angle_alpha        90.00 
_cell.angle_beta         114.45 
_cell.angle_gamma        90.00 
_cell.Z_PDB              2 
_cell.pdbx_unique_axis   ? 
_cell.length_a_esd       ? 
_cell.length_b_esd       ? 
_cell.length_c_esd       ? 
_cell.angle_alpha_esd    ? 
_cell.angle_beta_esd     ? 
_cell.angle_gamma_esd    ? 
# 
_symmetry.entry_id                         3I1H 
_symmetry.space_group_name_H-M             'P 1 21 1' 
_symmetry.pdbx_full_space_group_name_H-M   ? 
_symmetry.cell_setting                     ? 
_symmetry.Int_Tables_number                4 
_symmetry.space_group_name_Hall            ? 
# 
_exptl.entry_id          3I1H 
_exptl.method            'X-RAY DIFFRACTION' 
_exptl.crystals_number   1 
# 
_exptl_crystal.id                    1 
_exptl_crystal.density_meas          ? 
_exptl_crystal.density_Matthews      1.92 
_exptl_crystal.density_percent_sol   35.89 
_exptl_crystal.description           ? 
_exptl_crystal.F_000                 ? 
_exptl_crystal.preparation           ? 
# 
_exptl_crystal_grow.crystal_id      1 
_exptl_crystal_grow.method          'VAPOR DIFFUSION, HANGING DROP' 
_exptl_crystal_grow.temp            298 
_exptl_crystal_grow.temp_details    ? 
_exptl_crystal_grow.pH              5.8 
_exptl_crystal_grow.pdbx_details    
;1.5 M sodium malonate, pH 5.8 
protein 1.67 mg/ml, VAPOR DIFFUSION, HANGING DROP, temperature 298K
;
_exptl_crystal_grow.pdbx_pH_range   ? 
# 
_diffrn.id                     1 
_diffrn.ambient_temp           100 
_diffrn.ambient_temp_details   ? 
_diffrn.crystal_id             1 
# 
_diffrn_detector.diffrn_id              1 
_diffrn_detector.detector               CCD 
_diffrn_detector.type                   'MAR CCD 165 mm' 
_diffrn_detector.pdbx_collection_date   2008-10-24 
_diffrn_detector.details                ? 
# 
_diffrn_radiation.diffrn_id                        1 
_diffrn_radiation.wavelength_id                    1 
_diffrn_radiation.pdbx_monochromatic_or_laue_m_l   M 
_diffrn_radiation.monochromator                    'Si(111)' 
_diffrn_radiation.pdbx_diffrn_protocol             'SINGLE WAVELENGTH' 
_diffrn_radiation.pdbx_scattering_type             x-ray 
# 
_diffrn_radiation_wavelength.id           1 
_diffrn_radiation_wavelength.wavelength   0.97893 
_diffrn_radiation_wavelength.wt           1.0 
# 
_diffrn_source.diffrn_id                   1 
_diffrn_source.source                      SYNCHROTRON 
_diffrn_source.type                        'NSLS BEAMLINE X4C' 
_diffrn_source.pdbx_synchrotron_site       NSLS 
_diffrn_source.pdbx_synchrotron_beamline   X4C 
_diffrn_source.pdbx_wavelength             ? 
_diffrn_source.pdbx_wavelength_list        0.97893 
# 
_reflns.entry_id                     3I1H 
_reflns.observed_criterion_sigma_I   2 
_reflns.observed_criterion_sigma_F   2 
_reflns.d_resolution_low             30.07 
_reflns.d_resolution_high            2.2 
_reflns.number_obs                   7958 
_reflns.number_all                   7983 
_reflns.percent_possible_obs         99.7 
_reflns.pdbx_Rmerge_I_obs            0.11 
_reflns.pdbx_Rsym_value              ? 
_reflns.pdbx_netI_over_sigmaI        6.3 
_reflns.B_iso_Wilson_estimate        20.0 
_reflns.pdbx_redundancy              3.50 
_reflns.R_free_details               ? 
_reflns.limit_h_max                  ? 
_reflns.limit_h_min                  ? 
_reflns.limit_k_max                  ? 
_reflns.limit_k_min                  ? 
_reflns.limit_l_max                  ? 
_reflns.limit_l_min                  ? 
_reflns.observed_criterion_F_max     ? 
_reflns.observed_criterion_F_min     ? 
_reflns.pdbx_chi_squared             ? 
_reflns.pdbx_scaling_rejects         ? 
_reflns.pdbx_ordinal                 1 
_reflns.pdbx_diffrn_id               1 
# 
_reflns_shell.d_res_high             2.20 
_reflns_shell.d_res_low              2.28 
_reflns_shell.percent_possible_all   99.7 
_reflns_shell.Rmerge_I_obs           0.342 
_reflns_shell.pdbx_Rsym_value        ? 
_reflns_shell.meanI_over_sigI_obs    2.8 
_reflns_shell.pdbx_redundancy        3.46 
_reflns_shell.percent_possible_obs   ? 
_reflns_shell.number_unique_all      ? 
_reflns_shell.number_measured_all    ? 
_reflns_shell.number_measured_obs    ? 
_reflns_shell.number_unique_obs      ? 
_reflns_shell.pdbx_chi_squared       ? 
_reflns_shell.pdbx_ordinal           1 
_reflns_shell.pdbx_diffrn_id         1 
# 
_refine.entry_id                                 3I1H 
_refine.ls_number_reflns_obs                     7957 
_refine.ls_number_reflns_all                     7958 
_refine.pdbx_ls_sigma_I                          ? 
_refine.pdbx_ls_sigma_F                          0.0 
_refine.pdbx_data_cutoff_high_absF               785414.93 
_refine.pdbx_data_cutoff_low_absF                0.000000 
_refine.pdbx_data_cutoff_high_rms_absF           ? 
_refine.ls_d_res_low                             30.07 
_refine.ls_d_res_high                            2.20 
_refine.ls_percent_reflns_obs                    99.6 
_refine.ls_R_factor_obs                          0.213 
_refine.ls_R_factor_all                          0.213 
_refine.ls_R_factor_R_work                       0.213 
_refine.ls_R_factor_R_free                       0.238 
_refine.ls_R_factor_R_free_error                 0.012 
_refine.ls_R_factor_R_free_error_details         ? 
_refine.ls_percent_reflns_R_free                 5.4 
_refine.ls_number_reflns_R_free                  427 
_refine.ls_number_parameters                     ? 
_refine.ls_number_restraints                     ? 
_refine.occupancy_min                            ? 
_refine.occupancy_max                            ? 
_refine.correlation_coeff_Fo_to_Fc               ? 
_refine.correlation_coeff_Fo_to_Fc_free          ? 
_refine.B_iso_mean                               39.0 
_refine.aniso_B[1][1]                            -1.31 
_refine.aniso_B[2][2]                            -7.55 
_refine.aniso_B[3][3]                            8.87 
_refine.aniso_B[1][2]                            0.00 
_refine.aniso_B[1][3]                            -8.96 
_refine.aniso_B[2][3]                            0.00 
_refine.solvent_model_details                    'FLAT MODEL' 
_refine.solvent_model_param_ksol                 0.4 
_refine.solvent_model_param_bsol                 43.398 
_refine.pdbx_solvent_vdw_probe_radii             ? 
_refine.pdbx_solvent_ion_probe_radii             ? 
_refine.pdbx_solvent_shrinkage_radii             ? 
_refine.pdbx_ls_cross_valid_method               THROUGHOUT 
_refine.details                                  'BULK SOLVENT MODEL USED' 
_refine.pdbx_starting_model                      'pdb entry 2voh' 
_refine.pdbx_method_to_determine_struct          'MOLECULAR REPLACEMENT' 
_refine.pdbx_isotropic_thermal_model             GROUP 
_refine.pdbx_stereochemistry_target_values       'Engh & Huber' 
_refine.pdbx_stereochem_target_val_spec_case     ? 
_refine.pdbx_R_Free_selection_details            RANDOM 
_refine.pdbx_overall_ESU_R                       ? 
_refine.pdbx_overall_ESU_R_Free                  ? 
_refine.overall_SU_ML                            ? 
_refine.overall_SU_B                             ? 
_refine.ls_redundancy_reflns_obs                 ? 
_refine.B_iso_min                                ? 
_refine.B_iso_max                                ? 
_refine.overall_SU_R_Cruickshank_DPI             ? 
_refine.overall_SU_R_free                        ? 
_refine.ls_wR_factor_R_free                      ? 
_refine.ls_wR_factor_R_work                      ? 
_refine.overall_FOM_free_R_set                   ? 
_refine.overall_FOM_work_R_set                   ? 
_refine.pdbx_overall_phase_error                 ? 
_refine.pdbx_refine_id                           'X-RAY DIFFRACTION' 
_refine.pdbx_diffrn_id                           1 
_refine.pdbx_TLS_residual_ADP_flag               ? 
_refine.pdbx_overall_SU_R_free_Cruickshank_DPI   ? 
_refine.pdbx_overall_SU_R_Blow_DPI               ? 
_refine.pdbx_overall_SU_R_free_Blow_DPI          ? 
# 
_refine_analyze.entry_id                        3I1H 
_refine_analyze.Luzzati_coordinate_error_obs    0.27 
_refine_analyze.Luzzati_sigma_a_obs             0.22 
_refine_analyze.Luzzati_d_res_low_obs           5.00 
_refine_analyze.Luzzati_coordinate_error_free   0.32 
_refine_analyze.Luzzati_sigma_a_free            0.25 
_refine_analyze.Luzzati_d_res_low_free          ? 
_refine_analyze.number_disordered_residues      ? 
_refine_analyze.occupancy_sum_hydrogen          ? 
_refine_analyze.occupancy_sum_non_hydrogen      ? 
_refine_analyze.pdbx_Luzzati_d_res_high_obs     ? 
_refine_analyze.pdbx_refine_id                  'X-RAY DIFFRACTION' 
# 
_refine_hist.pdbx_refine_id                   'X-RAY DIFFRACTION' 
_refine_hist.cycle_id                         LAST 
_refine_hist.pdbx_number_atoms_protein        1284 
_refine_hist.pdbx_number_atoms_nucleic_acid   0 
_refine_hist.pdbx_number_atoms_ligand         0 
_refine_hist.number_atoms_solvent             31 
_refine_hist.number_atoms_total               1315 
_refine_hist.d_res_high                       2.20 
_refine_hist.d_res_low                        30.07 
# 
loop_
_refine_ls_restr.type 
_refine_ls_restr.dev_ideal 
_refine_ls_restr.dev_ideal_target 
_refine_ls_restr.weight 
_refine_ls_restr.number 
_refine_ls_restr.pdbx_refine_id 
_refine_ls_restr.pdbx_restraint_function 
c_bond_d           0.011 ? ? ? 'X-RAY DIFFRACTION' ? 
c_angle_deg        1.2   ? ? ? 'X-RAY DIFFRACTION' ? 
c_dihedral_angle_d 17.9  ? ? ? 'X-RAY DIFFRACTION' ? 
c_improper_angle_d 0.91  ? ? ? 'X-RAY DIFFRACTION' ? 
# 
_refine_ls_shell.pdbx_total_number_of_bins_used   6 
_refine_ls_shell.d_res_high                       2.20 
_refine_ls_shell.d_res_low                        2.34 
_refine_ls_shell.number_reflns_R_work             1245 
_refine_ls_shell.R_factor_R_work                  0.259 
_refine_ls_shell.percent_reflns_obs               99.8 
_refine_ls_shell.R_factor_R_free                  0.291 
_refine_ls_shell.R_factor_R_free_error            0.036 
_refine_ls_shell.percent_reflns_R_free            5.0 
_refine_ls_shell.number_reflns_R_free             65 
_refine_ls_shell.number_reflns_all                ? 
_refine_ls_shell.R_factor_all                     ? 
_refine_ls_shell.number_reflns_obs                ? 
_refine_ls_shell.redundancy_reflns_obs            ? 
_refine_ls_shell.pdbx_refine_id                   'X-RAY DIFFRACTION' 
# 
loop_
_pdbx_xplor_file.serial_no 
_pdbx_xplor_file.param_file 
_pdbx_xplor_file.topol_file 
_pdbx_xplor_file.pdbx_refine_id 
1 protein_rep.param protein.top 'X-RAY DIFFRACTION' 
2 water_rep.param   ?           'X-RAY DIFFRACTION' 
3 ion.param         ?           'X-RAY DIFFRACTION' 
# 
_struct.entry_id                  3I1H 
_struct.title                     'Crystal structure of human BFL-1 in complex with BAK BH3 peptide' 
_struct.pdbx_model_details        ? 
_struct.pdbx_CASP_flag            ? 
_struct.pdbx_model_type_details   ? 
# 
_struct_keywords.entry_id        3I1H 
_struct_keywords.pdbx_keywords   APOPTOSIS 
_struct_keywords.text            
;Bcl-2 family, Bfl-1, BAK BH3, complex, apoptosis, pro-survival protein, Structural Genomics, PSI-2, Protein Structure Initiative, Northeast Structural Genomics Consortium, NESG, Membrane, Metal-binding, Transmembrane
;
# 
loop_
_struct_asym.id 
_struct_asym.pdbx_blank_PDB_chainid_flag 
_struct_asym.pdbx_modified 
_struct_asym.entity_id 
_struct_asym.details 
A N N 1 ? 
B N N 2 ? 
C N N 3 ? 
D N N 3 ? 
# 
loop_
_struct_ref.id 
_struct_ref.db_name 
_struct_ref.db_code 
_struct_ref.pdbx_db_accession 
_struct_ref.entity_id 
_struct_ref.pdbx_seq_one_letter_code 
_struct_ref.pdbx_align_begin 
_struct_ref.pdbx_db_isoform 
1 UNP B2LA1_HUMAN Q16548 1 
;MTDCEFGYIYRLAQDYLQCVLQIPQPGSGPSKTSRVLQNVAFSVQKEVEKNLKSCLDNVNVVSVDTARTLFNQVMEKEFE
DGIINWGRIVTIFAFEGILIKKLLRQQIAPDVDTYKEISYFVAEFIMNNTGEWIRQNGGWENGFVKKFEPK
;
1  ? 
2 UNP BAK_HUMAN   Q16611 2 GQVGRQLAIIGDDINR 72 ? 
# 
loop_
_struct_ref_seq.align_id 
_struct_ref_seq.ref_id 
_struct_ref_seq.pdbx_PDB_id_code 
_struct_ref_seq.pdbx_strand_id 
_struct_ref_seq.seq_align_beg 
_struct_ref_seq.pdbx_seq_align_beg_ins_code 
_struct_ref_seq.seq_align_end 
_struct_ref_seq.pdbx_seq_align_end_ins_code 
_struct_ref_seq.pdbx_db_accession 
_struct_ref_seq.db_align_beg 
_struct_ref_seq.pdbx_db_align_beg_ins_code 
_struct_ref_seq.db_align_end 
_struct_ref_seq.pdbx_db_align_end_ins_code 
_struct_ref_seq.pdbx_auth_seq_align_beg 
_struct_ref_seq.pdbx_auth_seq_align_end 
1 1 3I1H A 11 ? 161 ? Q16548 1  ? 151 ? 1  151 
2 2 3I1H B 1  ? 16  ? Q16611 72 ? 87  ? 72 87  
# 
loop_
_struct_ref_seq_dif.align_id 
_struct_ref_seq_dif.pdbx_pdb_id_code 
_struct_ref_seq_dif.mon_id 
_struct_ref_seq_dif.pdbx_pdb_strand_id 
_struct_ref_seq_dif.seq_num 
_struct_ref_seq_dif.pdbx_pdb_ins_code 
_struct_ref_seq_dif.pdbx_seq_db_name 
_struct_ref_seq_dif.pdbx_seq_db_accession_code 
_struct_ref_seq_dif.db_mon_id 
_struct_ref_seq_dif.pdbx_seq_db_seq_num 
_struct_ref_seq_dif.details 
_struct_ref_seq_dif.pdbx_auth_seq_num 
_struct_ref_seq_dif.pdbx_ordinal 
1 3I1H MET A 1  ? UNP Q16548 ? ? 'expression tag' -9 1  
1 3I1H GLY A 2  ? UNP Q16548 ? ? 'expression tag' -8 2  
1 3I1H HIS A 3  ? UNP Q16548 ? ? 'expression tag' -7 3  
1 3I1H HIS A 4  ? UNP Q16548 ? ? 'expression tag' -6 4  
1 3I1H HIS A 5  ? UNP Q16548 ? ? 'expression tag' -5 5  
1 3I1H HIS A 6  ? UNP Q16548 ? ? 'expression tag' -4 6  
1 3I1H HIS A 7  ? UNP Q16548 ? ? 'expression tag' -3 7  
1 3I1H HIS A 8  ? UNP Q16548 ? ? 'expression tag' -2 8  
1 3I1H SER A 9  ? UNP Q16548 ? ? 'expression tag' -1 9  
1 3I1H HIS A 10 ? UNP Q16548 ? ? 'expression tag' 0  10 
# 
_pdbx_struct_assembly.id                   1 
_pdbx_struct_assembly.details              author_and_software_defined_assembly 
_pdbx_struct_assembly.method_details       PISA 
_pdbx_struct_assembly.oligomeric_details   dimeric 
_pdbx_struct_assembly.oligomeric_count     2 
# 
loop_
_pdbx_struct_assembly_prop.biol_id 
_pdbx_struct_assembly_prop.type 
_pdbx_struct_assembly_prop.value 
_pdbx_struct_assembly_prop.details 
1 'ABSA (A^2)' 1450 ? 
1 MORE         -11  ? 
1 'SSA (A^2)'  8200 ? 
# 
_pdbx_struct_assembly_gen.assembly_id       1 
_pdbx_struct_assembly_gen.oper_expression   1 
_pdbx_struct_assembly_gen.asym_id_list      A,B,C,D 
# 
_pdbx_struct_oper_list.id                   1 
_pdbx_struct_oper_list.type                 'identity operation' 
_pdbx_struct_oper_list.name                 1_555 
_pdbx_struct_oper_list.symmetry_operation   x,y,z 
_pdbx_struct_oper_list.matrix[1][1]         1.0000000000 
_pdbx_struct_oper_list.matrix[1][2]         0.0000000000 
_pdbx_struct_oper_list.matrix[1][3]         0.0000000000 
_pdbx_struct_oper_list.vector[1]            0.0000000000 
_pdbx_struct_oper_list.matrix[2][1]         0.0000000000 
_pdbx_struct_oper_list.matrix[2][2]         1.0000000000 
_pdbx_struct_oper_list.matrix[2][3]         0.0000000000 
_pdbx_struct_oper_list.vector[2]            0.0000000000 
_pdbx_struct_oper_list.matrix[3][1]         0.0000000000 
_pdbx_struct_oper_list.matrix[3][2]         0.0000000000 
_pdbx_struct_oper_list.matrix[3][3]         1.0000000000 
_pdbx_struct_oper_list.vector[3]            0.0000000000 
# 
_struct_biol.id        1 
_struct_biol.details   ? 
# 
loop_
_struct_conf.conf_type_id 
_struct_conf.id 
_struct_conf.pdbx_PDB_helix_id 
_struct_conf.beg_label_comp_id 
_struct_conf.beg_label_asym_id 
_struct_conf.beg_label_seq_id 
_struct_conf.pdbx_beg_PDB_ins_code 
_struct_conf.end_label_comp_id 
_struct_conf.end_label_asym_id 
_struct_conf.end_label_seq_id 
_struct_conf.pdbx_end_PDB_ins_code 
_struct_conf.beg_auth_comp_id 
_struct_conf.beg_auth_asym_id 
_struct_conf.beg_auth_seq_id 
_struct_conf.end_auth_comp_id 
_struct_conf.end_auth_asym_id 
_struct_conf.end_auth_seq_id 
_struct_conf.pdbx_PDB_helix_class 
_struct_conf.details 
_struct_conf.pdbx_PDB_helix_length 
HELX_P HELX_P1 1 CYS A 14  ? LEU A 31  ? CYS A 4   LEU A 21  1 ? 18 
HELX_P HELX_P2 2 SER A 41  ? LEU A 62  ? SER A 31  LEU A 52  1 ? 22 
HELX_P HELX_P3 3 LEU A 62  ? ASN A 68  ? LEU A 52  ASN A 58  1 ? 7  
HELX_P HELX_P4 4 SER A 73  ? GLU A 90  ? SER A 63  GLU A 80  1 ? 18 
HELX_P HELX_P5 5 ASN A 95  ? GLN A 117 ? ASN A 85  GLN A 107 1 ? 23 
HELX_P HELX_P6 6 THR A 124 ? ASN A 147 ? THR A 114 ASN A 137 1 ? 24 
HELX_P HELX_P7 7 GLY A 148 ? GLY A 153 ? GLY A 138 GLY A 143 1 ? 6  
HELX_P HELX_P8 8 GLY A 153 ? GLU A 159 ? GLY A 143 GLU A 149 1 ? 7  
HELX_P HELX_P9 9 GLY B 1   ? ARG B 16  ? GLY B 72  ARG B 87  1 ? 16 
# 
_struct_conf_type.id          HELX_P 
_struct_conf_type.criteria    ? 
_struct_conf_type.reference   ? 
# 
loop_
_struct_conn.id 
_struct_conn.conn_type_id 
_struct_conn.pdbx_leaving_atom_flag 
_struct_conn.pdbx_PDB_id 
_struct_conn.ptnr1_label_asym_id 
_struct_conn.ptnr1_label_comp_id 
_struct_conn.ptnr1_label_seq_id 
_struct_conn.ptnr1_label_atom_id 
_struct_conn.pdbx_ptnr1_label_alt_id 
_struct_conn.pdbx_ptnr1_PDB_ins_code 
_struct_conn.pdbx_ptnr1_standard_comp_id 
_struct_conn.ptnr1_symmetry 
_struct_conn.ptnr2_label_asym_id 
_struct_conn.ptnr2_label_comp_id 
_struct_conn.ptnr2_label_seq_id 
_struct_conn.ptnr2_label_atom_id 
_struct_conn.pdbx_ptnr2_label_alt_id 
_struct_conn.pdbx_ptnr2_PDB_ins_code 
_struct_conn.ptnr1_auth_asym_id 
_struct_conn.ptnr1_auth_comp_id 
_struct_conn.ptnr1_auth_seq_id 
_struct_conn.ptnr2_auth_asym_id 
_struct_conn.ptnr2_auth_comp_id 
_struct_conn.ptnr2_auth_seq_id 
_struct_conn.ptnr2_symmetry 
_struct_conn.pdbx_ptnr3_label_atom_id 
_struct_conn.pdbx_ptnr3_label_seq_id 
_struct_conn.pdbx_ptnr3_label_comp_id 
_struct_conn.pdbx_ptnr3_label_asym_id 
_struct_conn.pdbx_ptnr3_label_alt_id 
_struct_conn.pdbx_ptnr3_PDB_ins_code 
_struct_conn.details 
_struct_conn.pdbx_dist_value 
_struct_conn.pdbx_value_order 
_struct_conn.pdbx_role 
covale1 covale both ? A GLN 28 C ? ? ? 1_555 A CSD 29 N ? ? A GLN 18 A CSD 19 1_555 ? ? ? ? ? ? ? 1.333 ? ? 
covale2 covale both ? A CSD 29 C ? ? ? 1_555 A VAL 30 N ? ? A CSD 19 A VAL 20 1_555 ? ? ? ? ? ? ? 1.332 ? ? 
# 
_struct_conn_type.id          covale 
_struct_conn_type.criteria    ? 
_struct_conn_type.reference   ? 
# 
loop_
_pdbx_modification_feature.ordinal 
_pdbx_modification_feature.label_comp_id 
_pdbx_modification_feature.label_asym_id 
_pdbx_modification_feature.label_seq_id 
_pdbx_modification_feature.label_alt_id 
_pdbx_modification_feature.modified_residue_label_comp_id 
_pdbx_modification_feature.modified_residue_label_asym_id 
_pdbx_modification_feature.modified_residue_label_seq_id 
_pdbx_modification_feature.modified_residue_label_alt_id 
_pdbx_modification_feature.auth_comp_id 
_pdbx_modification_feature.auth_asym_id 
_pdbx_modification_feature.auth_seq_id 
_pdbx_modification_feature.PDB_ins_code 
_pdbx_modification_feature.symmetry 
_pdbx_modification_feature.modified_residue_auth_comp_id 
_pdbx_modification_feature.modified_residue_auth_asym_id 
_pdbx_modification_feature.modified_residue_auth_seq_id 
_pdbx_modification_feature.modified_residue_PDB_ins_code 
_pdbx_modification_feature.modified_residue_symmetry 
_pdbx_modification_feature.comp_id_linking_atom 
_pdbx_modification_feature.modified_residue_id_linking_atom 
_pdbx_modification_feature.modified_residue_id 
_pdbx_modification_feature.ref_pcm_id 
_pdbx_modification_feature.ref_comp_id 
_pdbx_modification_feature.type 
_pdbx_modification_feature.category 
1 CSD A 29 ? . . . . CSD A 19 ? 1_555 . . . . . . . CYS 1 CSD Oxidation     'Named protein modification' 
2 CSD A 29 ? . . . . CSD A 19 ? 1_555 . . . . . . . CYS 2 CSD Hydroxylation 'Named protein modification' 
# 
_pdbx_entry_details.entry_id                   3I1H 
_pdbx_entry_details.compound_details           ? 
_pdbx_entry_details.source_details             ? 
_pdbx_entry_details.nonpolymer_details         ? 
_pdbx_entry_details.sequence_details           ? 
_pdbx_entry_details.has_ligand_of_interest     ? 
_pdbx_entry_details.has_protein_modification   Y 
# 
_pdbx_validate_close_contact.id               1 
_pdbx_validate_close_contact.PDB_model_num    1 
_pdbx_validate_close_contact.auth_atom_id_1   NE2 
_pdbx_validate_close_contact.auth_asym_id_1   A 
_pdbx_validate_close_contact.auth_comp_id_1   GLN 
_pdbx_validate_close_contact.auth_seq_id_1    14 
_pdbx_validate_close_contact.PDB_ins_code_1   ? 
_pdbx_validate_close_contact.label_alt_id_1   ? 
_pdbx_validate_close_contact.auth_atom_id_2   O 
_pdbx_validate_close_contact.auth_asym_id_2   A 
_pdbx_validate_close_contact.auth_comp_id_2   HOH 
_pdbx_validate_close_contact.auth_seq_id_2    176 
_pdbx_validate_close_contact.PDB_ins_code_2   ? 
_pdbx_validate_close_contact.label_alt_id_2   ? 
_pdbx_validate_close_contact.dist             1.16 
# 
loop_
_pdbx_validate_torsion.id 
_pdbx_validate_torsion.PDB_model_num 
_pdbx_validate_torsion.auth_comp_id 
_pdbx_validate_torsion.auth_asym_id 
_pdbx_validate_torsion.auth_seq_id 
_pdbx_validate_torsion.PDB_ins_code 
_pdbx_validate_torsion.label_alt_id 
_pdbx_validate_torsion.phi 
_pdbx_validate_torsion.psi 
1 1 GLU A 5   ? ? -43.90  -72.27  
2 1 LYS A 53  ? ? -39.39  -79.04  
3 1 PRO A 110 ? ? -49.93  79.94   
4 1 VAL A 112 ? ? -57.84  21.01   
5 1 ASP A 113 ? ? -140.59 40.68   
6 1 GLN B 73  ? ? 48.35   -139.61 
# 
_pdbx_SG_project.id                    1 
_pdbx_SG_project.project_name          'PSI, Protein Structure Initiative' 
_pdbx_SG_project.full_name_of_center   'Northeast Structural Genomics Consortium' 
_pdbx_SG_project.initial_of_center     NESG 
# 
_pdbx_struct_mod_residue.id               1 
_pdbx_struct_mod_residue.label_asym_id    A 
_pdbx_struct_mod_residue.label_comp_id    CSD 
_pdbx_struct_mod_residue.label_seq_id     29 
_pdbx_struct_mod_residue.auth_asym_id     A 
_pdbx_struct_mod_residue.auth_comp_id     CSD 
_pdbx_struct_mod_residue.auth_seq_id      19 
_pdbx_struct_mod_residue.PDB_ins_code     ? 
_pdbx_struct_mod_residue.parent_comp_id   CYS 
_pdbx_struct_mod_residue.details          3-SULFINOALANINE 
# 
loop_
_pdbx_unobs_or_zero_occ_residues.id 
_pdbx_unobs_or_zero_occ_residues.PDB_model_num 
_pdbx_unobs_or_zero_occ_residues.polymer_flag 
_pdbx_unobs_or_zero_occ_residues.occupancy_flag 
_pdbx_unobs_or_zero_occ_residues.auth_asym_id 
_pdbx_unobs_or_zero_occ_residues.auth_comp_id 
_pdbx_unobs_or_zero_occ_residues.auth_seq_id 
_pdbx_unobs_or_zero_occ_residues.PDB_ins_code 
_pdbx_unobs_or_zero_occ_residues.label_asym_id 
_pdbx_unobs_or_zero_occ_residues.label_comp_id 
_pdbx_unobs_or_zero_occ_residues.label_seq_id 
1  1 Y 1 A MET -9  ? A MET 1   
2  1 Y 1 A GLY -8  ? A GLY 2   
3  1 Y 1 A HIS -7  ? A HIS 3   
4  1 Y 1 A HIS -6  ? A HIS 4   
5  1 Y 1 A HIS -5  ? A HIS 5   
6  1 Y 1 A HIS -4  ? A HIS 6   
7  1 Y 1 A HIS -3  ? A HIS 7   
8  1 Y 1 A HIS -2  ? A HIS 8   
9  1 Y 1 A SER -1  ? A SER 9   
10 1 Y 1 A HIS 0   ? A HIS 10  
11 1 Y 1 A MET 1   ? A MET 11  
12 1 Y 1 A THR 2   ? A THR 12  
13 1 Y 1 A ASP 3   ? A ASP 13  
14 1 Y 1 A GLN 25  ? A GLN 35  
15 1 Y 1 A PRO 26  ? A PRO 36  
16 1 Y 1 A GLY 27  ? A GLY 37  
17 1 Y 1 A SER 28  ? A SER 38  
18 1 Y 1 A GLY 29  ? A GLY 39  
19 1 Y 1 A LYS 151 ? A LYS 161 
# 
loop_
_chem_comp_atom.comp_id 
_chem_comp_atom.atom_id 
_chem_comp_atom.type_symbol 
_chem_comp_atom.pdbx_aromatic_flag 
_chem_comp_atom.pdbx_stereo_config 
_chem_comp_atom.pdbx_ordinal 
ALA N    N N N 1   
ALA CA   C N S 2   
ALA C    C N N 3   
ALA O    O N N 4   
ALA CB   C N N 5   
ALA OXT  O N N 6   
ALA H    H N N 7   
ALA H2   H N N 8   
ALA HA   H N N 9   
ALA HB1  H N N 10  
ALA HB2  H N N 11  
ALA HB3  H N N 12  
ALA HXT  H N N 13  
ARG N    N N N 14  
ARG CA   C N S 15  
ARG C    C N N 16  
ARG O    O N N 17  
ARG CB   C N N 18  
ARG CG   C N N 19  
ARG CD   C N N 20  
ARG NE   N N N 21  
ARG CZ   C N N 22  
ARG NH1  N N N 23  
ARG NH2  N N N 24  
ARG OXT  O N N 25  
ARG H    H N N 26  
ARG H2   H N N 27  
ARG HA   H N N 28  
ARG HB2  H N N 29  
ARG HB3  H N N 30  
ARG HG2  H N N 31  
ARG HG3  H N N 32  
ARG HD2  H N N 33  
ARG HD3  H N N 34  
ARG HE   H N N 35  
ARG HH11 H N N 36  
ARG HH12 H N N 37  
ARG HH21 H N N 38  
ARG HH22 H N N 39  
ARG HXT  H N N 40  
ASN N    N N N 41  
ASN CA   C N S 42  
ASN C    C N N 43  
ASN O    O N N 44  
ASN CB   C N N 45  
ASN CG   C N N 46  
ASN OD1  O N N 47  
ASN ND2  N N N 48  
ASN OXT  O N N 49  
ASN H    H N N 50  
ASN H2   H N N 51  
ASN HA   H N N 52  
ASN HB2  H N N 53  
ASN HB3  H N N 54  
ASN HD21 H N N 55  
ASN HD22 H N N 56  
ASN HXT  H N N 57  
ASP N    N N N 58  
ASP CA   C N S 59  
ASP C    C N N 60  
ASP O    O N N 61  
ASP CB   C N N 62  
ASP CG   C N N 63  
ASP OD1  O N N 64  
ASP OD2  O N N 65  
ASP OXT  O N N 66  
ASP H    H N N 67  
ASP H2   H N N 68  
ASP HA   H N N 69  
ASP HB2  H N N 70  
ASP HB3  H N N 71  
ASP HD2  H N N 72  
ASP HXT  H N N 73  
CSD N    N N N 74  
CSD CA   C N R 75  
CSD CB   C N N 76  
CSD SG   S N N 77  
CSD C    C N N 78  
CSD O    O N N 79  
CSD OXT  O N N 80  
CSD OD1  O N N 81  
CSD OD2  O N N 82  
CSD H    H N N 83  
CSD H2   H N N 84  
CSD HA   H N N 85  
CSD HB2  H N N 86  
CSD HB3  H N N 87  
CSD HXT  H N N 88  
CSD HD2  H N N 89  
CYS N    N N N 90  
CYS CA   C N R 91  
CYS C    C N N 92  
CYS O    O N N 93  
CYS CB   C N N 94  
CYS SG   S N N 95  
CYS OXT  O N N 96  
CYS H    H N N 97  
CYS H2   H N N 98  
CYS HA   H N N 99  
CYS HB2  H N N 100 
CYS HB3  H N N 101 
CYS HG   H N N 102 
CYS HXT  H N N 103 
GLN N    N N N 104 
GLN CA   C N S 105 
GLN C    C N N 106 
GLN O    O N N 107 
GLN CB   C N N 108 
GLN CG   C N N 109 
GLN CD   C N N 110 
GLN OE1  O N N 111 
GLN NE2  N N N 112 
GLN OXT  O N N 113 
GLN H    H N N 114 
GLN H2   H N N 115 
GLN HA   H N N 116 
GLN HB2  H N N 117 
GLN HB3  H N N 118 
GLN HG2  H N N 119 
GLN HG3  H N N 120 
GLN HE21 H N N 121 
GLN HE22 H N N 122 
GLN HXT  H N N 123 
GLU N    N N N 124 
GLU CA   C N S 125 
GLU C    C N N 126 
GLU O    O N N 127 
GLU CB   C N N 128 
GLU CG   C N N 129 
GLU CD   C N N 130 
GLU OE1  O N N 131 
GLU OE2  O N N 132 
GLU OXT  O N N 133 
GLU H    H N N 134 
GLU H2   H N N 135 
GLU HA   H N N 136 
GLU HB2  H N N 137 
GLU HB3  H N N 138 
GLU HG2  H N N 139 
GLU HG3  H N N 140 
GLU HE2  H N N 141 
GLU HXT  H N N 142 
GLY N    N N N 143 
GLY CA   C N N 144 
GLY C    C N N 145 
GLY O    O N N 146 
GLY OXT  O N N 147 
GLY H    H N N 148 
GLY H2   H N N 149 
GLY HA2  H N N 150 
GLY HA3  H N N 151 
GLY HXT  H N N 152 
HIS N    N N N 153 
HIS CA   C N S 154 
HIS C    C N N 155 
HIS O    O N N 156 
HIS CB   C N N 157 
HIS CG   C Y N 158 
HIS ND1  N Y N 159 
HIS CD2  C Y N 160 
HIS CE1  C Y N 161 
HIS NE2  N Y N 162 
HIS OXT  O N N 163 
HIS H    H N N 164 
HIS H2   H N N 165 
HIS HA   H N N 166 
HIS HB2  H N N 167 
HIS HB3  H N N 168 
HIS HD1  H N N 169 
HIS HD2  H N N 170 
HIS HE1  H N N 171 
HIS HE2  H N N 172 
HIS HXT  H N N 173 
HOH O    O N N 174 
HOH H1   H N N 175 
HOH H2   H N N 176 
ILE N    N N N 177 
ILE CA   C N S 178 
ILE C    C N N 179 
ILE O    O N N 180 
ILE CB   C N S 181 
ILE CG1  C N N 182 
ILE CG2  C N N 183 
ILE CD1  C N N 184 
ILE OXT  O N N 185 
ILE H    H N N 186 
ILE H2   H N N 187 
ILE HA   H N N 188 
ILE HB   H N N 189 
ILE HG12 H N N 190 
ILE HG13 H N N 191 
ILE HG21 H N N 192 
ILE HG22 H N N 193 
ILE HG23 H N N 194 
ILE HD11 H N N 195 
ILE HD12 H N N 196 
ILE HD13 H N N 197 
ILE HXT  H N N 198 
LEU N    N N N 199 
LEU CA   C N S 200 
LEU C    C N N 201 
LEU O    O N N 202 
LEU CB   C N N 203 
LEU CG   C N N 204 
LEU CD1  C N N 205 
LEU CD2  C N N 206 
LEU OXT  O N N 207 
LEU H    H N N 208 
LEU H2   H N N 209 
LEU HA   H N N 210 
LEU HB2  H N N 211 
LEU HB3  H N N 212 
LEU HG   H N N 213 
LEU HD11 H N N 214 
LEU HD12 H N N 215 
LEU HD13 H N N 216 
LEU HD21 H N N 217 
LEU HD22 H N N 218 
LEU HD23 H N N 219 
LEU HXT  H N N 220 
LYS N    N N N 221 
LYS CA   C N S 222 
LYS C    C N N 223 
LYS O    O N N 224 
LYS CB   C N N 225 
LYS CG   C N N 226 
LYS CD   C N N 227 
LYS CE   C N N 228 
LYS NZ   N N N 229 
LYS OXT  O N N 230 
LYS H    H N N 231 
LYS H2   H N N 232 
LYS HA   H N N 233 
LYS HB2  H N N 234 
LYS HB3  H N N 235 
LYS HG2  H N N 236 
LYS HG3  H N N 237 
LYS HD2  H N N 238 
LYS HD3  H N N 239 
LYS HE2  H N N 240 
LYS HE3  H N N 241 
LYS HZ1  H N N 242 
LYS HZ2  H N N 243 
LYS HZ3  H N N 244 
LYS HXT  H N N 245 
MET N    N N N 246 
MET CA   C N S 247 
MET C    C N N 248 
MET O    O N N 249 
MET CB   C N N 250 
MET CG   C N N 251 
MET SD   S N N 252 
MET CE   C N N 253 
MET OXT  O N N 254 
MET H    H N N 255 
MET H2   H N N 256 
MET HA   H N N 257 
MET HB2  H N N 258 
MET HB3  H N N 259 
MET HG2  H N N 260 
MET HG3  H N N 261 
MET HE1  H N N 262 
MET HE2  H N N 263 
MET HE3  H N N 264 
MET HXT  H N N 265 
PHE N    N N N 266 
PHE CA   C N S 267 
PHE C    C N N 268 
PHE O    O N N 269 
PHE CB   C N N 270 
PHE CG   C Y N 271 
PHE CD1  C Y N 272 
PHE CD2  C Y N 273 
PHE CE1  C Y N 274 
PHE CE2  C Y N 275 
PHE CZ   C Y N 276 
PHE OXT  O N N 277 
PHE H    H N N 278 
PHE H2   H N N 279 
PHE HA   H N N 280 
PHE HB2  H N N 281 
PHE HB3  H N N 282 
PHE HD1  H N N 283 
PHE HD2  H N N 284 
PHE HE1  H N N 285 
PHE HE2  H N N 286 
PHE HZ   H N N 287 
PHE HXT  H N N 288 
PRO N    N N N 289 
PRO CA   C N S 290 
PRO C    C N N 291 
PRO O    O N N 292 
PRO CB   C N N 293 
PRO CG   C N N 294 
PRO CD   C N N 295 
PRO OXT  O N N 296 
PRO H    H N N 297 
PRO HA   H N N 298 
PRO HB2  H N N 299 
PRO HB3  H N N 300 
PRO HG2  H N N 301 
PRO HG3  H N N 302 
PRO HD2  H N N 303 
PRO HD3  H N N 304 
PRO HXT  H N N 305 
SER N    N N N 306 
SER CA   C N S 307 
SER C    C N N 308 
SER O    O N N 309 
SER CB   C N N 310 
SER OG   O N N 311 
SER OXT  O N N 312 
SER H    H N N 313 
SER H2   H N N 314 
SER HA   H N N 315 
SER HB2  H N N 316 
SER HB3  H N N 317 
SER HG   H N N 318 
SER HXT  H N N 319 
THR N    N N N 320 
THR CA   C N S 321 
THR C    C N N 322 
THR O    O N N 323 
THR CB   C N R 324 
THR OG1  O N N 325 
THR CG2  C N N 326 
THR OXT  O N N 327 
THR H    H N N 328 
THR H2   H N N 329 
THR HA   H N N 330 
THR HB   H N N 331 
THR HG1  H N N 332 
THR HG21 H N N 333 
THR HG22 H N N 334 
THR HG23 H N N 335 
THR HXT  H N N 336 
TRP N    N N N 337 
TRP CA   C N S 338 
TRP C    C N N 339 
TRP O    O N N 340 
TRP CB   C N N 341 
TRP CG   C Y N 342 
TRP CD1  C Y N 343 
TRP CD2  C Y N 344 
TRP NE1  N Y N 345 
TRP CE2  C Y N 346 
TRP CE3  C Y N 347 
TRP CZ2  C Y N 348 
TRP CZ3  C Y N 349 
TRP CH2  C Y N 350 
TRP OXT  O N N 351 
TRP H    H N N 352 
TRP H2   H N N 353 
TRP HA   H N N 354 
TRP HB2  H N N 355 
TRP HB3  H N N 356 
TRP HD1  H N N 357 
TRP HE1  H N N 358 
TRP HE3  H N N 359 
TRP HZ2  H N N 360 
TRP HZ3  H N N 361 
TRP HH2  H N N 362 
TRP HXT  H N N 363 
TYR N    N N N 364 
TYR CA   C N S 365 
TYR C    C N N 366 
TYR O    O N N 367 
TYR CB   C N N 368 
TYR CG   C Y N 369 
TYR CD1  C Y N 370 
TYR CD2  C Y N 371 
TYR CE1  C Y N 372 
TYR CE2  C Y N 373 
TYR CZ   C Y N 374 
TYR OH   O N N 375 
TYR OXT  O N N 376 
TYR H    H N N 377 
TYR H2   H N N 378 
TYR HA   H N N 379 
TYR HB2  H N N 380 
TYR HB3  H N N 381 
TYR HD1  H N N 382 
TYR HD2  H N N 383 
TYR HE1  H N N 384 
TYR HE2  H N N 385 
TYR HH   H N N 386 
TYR HXT  H N N 387 
VAL N    N N N 388 
VAL CA   C N S 389 
VAL C    C N N 390 
VAL O    O N N 391 
VAL CB   C N N 392 
VAL CG1  C N N 393 
VAL CG2  C N N 394 
VAL OXT  O N N 395 
VAL H    H N N 396 
VAL H2   H N N 397 
VAL HA   H N N 398 
VAL HB   H N N 399 
VAL HG11 H N N 400 
VAL HG12 H N N 401 
VAL HG13 H N N 402 
VAL HG21 H N N 403 
VAL HG22 H N N 404 
VAL HG23 H N N 405 
VAL HXT  H N N 406 
# 
loop_
_chem_comp_bond.comp_id 
_chem_comp_bond.atom_id_1 
_chem_comp_bond.atom_id_2 
_chem_comp_bond.value_order 
_chem_comp_bond.pdbx_aromatic_flag 
_chem_comp_bond.pdbx_stereo_config 
_chem_comp_bond.pdbx_ordinal 
ALA N   CA   sing N N 1   
ALA N   H    sing N N 2   
ALA N   H2   sing N N 3   
ALA CA  C    sing N N 4   
ALA CA  CB   sing N N 5   
ALA CA  HA   sing N N 6   
ALA C   O    doub N N 7   
ALA C   OXT  sing N N 8   
ALA CB  HB1  sing N N 9   
ALA CB  HB2  sing N N 10  
ALA CB  HB3  sing N N 11  
ALA OXT HXT  sing N N 12  
ARG N   CA   sing N N 13  
ARG N   H    sing N N 14  
ARG N   H2   sing N N 15  
ARG CA  C    sing N N 16  
ARG CA  CB   sing N N 17  
ARG CA  HA   sing N N 18  
ARG C   O    doub N N 19  
ARG C   OXT  sing N N 20  
ARG CB  CG   sing N N 21  
ARG CB  HB2  sing N N 22  
ARG CB  HB3  sing N N 23  
ARG CG  CD   sing N N 24  
ARG CG  HG2  sing N N 25  
ARG CG  HG3  sing N N 26  
ARG CD  NE   sing N N 27  
ARG CD  HD2  sing N N 28  
ARG CD  HD3  sing N N 29  
ARG NE  CZ   sing N N 30  
ARG NE  HE   sing N N 31  
ARG CZ  NH1  sing N N 32  
ARG CZ  NH2  doub N N 33  
ARG NH1 HH11 sing N N 34  
ARG NH1 HH12 sing N N 35  
ARG NH2 HH21 sing N N 36  
ARG NH2 HH22 sing N N 37  
ARG OXT HXT  sing N N 38  
ASN N   CA   sing N N 39  
ASN N   H    sing N N 40  
ASN N   H2   sing N N 41  
ASN CA  C    sing N N 42  
ASN CA  CB   sing N N 43  
ASN CA  HA   sing N N 44  
ASN C   O    doub N N 45  
ASN C   OXT  sing N N 46  
ASN CB  CG   sing N N 47  
ASN CB  HB2  sing N N 48  
ASN CB  HB3  sing N N 49  
ASN CG  OD1  doub N N 50  
ASN CG  ND2  sing N N 51  
ASN ND2 HD21 sing N N 52  
ASN ND2 HD22 sing N N 53  
ASN OXT HXT  sing N N 54  
ASP N   CA   sing N N 55  
ASP N   H    sing N N 56  
ASP N   H2   sing N N 57  
ASP CA  C    sing N N 58  
ASP CA  CB   sing N N 59  
ASP CA  HA   sing N N 60  
ASP C   O    doub N N 61  
ASP C   OXT  sing N N 62  
ASP CB  CG   sing N N 63  
ASP CB  HB2  sing N N 64  
ASP CB  HB3  sing N N 65  
ASP CG  OD1  doub N N 66  
ASP CG  OD2  sing N N 67  
ASP OD2 HD2  sing N N 68  
ASP OXT HXT  sing N N 69  
CSD N   CA   sing N N 70  
CSD N   H    sing N N 71  
CSD N   H2   sing N N 72  
CSD CA  CB   sing N N 73  
CSD CA  C    sing N N 74  
CSD CA  HA   sing N N 75  
CSD CB  SG   sing N N 76  
CSD CB  HB2  sing N N 77  
CSD CB  HB3  sing N N 78  
CSD SG  OD1  doub N N 79  
CSD SG  OD2  sing N N 80  
CSD C   O    doub N N 81  
CSD C   OXT  sing N N 82  
CSD OXT HXT  sing N N 83  
CSD OD2 HD2  sing N N 84  
CYS N   CA   sing N N 85  
CYS N   H    sing N N 86  
CYS N   H2   sing N N 87  
CYS CA  C    sing N N 88  
CYS CA  CB   sing N N 89  
CYS CA  HA   sing N N 90  
CYS C   O    doub N N 91  
CYS C   OXT  sing N N 92  
CYS CB  SG   sing N N 93  
CYS CB  HB2  sing N N 94  
CYS CB  HB3  sing N N 95  
CYS SG  HG   sing N N 96  
CYS OXT HXT  sing N N 97  
GLN N   CA   sing N N 98  
GLN N   H    sing N N 99  
GLN N   H2   sing N N 100 
GLN CA  C    sing N N 101 
GLN CA  CB   sing N N 102 
GLN CA  HA   sing N N 103 
GLN C   O    doub N N 104 
GLN C   OXT  sing N N 105 
GLN CB  CG   sing N N 106 
GLN CB  HB2  sing N N 107 
GLN CB  HB3  sing N N 108 
GLN CG  CD   sing N N 109 
GLN CG  HG2  sing N N 110 
GLN CG  HG3  sing N N 111 
GLN CD  OE1  doub N N 112 
GLN CD  NE2  sing N N 113 
GLN NE2 HE21 sing N N 114 
GLN NE2 HE22 sing N N 115 
GLN OXT HXT  sing N N 116 
GLU N   CA   sing N N 117 
GLU N   H    sing N N 118 
GLU N   H2   sing N N 119 
GLU CA  C    sing N N 120 
GLU CA  CB   sing N N 121 
GLU CA  HA   sing N N 122 
GLU C   O    doub N N 123 
GLU C   OXT  sing N N 124 
GLU CB  CG   sing N N 125 
GLU CB  HB2  sing N N 126 
GLU CB  HB3  sing N N 127 
GLU CG  CD   sing N N 128 
GLU CG  HG2  sing N N 129 
GLU CG  HG3  sing N N 130 
GLU CD  OE1  doub N N 131 
GLU CD  OE2  sing N N 132 
GLU OE2 HE2  sing N N 133 
GLU OXT HXT  sing N N 134 
GLY N   CA   sing N N 135 
GLY N   H    sing N N 136 
GLY N   H2   sing N N 137 
GLY CA  C    sing N N 138 
GLY CA  HA2  sing N N 139 
GLY CA  HA3  sing N N 140 
GLY C   O    doub N N 141 
GLY C   OXT  sing N N 142 
GLY OXT HXT  sing N N 143 
HIS N   CA   sing N N 144 
HIS N   H    sing N N 145 
HIS N   H2   sing N N 146 
HIS CA  C    sing N N 147 
HIS CA  CB   sing N N 148 
HIS CA  HA   sing N N 149 
HIS C   O    doub N N 150 
HIS C   OXT  sing N N 151 
HIS CB  CG   sing N N 152 
HIS CB  HB2  sing N N 153 
HIS CB  HB3  sing N N 154 
HIS CG  ND1  sing Y N 155 
HIS CG  CD2  doub Y N 156 
HIS ND1 CE1  doub Y N 157 
HIS ND1 HD1  sing N N 158 
HIS CD2 NE2  sing Y N 159 
HIS CD2 HD2  sing N N 160 
HIS CE1 NE2  sing Y N 161 
HIS CE1 HE1  sing N N 162 
HIS NE2 HE2  sing N N 163 
HIS OXT HXT  sing N N 164 
HOH O   H1   sing N N 165 
HOH O   H2   sing N N 166 
ILE N   CA   sing N N 167 
ILE N   H    sing N N 168 
ILE N   H2   sing N N 169 
ILE CA  C    sing N N 170 
ILE CA  CB   sing N N 171 
ILE CA  HA   sing N N 172 
ILE C   O    doub N N 173 
ILE C   OXT  sing N N 174 
ILE CB  CG1  sing N N 175 
ILE CB  CG2  sing N N 176 
ILE CB  HB   sing N N 177 
ILE CG1 CD1  sing N N 178 
ILE CG1 HG12 sing N N 179 
ILE CG1 HG13 sing N N 180 
ILE CG2 HG21 sing N N 181 
ILE CG2 HG22 sing N N 182 
ILE CG2 HG23 sing N N 183 
ILE CD1 HD11 sing N N 184 
ILE CD1 HD12 sing N N 185 
ILE CD1 HD13 sing N N 186 
ILE OXT HXT  sing N N 187 
LEU N   CA   sing N N 188 
LEU N   H    sing N N 189 
LEU N   H2   sing N N 190 
LEU CA  C    sing N N 191 
LEU CA  CB   sing N N 192 
LEU CA  HA   sing N N 193 
LEU C   O    doub N N 194 
LEU C   OXT  sing N N 195 
LEU CB  CG   sing N N 196 
LEU CB  HB2  sing N N 197 
LEU CB  HB3  sing N N 198 
LEU CG  CD1  sing N N 199 
LEU CG  CD2  sing N N 200 
LEU CG  HG   sing N N 201 
LEU CD1 HD11 sing N N 202 
LEU CD1 HD12 sing N N 203 
LEU CD1 HD13 sing N N 204 
LEU CD2 HD21 sing N N 205 
LEU CD2 HD22 sing N N 206 
LEU CD2 HD23 sing N N 207 
LEU OXT HXT  sing N N 208 
LYS N   CA   sing N N 209 
LYS N   H    sing N N 210 
LYS N   H2   sing N N 211 
LYS CA  C    sing N N 212 
LYS CA  CB   sing N N 213 
LYS CA  HA   sing N N 214 
LYS C   O    doub N N 215 
LYS C   OXT  sing N N 216 
LYS CB  CG   sing N N 217 
LYS CB  HB2  sing N N 218 
LYS CB  HB3  sing N N 219 
LYS CG  CD   sing N N 220 
LYS CG  HG2  sing N N 221 
LYS CG  HG3  sing N N 222 
LYS CD  CE   sing N N 223 
LYS CD  HD2  sing N N 224 
LYS CD  HD3  sing N N 225 
LYS CE  NZ   sing N N 226 
LYS CE  HE2  sing N N 227 
LYS CE  HE3  sing N N 228 
LYS NZ  HZ1  sing N N 229 
LYS NZ  HZ2  sing N N 230 
LYS NZ  HZ3  sing N N 231 
LYS OXT HXT  sing N N 232 
MET N   CA   sing N N 233 
MET N   H    sing N N 234 
MET N   H2   sing N N 235 
MET CA  C    sing N N 236 
MET CA  CB   sing N N 237 
MET CA  HA   sing N N 238 
MET C   O    doub N N 239 
MET C   OXT  sing N N 240 
MET CB  CG   sing N N 241 
MET CB  HB2  sing N N 242 
MET CB  HB3  sing N N 243 
MET CG  SD   sing N N 244 
MET CG  HG2  sing N N 245 
MET CG  HG3  sing N N 246 
MET SD  CE   sing N N 247 
MET CE  HE1  sing N N 248 
MET CE  HE2  sing N N 249 
MET CE  HE3  sing N N 250 
MET OXT HXT  sing N N 251 
PHE N   CA   sing N N 252 
PHE N   H    sing N N 253 
PHE N   H2   sing N N 254 
PHE CA  C    sing N N 255 
PHE CA  CB   sing N N 256 
PHE CA  HA   sing N N 257 
PHE C   O    doub N N 258 
PHE C   OXT  sing N N 259 
PHE CB  CG   sing N N 260 
PHE CB  HB2  sing N N 261 
PHE CB  HB3  sing N N 262 
PHE CG  CD1  doub Y N 263 
PHE CG  CD2  sing Y N 264 
PHE CD1 CE1  sing Y N 265 
PHE CD1 HD1  sing N N 266 
PHE CD2 CE2  doub Y N 267 
PHE CD2 HD2  sing N N 268 
PHE CE1 CZ   doub Y N 269 
PHE CE1 HE1  sing N N 270 
PHE CE2 CZ   sing Y N 271 
PHE CE2 HE2  sing N N 272 
PHE CZ  HZ   sing N N 273 
PHE OXT HXT  sing N N 274 
PRO N   CA   sing N N 275 
PRO N   CD   sing N N 276 
PRO N   H    sing N N 277 
PRO CA  C    sing N N 278 
PRO CA  CB   sing N N 279 
PRO CA  HA   sing N N 280 
PRO C   O    doub N N 281 
PRO C   OXT  sing N N 282 
PRO CB  CG   sing N N 283 
PRO CB  HB2  sing N N 284 
PRO CB  HB3  sing N N 285 
PRO CG  CD   sing N N 286 
PRO CG  HG2  sing N N 287 
PRO CG  HG3  sing N N 288 
PRO CD  HD2  sing N N 289 
PRO CD  HD3  sing N N 290 
PRO OXT HXT  sing N N 291 
SER N   CA   sing N N 292 
SER N   H    sing N N 293 
SER N   H2   sing N N 294 
SER CA  C    sing N N 295 
SER CA  CB   sing N N 296 
SER CA  HA   sing N N 297 
SER C   O    doub N N 298 
SER C   OXT  sing N N 299 
SER CB  OG   sing N N 300 
SER CB  HB2  sing N N 301 
SER CB  HB3  sing N N 302 
SER OG  HG   sing N N 303 
SER OXT HXT  sing N N 304 
THR N   CA   sing N N 305 
THR N   H    sing N N 306 
THR N   H2   sing N N 307 
THR CA  C    sing N N 308 
THR CA  CB   sing N N 309 
THR CA  HA   sing N N 310 
THR C   O    doub N N 311 
THR C   OXT  sing N N 312 
THR CB  OG1  sing N N 313 
THR CB  CG2  sing N N 314 
THR CB  HB   sing N N 315 
THR OG1 HG1  sing N N 316 
THR CG2 HG21 sing N N 317 
THR CG2 HG22 sing N N 318 
THR CG2 HG23 sing N N 319 
THR OXT HXT  sing N N 320 
TRP N   CA   sing N N 321 
TRP N   H    sing N N 322 
TRP N   H2   sing N N 323 
TRP CA  C    sing N N 324 
TRP CA  CB   sing N N 325 
TRP CA  HA   sing N N 326 
TRP C   O    doub N N 327 
TRP C   OXT  sing N N 328 
TRP CB  CG   sing N N 329 
TRP CB  HB2  sing N N 330 
TRP CB  HB3  sing N N 331 
TRP CG  CD1  doub Y N 332 
TRP CG  CD2  sing Y N 333 
TRP CD1 NE1  sing Y N 334 
TRP CD1 HD1  sing N N 335 
TRP CD2 CE2  doub Y N 336 
TRP CD2 CE3  sing Y N 337 
TRP NE1 CE2  sing Y N 338 
TRP NE1 HE1  sing N N 339 
TRP CE2 CZ2  sing Y N 340 
TRP CE3 CZ3  doub Y N 341 
TRP CE3 HE3  sing N N 342 
TRP CZ2 CH2  doub Y N 343 
TRP CZ2 HZ2  sing N N 344 
TRP CZ3 CH2  sing Y N 345 
TRP CZ3 HZ3  sing N N 346 
TRP CH2 HH2  sing N N 347 
TRP OXT HXT  sing N N 348 
TYR N   CA   sing N N 349 
TYR N   H    sing N N 350 
TYR N   H2   sing N N 351 
TYR CA  C    sing N N 352 
TYR CA  CB   sing N N 353 
TYR CA  HA   sing N N 354 
TYR C   O    doub N N 355 
TYR C   OXT  sing N N 356 
TYR CB  CG   sing N N 357 
TYR CB  HB2  sing N N 358 
TYR CB  HB3  sing N N 359 
TYR CG  CD1  doub Y N 360 
TYR CG  CD2  sing Y N 361 
TYR CD1 CE1  sing Y N 362 
TYR CD1 HD1  sing N N 363 
TYR CD2 CE2  doub Y N 364 
TYR CD2 HD2  sing N N 365 
TYR CE1 CZ   doub Y N 366 
TYR CE1 HE1  sing N N 367 
TYR CE2 CZ   sing Y N 368 
TYR CE2 HE2  sing N N 369 
TYR CZ  OH   sing N N 370 
TYR OH  HH   sing N N 371 
TYR OXT HXT  sing N N 372 
VAL N   CA   sing N N 373 
VAL N   H    sing N N 374 
VAL N   H2   sing N N 375 
VAL CA  C    sing N N 376 
VAL CA  CB   sing N N 377 
VAL CA  HA   sing N N 378 
VAL C   O    doub N N 379 
VAL C   OXT  sing N N 380 
VAL CB  CG1  sing N N 381 
VAL CB  CG2  sing N N 382 
VAL CB  HB   sing N N 383 
VAL CG1 HG11 sing N N 384 
VAL CG1 HG12 sing N N 385 
VAL CG1 HG13 sing N N 386 
VAL CG2 HG21 sing N N 387 
VAL CG2 HG22 sing N N 388 
VAL CG2 HG23 sing N N 389 
VAL OXT HXT  sing N N 390 
# 
_pdbx_initial_refinement_model.id               1 
_pdbx_initial_refinement_model.entity_id_list   ? 
_pdbx_initial_refinement_model.type             'experimental model' 
_pdbx_initial_refinement_model.source_name      PDB 
_pdbx_initial_refinement_model.accession_code   2VOH 
_pdbx_initial_refinement_model.details          'pdb entry 2voh' 
# 
_atom_sites.entry_id                    3I1H 
_atom_sites.fract_transf_matrix[1][1]   0.00454504 
_atom_sites.fract_transf_matrix[1][2]   0.02002665 
_atom_sites.fract_transf_matrix[1][3]   0.01496038 
_atom_sites.fract_transf_matrix[2][1]   -0.01856147 
_atom_sites.fract_transf_matrix[2][2]   0.01076207 
_atom_sites.fract_transf_matrix[2][3]   -0.00876752 
_atom_sites.fract_transf_matrix[3][1]   -0.01064122 
_atom_sites.fract_transf_matrix[3][2]   -0.00098753 
_atom_sites.fract_transf_matrix[3][3]   0.02131603 
_atom_sites.fract_transf_vector[1]      0.299460 
_atom_sites.fract_transf_vector[2]      -0.276779 
_atom_sites.fract_transf_vector[3]      0.189864 
# 
loop_
_atom_type.symbol 
C 
N 
O 
S 
# 
loop_
_atom_site.group_PDB 
_atom_site.id 
_atom_site.type_symbol 
_atom_site.label_atom_id 
_atom_site.label_alt_id 
_atom_site.label_comp_id 
_atom_site.label_asym_id 
_atom_site.label_entity_id 
_atom_site.label_seq_id 
_atom_site.pdbx_PDB_ins_code 
_atom_site.Cartn_x 
_atom_site.Cartn_y 
_atom_site.Cartn_z 
_atom_site.occupancy 
_atom_site.B_iso_or_equiv 
_atom_site.pdbx_formal_charge 
_atom_site.auth_seq_id 
_atom_site.auth_comp_id 
_atom_site.auth_asym_id 
_atom_site.auth_atom_id 
_atom_site.pdbx_PDB_model_num 
ATOM   1    N N   . CYS A 1 14  ? 10.004  15.156  -9.094  1.00 72.22 ? 4   CYS A N   1 
ATOM   2    C CA  . CYS A 1 14  ? 9.496   13.870  -9.655  1.00 71.03 ? 4   CYS A CA  1 
ATOM   3    C C   . CYS A 1 14  ? 9.007   12.945  -8.545  1.00 68.85 ? 4   CYS A C   1 
ATOM   4    O O   . CYS A 1 14  ? 8.405   11.903  -8.811  1.00 69.74 ? 4   CYS A O   1 
ATOM   5    C CB  . CYS A 1 14  ? 10.602  13.163  -10.447 1.00 73.04 ? 4   CYS A CB  1 
ATOM   6    S SG  . CYS A 1 14  ? 11.158  14.023  -11.951 1.00 80.47 ? 4   CYS A SG  1 
ATOM   7    N N   . GLU A 1 15  ? 9.262   13.340  -7.302  1.00 64.98 ? 5   GLU A N   1 
ATOM   8    C CA  . GLU A 1 15  ? 8.879   12.553  -6.134  1.00 61.54 ? 5   GLU A CA  1 
ATOM   9    C C   . GLU A 1 15  ? 7.470   11.942  -6.146  1.00 54.56 ? 5   GLU A C   1 
ATOM   10   O O   . GLU A 1 15  ? 7.320   10.731  -6.293  1.00 52.20 ? 5   GLU A O   1 
ATOM   11   C CB  . GLU A 1 15  ? 9.063   13.401  -4.870  1.00 67.23 ? 5   GLU A CB  1 
ATOM   12   C CG  . GLU A 1 15  ? 10.488  13.921  -4.699  1.00 74.88 ? 5   GLU A CG  1 
ATOM   13   C CD  . GLU A 1 15  ? 10.694  14.685  -3.402  1.00 80.47 ? 5   GLU A CD  1 
ATOM   14   O OE1 . GLU A 1 15  ? 10.008  15.709  -3.196  1.00 82.91 ? 5   GLU A OE1 1 
ATOM   15   O OE2 . GLU A 1 15  ? 11.547  14.259  -2.590  1.00 83.17 ? 5   GLU A OE2 1 
ATOM   16   N N   . PHE A 1 16  ? 6.452   12.781  -5.982  1.00 45.22 ? 6   PHE A N   1 
ATOM   17   C CA  . PHE A 1 16  ? 5.069   12.321  -5.953  1.00 37.45 ? 6   PHE A CA  1 
ATOM   18   C C   . PHE A 1 16  ? 4.668   11.476  -7.156  1.00 33.88 ? 6   PHE A C   1 
ATOM   19   O O   . PHE A 1 16  ? 4.068   10.416  -6.991  1.00 29.24 ? 6   PHE A O   1 
ATOM   20   C CB  . PHE A 1 16  ? 4.105   13.511  -5.852  1.00 35.08 ? 6   PHE A CB  1 
ATOM   21   C CG  . PHE A 1 16  ? 2.655   13.109  -5.711  1.00 29.73 ? 6   PHE A CG  1 
ATOM   22   C CD1 . PHE A 1 16  ? 2.026   13.160  -4.474  1.00 27.58 ? 6   PHE A CD1 1 
ATOM   23   C CD2 . PHE A 1 16  ? 1.927   12.690  -6.818  1.00 26.25 ? 6   PHE A CD2 1 
ATOM   24   C CE1 . PHE A 1 16  ? 0.680   12.805  -4.337  1.00 29.84 ? 6   PHE A CE1 1 
ATOM   25   C CE2 . PHE A 1 16  ? 0.584   12.330  -6.700  1.00 30.50 ? 6   PHE A CE2 1 
ATOM   26   C CZ  . PHE A 1 16  ? -0.044  12.390  -5.446  1.00 29.39 ? 6   PHE A CZ  1 
ATOM   27   N N   . GLY A 1 17  ? 4.991   11.965  -8.357  1.00 32.33 ? 7   GLY A N   1 
ATOM   28   C CA  . GLY A 1 17  ? 4.646   11.265  -9.582  1.00 28.88 ? 7   GLY A CA  1 
ATOM   29   C C   . GLY A 1 17  ? 5.193   9.854   -9.659  1.00 27.45 ? 7   GLY A C   1 
ATOM   30   O O   . GLY A 1 17  ? 4.522   8.952   -10.154 1.00 25.37 ? 7   GLY A O   1 
ATOM   31   N N   . TYR A 1 18  ? 6.412   9.670   -9.159  1.00 25.90 ? 8   TYR A N   1 
ATOM   32   C CA  . TYR A 1 18  ? 7.091   8.376   -9.162  1.00 25.03 ? 8   TYR A CA  1 
ATOM   33   C C   . TYR A 1 18  ? 6.358   7.385   -8.228  1.00 25.65 ? 8   TYR A C   1 
ATOM   34   O O   . TYR A 1 18  ? 6.171   6.205   -8.567  1.00 25.32 ? 8   TYR A O   1 
ATOM   35   C CB  . TYR A 1 18  ? 8.542   8.577   -8.707  1.00 25.79 ? 8   TYR A CB  1 
ATOM   36   C CG  . TYR A 1 18  ? 9.417   7.355   -8.840  1.00 28.59 ? 8   TYR A CG  1 
ATOM   37   C CD1 . TYR A 1 18  ? 9.411   6.335   -7.866  1.00 24.81 ? 8   TYR A CD1 1 
ATOM   38   C CD2 . TYR A 1 18  ? 10.214  7.181   -9.979  1.00 27.16 ? 8   TYR A CD2 1 
ATOM   39   C CE1 . TYR A 1 18  ? 10.181  5.167   -8.037  1.00 24.38 ? 8   TYR A CE1 1 
ATOM   40   C CE2 . TYR A 1 18  ? 10.975  6.025   -10.154 1.00 28.78 ? 8   TYR A CE2 1 
ATOM   41   C CZ  . TYR A 1 18  ? 10.952  5.027   -9.185  1.00 28.14 ? 8   TYR A CZ  1 
ATOM   42   O OH  . TYR A 1 18  ? 11.698  3.897   -9.412  1.00 32.29 ? 8   TYR A OH  1 
ATOM   43   N N   . ILE A 1 19  ? 5.951   7.869   -7.055  1.00 22.90 ? 9   ILE A N   1 
ATOM   44   C CA  . ILE A 1 19  ? 5.239   7.031   -6.102  1.00 24.39 ? 9   ILE A CA  1 
ATOM   45   C C   . ILE A 1 19  ? 3.857   6.715   -6.689  1.00 25.12 ? 9   ILE A C   1 
ATOM   46   O O   . ILE A 1 19  ? 3.386   5.567   -6.623  1.00 24.16 ? 9   ILE A O   1 
ATOM   47   C CB  . ILE A 1 19  ? 5.104   7.741   -4.736  1.00 22.91 ? 9   ILE A CB  1 
ATOM   48   C CG1 . ILE A 1 19  ? 6.497   8.047   -4.188  1.00 22.84 ? 9   ILE A CG1 1 
ATOM   49   C CG2 . ILE A 1 19  ? 4.334   6.865   -3.773  1.00 24.35 ? 9   ILE A CG2 1 
ATOM   50   C CD1 . ILE A 1 19  ? 6.508   8.829   -2.890  1.00 23.96 ? 9   ILE A CD1 1 
ATOM   51   N N   . TYR A 1 20  ? 3.237   7.732   -7.284  1.00 23.55 ? 10  TYR A N   1 
ATOM   52   C CA  . TYR A 1 20  ? 1.930   7.596   -7.930  1.00 24.32 ? 10  TYR A CA  1 
ATOM   53   C C   . TYR A 1 20  ? 2.032   6.493   -8.982  1.00 24.48 ? 10  TYR A C   1 
ATOM   54   O O   . TYR A 1 20  ? 1.156   5.621   -9.088  1.00 22.13 ? 10  TYR A O   1 
ATOM   55   C CB  . TYR A 1 20  ? 1.524   8.925   -8.603  1.00 24.16 ? 10  TYR A CB  1 
ATOM   56   C CG  . TYR A 1 20  ? 0.235   8.838   -9.379  1.00 26.83 ? 10  TYR A CG  1 
ATOM   57   C CD1 . TYR A 1 20  ? -0.996  8.924   -8.727  1.00 29.84 ? 10  TYR A CD1 1 
ATOM   58   C CD2 . TYR A 1 20  ? 0.236   8.584   -10.759 1.00 29.11 ? 10  TYR A CD2 1 
ATOM   59   C CE1 . TYR A 1 20  ? -2.195  8.754   -9.413  1.00 30.12 ? 10  TYR A CE1 1 
ATOM   60   C CE2 . TYR A 1 20  ? -0.967  8.411   -11.464 1.00 31.23 ? 10  TYR A CE2 1 
ATOM   61   C CZ  . TYR A 1 20  ? -2.182  8.493   -10.774 1.00 31.92 ? 10  TYR A CZ  1 
ATOM   62   O OH  . TYR A 1 20  ? -3.384  8.267   -11.423 1.00 35.11 ? 10  TYR A OH  1 
ATOM   63   N N   . ARG A 1 21  ? 3.104   6.542   -9.772  1.00 25.30 ? 11  ARG A N   1 
ATOM   64   C CA  . ARG A 1 21  ? 3.326   5.523   -10.791 1.00 25.48 ? 11  ARG A CA  1 
ATOM   65   C C   . ARG A 1 21  ? 3.469   4.144   -10.127 1.00 23.55 ? 11  ARG A C   1 
ATOM   66   O O   . ARG A 1 21  ? 2.966   3.162   -10.654 1.00 22.02 ? 11  ARG A O   1 
ATOM   67   C CB  . ARG A 1 21  ? 4.568   5.852   -11.638 1.00 28.12 ? 11  ARG A CB  1 
ATOM   68   C CG  . ARG A 1 21  ? 4.981   4.742   -12.628 1.00 36.95 ? 11  ARG A CG  1 
ATOM   69   C CD  . ARG A 1 21  ? 3.838   4.340   -13.575 1.00 42.17 ? 11  ARG A CD  1 
ATOM   70   N NE  . ARG A 1 21  ? 4.034   3.002   -14.152 1.00 49.69 ? 11  ARG A NE  1 
ATOM   71   C CZ  . ARG A 1 21  ? 4.486   2.738   -15.385 1.00 50.67 ? 11  ARG A CZ  1 
ATOM   72   N NH1 . ARG A 1 21  ? 4.805   3.724   -16.220 1.00 50.09 ? 11  ARG A NH1 1 
ATOM   73   N NH2 . ARG A 1 21  ? 4.618   1.470   -15.786 1.00 51.37 ? 11  ARG A NH2 1 
ATOM   74   N N   . LEU A 1 22  ? 4.133   4.067   -8.970  1.00 21.18 ? 12  LEU A N   1 
ATOM   75   C CA  . LEU A 1 22  ? 4.262   2.769   -8.291  1.00 20.49 ? 12  LEU A CA  1 
ATOM   76   C C   . LEU A 1 22  ? 2.914   2.285   -7.743  1.00 18.08 ? 12  LEU A C   1 
ATOM   77   O O   . LEU A 1 22  ? 2.562   1.129   -7.890  1.00 17.64 ? 12  LEU A O   1 
ATOM   78   C CB  . LEU A 1 22  ? 5.265   2.834   -7.126  1.00 19.99 ? 12  LEU A CB  1 
ATOM   79   C CG  . LEU A 1 22  ? 6.705   3.192   -7.486  1.00 19.77 ? 12  LEU A CG  1 
ATOM   80   C CD1 . LEU A 1 22  ? 7.502   3.379   -6.202  1.00 18.19 ? 12  LEU A CD1 1 
ATOM   81   C CD2 . LEU A 1 22  ? 7.301   2.101   -8.380  1.00 19.15 ? 12  LEU A CD2 1 
ATOM   82   N N   . ALA A 1 23  ? 2.176   3.167   -7.088  1.00 19.11 ? 13  ALA A N   1 
ATOM   83   C CA  . ALA A 1 23  ? 0.884   2.785   -6.547  1.00 22.10 ? 13  ALA A CA  1 
ATOM   84   C C   . ALA A 1 23  ? -0.045  2.367   -7.696  1.00 23.99 ? 13  ALA A C   1 
ATOM   85   O O   . ALA A 1 23  ? -0.853  1.449   -7.543  1.00 24.78 ? 13  ALA A O   1 
ATOM   86   C CB  . ALA A 1 23  ? 0.276   3.936   -5.788  1.00 20.26 ? 13  ALA A CB  1 
ATOM   87   N N   . GLN A 1 24  ? 0.074   3.033   -8.844  1.00 24.39 ? 14  GLN A N   1 
ATOM   88   C CA  . GLN A 1 24  ? -0.784  2.694   -9.963  1.00 28.11 ? 14  GLN A CA  1 
ATOM   89   C C   . GLN A 1 24  ? -0.409  1.364   -10.614 1.00 29.21 ? 14  GLN A C   1 
ATOM   90   O O   . GLN A 1 24  ? -1.305  0.626   -11.049 1.00 28.60 ? 14  GLN A O   1 
ATOM   91   C CB  . GLN A 1 24  ? -0.804  3.808   -11.008 1.00 30.99 ? 14  GLN A CB  1 
ATOM   92   C CG  . GLN A 1 24  ? -1.628  3.440   -12.234 1.00 37.46 ? 14  GLN A CG  1 
ATOM   93   C CD  . GLN A 1 24  ? -1.788  4.580   -13.231 1.00 43.10 ? 14  GLN A CD  1 
ATOM   94   O OE1 . GLN A 1 24  ? -2.655  5.444   -13.080 1.00 44.24 ? 14  GLN A OE1 1 
ATOM   95   N NE2 . GLN A 1 24  ? -0.941  4.585   -14.256 1.00 46.84 ? 14  GLN A NE2 1 
ATOM   96   N N   . ASP A 1 25  ? 0.891   1.052   -10.682 1.00 27.13 ? 15  ASP A N   1 
ATOM   97   C CA  . ASP A 1 25  ? 1.322   -0.215  -11.273 1.00 27.80 ? 15  ASP A CA  1 
ATOM   98   C C   . ASP A 1 25  ? 0.874   -1.364  -10.382 1.00 27.40 ? 15  ASP A C   1 
ATOM   99   O O   . ASP A 1 25  ? 0.472   -2.433  -10.865 1.00 23.25 ? 15  ASP A O   1 
ATOM   100  C CB  . ASP A 1 25  ? 2.850   -0.319  -11.385 1.00 28.40 ? 15  ASP A CB  1 
ATOM   101  C CG  . ASP A 1 25  ? 3.432   0.571   -12.461 1.00 30.86 ? 15  ASP A CG  1 
ATOM   102  O OD1 . ASP A 1 25  ? 2.723   0.912   -13.435 1.00 32.40 ? 15  ASP A OD1 1 
ATOM   103  O OD2 . ASP A 1 25  ? 4.625   0.917   -12.334 1.00 32.72 ? 15  ASP A OD2 1 
ATOM   104  N N   . TYR A 1 26  ? 0.970   -1.146  -9.071  1.00 26.47 ? 16  TYR A N   1 
ATOM   105  C CA  . TYR A 1 26  ? 0.602   -2.204  -8.153  1.00 26.87 ? 16  TYR A CA  1 
ATOM   106  C C   . TYR A 1 26  ? -0.867  -2.570  -8.228  1.00 27.45 ? 16  TYR A C   1 
ATOM   107  O O   . TYR A 1 26  ? -1.197  -3.754  -8.198  1.00 27.95 ? 16  TYR A O   1 
ATOM   108  C CB  . TYR A 1 26  ? 0.978   -1.868  -6.701  1.00 24.69 ? 16  TYR A CB  1 
ATOM   109  C CG  . TYR A 1 26  ? 0.759   -3.077  -5.814  1.00 23.36 ? 16  TYR A CG  1 
ATOM   110  C CD1 . TYR A 1 26  ? 1.460   -4.256  -6.045  1.00 22.13 ? 16  TYR A CD1 1 
ATOM   111  C CD2 . TYR A 1 26  ? -0.248  -3.088  -4.838  1.00 23.75 ? 16  TYR A CD2 1 
ATOM   112  C CE1 . TYR A 1 26  ? 1.168   -5.436  -5.344  1.00 23.25 ? 16  TYR A CE1 1 
ATOM   113  C CE2 . TYR A 1 26  ? -0.557  -4.263  -4.128  1.00 23.47 ? 16  TYR A CE2 1 
ATOM   114  C CZ  . TYR A 1 26  ? 0.155   -5.428  -4.391  1.00 23.64 ? 16  TYR A CZ  1 
ATOM   115  O OH  . TYR A 1 26  ? -0.137  -6.588  -3.721  1.00 22.42 ? 16  TYR A OH  1 
ATOM   116  N N   . LEU A 1 27  ? -1.755  -1.582  -8.320  1.00 29.96 ? 17  LEU A N   1 
ATOM   117  C CA  . LEU A 1 27  ? -3.187  -1.903  -8.411  1.00 32.41 ? 17  LEU A CA  1 
ATOM   118  C C   . LEU A 1 27  ? -3.597  -2.465  -9.779  1.00 32.19 ? 17  LEU A C   1 
ATOM   119  O O   . LEU A 1 27  ? -4.572  -3.203  -9.869  1.00 32.25 ? 17  LEU A O   1 
ATOM   120  C CB  . LEU A 1 27  ? -4.048  -0.689  -8.060  1.00 34.34 ? 17  LEU A CB  1 
ATOM   121  C CG  . LEU A 1 27  ? -4.228  0.454   -9.046  1.00 39.08 ? 17  LEU A CG  1 
ATOM   122  C CD1 . LEU A 1 27  ? -5.292  0.097   -10.098 1.00 40.32 ? 17  LEU A CD1 1 
ATOM   123  C CD2 . LEU A 1 27  ? -4.676  1.686   -8.261  1.00 41.98 ? 17  LEU A CD2 1 
ATOM   124  N N   . GLN A 1 28  ? -2.870  -2.113  -10.838 1.00 31.03 ? 18  GLN A N   1 
ATOM   125  C CA  . GLN A 1 28  ? -3.185  -2.656  -12.157 1.00 32.75 ? 18  GLN A CA  1 
ATOM   126  C C   . GLN A 1 28  ? -2.764  -4.115  -12.150 1.00 32.60 ? 18  GLN A C   1 
ATOM   127  O O   . GLN A 1 28  ? -3.354  -4.944  -12.837 1.00 31.50 ? 18  GLN A O   1 
ATOM   128  C CB  . GLN A 1 28  ? -2.455  -1.909  -13.270 1.00 34.26 ? 18  GLN A CB  1 
ATOM   129  C CG  . GLN A 1 28  ? -2.966  -0.500  -13.504 1.00 36.57 ? 18  GLN A CG  1 
ATOM   130  C CD  . GLN A 1 28  ? -2.086  0.265   -14.467 1.00 40.18 ? 18  GLN A CD  1 
ATOM   131  O OE1 . GLN A 1 28  ? -0.899  -0.053  -14.618 1.00 42.91 ? 18  GLN A OE1 1 
ATOM   132  N NE2 . GLN A 1 28  ? -2.650  1.282   -15.116 1.00 39.94 ? 18  GLN A NE2 1 
HETATM 133  N N   . CSD A 1 29  ? -1.741  -4.419  -11.351 1.00 32.65 ? 19  CSD A N   1 
HETATM 134  C CA  . CSD A 1 29  ? -1.250  -5.787  -11.182 1.00 31.14 ? 19  CSD A CA  1 
HETATM 135  C CB  . CSD A 1 29  ? 0.059   -5.753  -10.377 1.00 33.27 ? 19  CSD A CB  1 
HETATM 136  S SG  . CSD A 1 29  ? 0.812   -7.323  -9.866  1.00 39.95 ? 19  CSD A SG  1 
HETATM 137  C C   . CSD A 1 29  ? -2.335  -6.575  -10.429 1.00 30.25 ? 19  CSD A C   1 
HETATM 138  O O   . CSD A 1 29  ? -2.725  -7.659  -10.843 1.00 29.84 ? 19  CSD A O   1 
HETATM 139  O OD1 . CSD A 1 29  ? 0.184   -7.761  -8.630  1.00 34.10 ? 19  CSD A OD1 1 
HETATM 140  O OD2 . CSD A 1 29  ? 0.735   -8.204  -11.045 1.00 38.97 ? 19  CSD A OD2 1 
ATOM   141  N N   . VAL A 1 30  ? -2.818  -6.022  -9.317  1.00 29.39 ? 20  VAL A N   1 
ATOM   142  C CA  . VAL A 1 30  ? -3.865  -6.671  -8.522  1.00 30.87 ? 20  VAL A CA  1 
ATOM   143  C C   . VAL A 1 30  ? -5.171  -6.884  -9.316  1.00 31.82 ? 20  VAL A C   1 
ATOM   144  O O   . VAL A 1 30  ? -5.784  -7.947  -9.246  1.00 30.79 ? 20  VAL A O   1 
ATOM   145  C CB  . VAL A 1 30  ? -4.197  -5.844  -7.258  1.00 31.20 ? 20  VAL A CB  1 
ATOM   146  C CG1 . VAL A 1 30  ? -5.342  -6.501  -6.489  1.00 29.33 ? 20  VAL A CG1 1 
ATOM   147  C CG2 . VAL A 1 30  ? -2.958  -5.725  -6.377  1.00 29.97 ? 20  VAL A CG2 1 
ATOM   148  N N   . LEU A 1 31  ? -5.577  -5.869  -10.071 1.00 34.83 ? 21  LEU A N   1 
ATOM   149  C CA  . LEU A 1 31  ? -6.793  -5.938  -10.875 1.00 37.87 ? 21  LEU A CA  1 
ATOM   150  C C   . LEU A 1 31  ? -6.523  -6.651  -12.179 1.00 40.39 ? 21  LEU A C   1 
ATOM   151  O O   . LEU A 1 31  ? -7.342  -6.621  -13.087 1.00 43.04 ? 21  LEU A O   1 
ATOM   152  C CB  . LEU A 1 31  ? -7.327  -4.534  -11.175 1.00 35.72 ? 21  LEU A CB  1 
ATOM   153  C CG  . LEU A 1 31  ? -7.792  -3.757  -9.945  1.00 34.27 ? 21  LEU A CG  1 
ATOM   154  C CD1 . LEU A 1 31  ? -8.360  -2.392  -10.343 1.00 33.39 ? 21  LEU A CD1 1 
ATOM   155  C CD2 . LEU A 1 31  ? -8.836  -4.580  -9.229  1.00 34.61 ? 21  LEU A CD2 1 
ATOM   156  N N   . GLN A 1 32  ? -5.359  -7.273  -12.273 1.00 43.40 ? 22  GLN A N   1 
ATOM   157  C CA  . GLN A 1 32  ? -4.986  -7.996  -13.468 1.00 46.38 ? 22  GLN A CA  1 
ATOM   158  C C   . GLN A 1 32  ? -5.279  -7.282  -14.789 1.00 48.32 ? 22  GLN A C   1 
ATOM   159  O O   . GLN A 1 32  ? -5.971  -7.817  -15.652 1.00 49.05 ? 22  GLN A O   1 
ATOM   160  C CB  . GLN A 1 32  ? -5.661  -9.368  -13.459 1.00 47.77 ? 22  GLN A CB  1 
ATOM   161  C CG  . GLN A 1 32  ? -5.052  -10.346 -12.459 1.00 49.80 ? 22  GLN A CG  1 
ATOM   162  C CD  . GLN A 1 32  ? -5.507  -11.766 -12.712 1.00 52.07 ? 22  GLN A CD  1 
ATOM   163  O OE1 . GLN A 1 32  ? -6.638  -12.135 -12.393 1.00 55.03 ? 22  GLN A OE1 1 
ATOM   164  N NE2 . GLN A 1 32  ? -4.633  -12.567 -13.311 1.00 52.42 ? 22  GLN A NE2 1 
ATOM   165  N N   . ILE A 1 33  ? -4.768  -6.071  -14.954 1.00 50.13 ? 23  ILE A N   1 
ATOM   166  C CA  . ILE A 1 33  ? -4.967  -5.365  -16.203 1.00 52.76 ? 23  ILE A CA  1 
ATOM   167  C C   . ILE A 1 33  ? -3.608  -4.914  -16.723 1.00 55.96 ? 23  ILE A C   1 
ATOM   168  O O   . ILE A 1 33  ? -2.747  -4.480  -15.952 1.00 54.18 ? 23  ILE A O   1 
ATOM   169  C CB  . ILE A 1 33  ? -5.935  -4.165  -16.049 1.00 53.01 ? 23  ILE A CB  1 
ATOM   170  C CG1 . ILE A 1 33  ? -5.512  -3.261  -14.898 1.00 53.91 ? 23  ILE A CG1 1 
ATOM   171  C CG2 . ILE A 1 33  ? -7.339  -4.672  -15.791 1.00 54.39 ? 23  ILE A CG2 1 
ATOM   172  C CD1 . ILE A 1 33  ? -6.463  -2.098  -14.676 1.00 52.98 ? 23  ILE A CD1 1 
ATOM   173  N N   . PRO A 1 34  ? -3.380  -5.060  -18.042 1.00 59.30 ? 24  PRO A N   1 
ATOM   174  C CA  . PRO A 1 34  ? -2.119  -4.671  -18.690 1.00 61.26 ? 24  PRO A CA  1 
ATOM   175  C C   . PRO A 1 34  ? -1.792  -3.184  -18.547 1.00 61.52 ? 24  PRO A C   1 
ATOM   176  O O   . PRO A 1 34  ? -0.915  -2.802  -17.766 1.00 62.58 ? 24  PRO A O   1 
ATOM   177  C CB  . PRO A 1 34  ? -2.339  -5.080  -20.142 1.00 61.46 ? 24  PRO A CB  1 
ATOM   178  C CG  . PRO A 1 34  ? -3.263  -6.274  -20.014 1.00 61.76 ? 24  PRO A CG  1 
ATOM   179  C CD  . PRO A 1 34  ? -4.251  -5.784  -18.987 1.00 60.21 ? 24  PRO A CD  1 
ATOM   180  N N   . PRO A 1 40  ? 6.615   -2.116  -16.634 1.00 48.36 ? 30  PRO A N   1 
ATOM   181  C CA  . PRO A 1 40  ? 7.013   -1.464  -15.376 1.00 46.74 ? 30  PRO A CA  1 
ATOM   182  C C   . PRO A 1 40  ? 8.521   -1.486  -15.120 1.00 44.79 ? 30  PRO A C   1 
ATOM   183  O O   . PRO A 1 40  ? 9.228   -2.347  -15.629 1.00 42.88 ? 30  PRO A O   1 
ATOM   184  C CB  . PRO A 1 40  ? 6.230   -2.246  -14.316 1.00 48.08 ? 30  PRO A CB  1 
ATOM   185  C CG  . PRO A 1 40  ? 6.104   -3.627  -14.925 1.00 48.10 ? 30  PRO A CG  1 
ATOM   186  C CD  . PRO A 1 40  ? 5.775   -3.303  -16.374 1.00 49.92 ? 30  PRO A CD  1 
ATOM   187  N N   . SER A 1 41  ? 9.005   -0.529  -14.332 1.00 43.05 ? 31  SER A N   1 
ATOM   188  C CA  . SER A 1 41  ? 10.425  -0.445  -14.002 1.00 42.14 ? 31  SER A CA  1 
ATOM   189  C C   . SER A 1 41  ? 10.866  -1.581  -13.074 1.00 41.26 ? 31  SER A C   1 
ATOM   190  O O   . SER A 1 41  ? 10.029  -2.289  -12.504 1.00 40.10 ? 31  SER A O   1 
ATOM   191  C CB  . SER A 1 41  ? 10.728  0.900   -13.334 1.00 42.89 ? 31  SER A CB  1 
ATOM   192  O OG  . SER A 1 41  ? 9.939   1.097   -12.175 1.00 43.52 ? 31  SER A OG  1 
ATOM   193  N N   . LYS A 1 42  ? 12.180  -1.751  -12.937 1.00 40.13 ? 32  LYS A N   1 
ATOM   194  C CA  . LYS A 1 42  ? 12.737  -2.776  -12.062 1.00 40.40 ? 32  LYS A CA  1 
ATOM   195  C C   . LYS A 1 42  ? 12.190  -2.598  -10.638 1.00 36.91 ? 32  LYS A C   1 
ATOM   196  O O   . LYS A 1 42  ? 11.745  -3.561  -10.018 1.00 33.70 ? 32  LYS A O   1 
ATOM   197  C CB  . LYS A 1 42  ? 14.265  -2.698  -12.036 1.00 43.60 ? 32  LYS A CB  1 
ATOM   198  C CG  . LYS A 1 42  ? 14.912  -3.750  -11.144 1.00 48.97 ? 32  LYS A CG  1 
ATOM   199  C CD  . LYS A 1 42  ? 16.437  -3.701  -11.210 1.00 52.30 ? 32  LYS A CD  1 
ATOM   200  C CE  . LYS A 1 42  ? 17.045  -4.848  -10.402 1.00 54.49 ? 32  LYS A CE  1 
ATOM   201  N NZ  . LYS A 1 42  ? 16.448  -6.172  -10.788 1.00 53.19 ? 32  LYS A NZ  1 
ATOM   202  N N   . THR A 1 43  ? 12.217  -1.363  -10.137 1.00 34.95 ? 33  THR A N   1 
ATOM   203  C CA  . THR A 1 43  ? 11.688  -1.053  -8.799  1.00 32.19 ? 33  THR A CA  1 
ATOM   204  C C   . THR A 1 43  ? 10.274  -1.602  -8.655  1.00 30.31 ? 33  THR A C   1 
ATOM   205  O O   . THR A 1 43  ? 9.972   -2.356  -7.716  1.00 29.24 ? 33  THR A O   1 
ATOM   206  C CB  . THR A 1 43  ? 11.609  0.474   -8.558  1.00 32.91 ? 33  THR A CB  1 
ATOM   207  O OG1 . THR A 1 43  ? 12.924  1.035   -8.623  1.00 37.89 ? 33  THR A OG1 1 
ATOM   208  C CG2 . THR A 1 43  ? 10.988  0.776   -7.194  1.00 33.08 ? 33  THR A CG2 1 
ATOM   209  N N   . SER A 1 44  ? 9.413   -1.226  -9.597  1.00 26.95 ? 34  SER A N   1 
ATOM   210  C CA  . SER A 1 44  ? 8.021   -1.660  -9.576  1.00 27.21 ? 34  SER A CA  1 
ATOM   211  C C   . SER A 1 44  ? 7.835   -3.171  -9.643  1.00 25.59 ? 34  SER A C   1 
ATOM   212  O O   . SER A 1 44  ? 6.955   -3.716  -8.974  1.00 27.22 ? 34  SER A O   1 
ATOM   213  C CB  . SER A 1 44  ? 7.239   -0.981  -10.707 1.00 28.24 ? 34  SER A CB  1 
ATOM   214  O OG  . SER A 1 44  ? 5.909   -1.465  -10.757 1.00 26.41 ? 34  SER A OG  1 
ATOM   215  N N   . ARG A 1 45  ? 8.646   -3.853  -10.451 1.00 25.54 ? 35  ARG A N   1 
ATOM   216  C CA  . ARG A 1 45  ? 8.567   -5.314  -10.552 1.00 23.63 ? 35  ARG A CA  1 
ATOM   217  C C   . ARG A 1 45  ? 8.998   -5.898  -9.194  1.00 23.88 ? 35  ARG A C   1 
ATOM   218  O O   . ARG A 1 45  ? 8.356   -6.809  -8.661  1.00 22.68 ? 35  ARG A O   1 
ATOM   219  C CB  . ARG A 1 45  ? 9.492   -5.832  -11.664 1.00 26.11 ? 35  ARG A CB  1 
ATOM   220  C CG  . ARG A 1 45  ? 9.053   -5.470  -13.092 1.00 25.65 ? 35  ARG A CG  1 
ATOM   221  C CD  . ARG A 1 45  ? 10.280  -5.271  -13.995 1.00 32.59 ? 35  ARG A CD  1 
ATOM   222  N NE  . ARG A 1 45  ? 9.912   -4.981  -15.381 1.00 35.54 ? 35  ARG A NE  1 
ATOM   223  C CZ  . ARG A 1 45  ? 9.406   -5.882  -16.226 1.00 37.48 ? 35  ARG A CZ  1 
ATOM   224  N NH1 . ARG A 1 45  ? 9.213   -7.147  -15.842 1.00 34.99 ? 35  ARG A NH1 1 
ATOM   225  N NH2 . ARG A 1 45  ? 9.062   -5.508  -17.454 1.00 37.60 ? 35  ARG A NH2 1 
ATOM   226  N N   . VAL A 1 46  ? 10.081  -5.376  -8.626  1.00 21.41 ? 36  VAL A N   1 
ATOM   227  C CA  . VAL A 1 46  ? 10.501  -5.864  -7.329  1.00 22.24 ? 36  VAL A CA  1 
ATOM   228  C C   . VAL A 1 46  ? 9.389   -5.628  -6.272  1.00 23.07 ? 36  VAL A C   1 
ATOM   229  O O   . VAL A 1 46  ? 9.075   -6.520  -5.491  1.00 22.08 ? 36  VAL A O   1 
ATOM   230  C CB  . VAL A 1 46  ? 11.819  -5.179  -6.867  1.00 23.68 ? 36  VAL A CB  1 
ATOM   231  C CG1 . VAL A 1 46  ? 12.202  -5.666  -5.454  1.00 22.80 ? 36  VAL A CG1 1 
ATOM   232  C CG2 . VAL A 1 46  ? 12.947  -5.511  -7.850  1.00 24.20 ? 36  VAL A CG2 1 
ATOM   233  N N   . LEU A 1 47  ? 8.790   -4.434  -6.257  1.00 24.36 ? 37  LEU A N   1 
ATOM   234  C CA  . LEU A 1 47  ? 7.739   -4.106  -5.283  1.00 24.66 ? 37  LEU A CA  1 
ATOM   235  C C   . LEU A 1 47  ? 6.498   -4.999  -5.410  1.00 26.85 ? 37  LEU A C   1 
ATOM   236  O O   . LEU A 1 47  ? 6.024   -5.560  -4.422  1.00 24.50 ? 37  LEU A O   1 
ATOM   237  C CB  . LEU A 1 47  ? 7.315   -2.635  -5.440  1.00 26.29 ? 37  LEU A CB  1 
ATOM   238  C CG  . LEU A 1 47  ? 6.202   -2.132  -4.508  1.00 28.80 ? 37  LEU A CG  1 
ATOM   239  C CD1 . LEU A 1 47  ? 6.714   -2.264  -3.060  1.00 24.30 ? 37  LEU A CD1 1 
ATOM   240  C CD2 . LEU A 1 47  ? 5.811   -0.658  -4.823  1.00 24.96 ? 37  LEU A CD2 1 
ATOM   241  N N   . GLN A 1 48  ? 5.985   -5.132  -6.633  1.00 27.88 ? 38  GLN A N   1 
ATOM   242  C CA  . GLN A 1 48  ? 4.783   -5.925  -6.902  1.00 31.12 ? 38  GLN A CA  1 
ATOM   243  C C   . GLN A 1 48  ? 4.931   -7.316  -6.328  1.00 31.27 ? 38  GLN A C   1 
ATOM   244  O O   . GLN A 1 48  ? 4.037   -7.855  -5.675  1.00 31.73 ? 38  GLN A O   1 
ATOM   245  C CB  . GLN A 1 48  ? 4.537   -6.006  -8.423  1.00 33.09 ? 38  GLN A CB  1 
ATOM   246  C CG  . GLN A 1 48  ? 4.046   -4.698  -9.041  1.00 35.93 ? 38  GLN A CG  1 
ATOM   247  C CD  . GLN A 1 48  ? 4.076   -4.712  -10.560 1.00 39.11 ? 38  GLN A CD  1 
ATOM   248  O OE1 . GLN A 1 48  ? 3.767   -5.725  -11.191 1.00 41.77 ? 38  GLN A OE1 1 
ATOM   249  N NE2 . GLN A 1 48  ? 4.441   -3.577  -11.155 1.00 40.10 ? 38  GLN A NE2 1 
ATOM   250  N N   . ASN A 1 49  ? 6.091   -7.891  -6.567  1.00 31.93 ? 39  ASN A N   1 
ATOM   251  C CA  . ASN A 1 49  ? 6.383   -9.219  -6.081  1.00 33.42 ? 39  ASN A CA  1 
ATOM   252  C C   . ASN A 1 49  ? 6.404   -9.281  -4.538  1.00 32.93 ? 39  ASN A C   1 
ATOM   253  O O   . ASN A 1 49  ? 5.747   -10.140 -3.936  1.00 35.55 ? 39  ASN A O   1 
ATOM   254  C CB  . ASN A 1 49  ? 7.713   -9.653  -6.714  1.00 37.41 ? 39  ASN A CB  1 
ATOM   255  C CG  . ASN A 1 49  ? 8.212   -10.963 -6.184  1.00 41.00 ? 39  ASN A CG  1 
ATOM   256  O OD1 . ASN A 1 49  ? 9.160   -11.001 -5.396  1.00 44.58 ? 39  ASN A OD1 1 
ATOM   257  N ND2 . ASN A 1 49  ? 7.582   -12.051 -6.610  1.00 43.81 ? 39  ASN A ND2 1 
ATOM   258  N N   . VAL A 1 50  ? 7.122   -8.374  -3.877  1.00 31.15 ? 40  VAL A N   1 
ATOM   259  C CA  . VAL A 1 50  ? 7.152   -8.411  -2.401  1.00 29.53 ? 40  VAL A CA  1 
ATOM   260  C C   . VAL A 1 50  ? 5.837   -7.908  -1.778  1.00 26.90 ? 40  VAL A C   1 
ATOM   261  O O   . VAL A 1 50  ? 5.329   -8.483  -0.819  1.00 26.10 ? 40  VAL A O   1 
ATOM   262  C CB  . VAL A 1 50  ? 8.358   -7.587  -1.822  1.00 31.43 ? 40  VAL A CB  1 
ATOM   263  C CG1 . VAL A 1 50  ? 8.129   -6.082  -2.019  1.00 30.61 ? 40  VAL A CG1 1 
ATOM   264  C CG2 . VAL A 1 50  ? 8.546   -7.901  -0.354  1.00 32.88 ? 40  VAL A CG2 1 
ATOM   265  N N   . ALA A 1 51  ? 5.258   -6.852  -2.338  1.00 25.64 ? 41  ALA A N   1 
ATOM   266  C CA  . ALA A 1 51  ? 4.009   -6.334  -1.789  1.00 25.52 ? 41  ALA A CA  1 
ATOM   267  C C   . ALA A 1 51  ? 2.859   -7.347  -1.925  1.00 25.89 ? 41  ALA A C   1 
ATOM   268  O O   . ALA A 1 51  ? 2.043   -7.486  -1.016  1.00 24.22 ? 41  ALA A O   1 
ATOM   269  C CB  . ALA A 1 51  ? 3.644   -5.013  -2.465  1.00 25.91 ? 41  ALA A CB  1 
ATOM   270  N N   . PHE A 1 52  ? 2.801   -8.059  -3.052  1.00 26.84 ? 42  PHE A N   1 
ATOM   271  C CA  . PHE A 1 52  ? 1.759   -9.050  -3.244  1.00 27.77 ? 42  PHE A CA  1 
ATOM   272  C C   . PHE A 1 52  ? 1.911   -10.211 -2.250  1.00 29.08 ? 42  PHE A C   1 
ATOM   273  O O   . PHE A 1 52  ? 0.919   -10.776 -1.783  1.00 27.31 ? 42  PHE A O   1 
ATOM   274  C CB  . PHE A 1 52  ? 1.778   -9.607  -4.661  1.00 31.83 ? 42  PHE A CB  1 
ATOM   275  C CG  . PHE A 1 52  ? 0.616   -10.496 -4.942  1.00 34.45 ? 42  PHE A CG  1 
ATOM   276  C CD1 . PHE A 1 52  ? -0.669  -9.969  -4.974  1.00 36.59 ? 42  PHE A CD1 1 
ATOM   277  C CD2 . PHE A 1 52  ? 0.785   -11.862 -5.086  1.00 35.15 ? 42  PHE A CD2 1 
ATOM   278  C CE1 . PHE A 1 52  ? -1.777  -10.797 -5.141  1.00 37.47 ? 42  PHE A CE1 1 
ATOM   279  C CE2 . PHE A 1 52  ? -0.315  -12.700 -5.254  1.00 36.90 ? 42  PHE A CE2 1 
ATOM   280  C CZ  . PHE A 1 52  ? -1.596  -12.164 -5.280  1.00 37.44 ? 42  PHE A CZ  1 
ATOM   281  N N   . SER A 1 53  ? 3.154   -10.581 -1.954  1.00 29.04 ? 43  SER A N   1 
ATOM   282  C CA  . SER A 1 53  ? 3.418   -11.632 -0.989  1.00 32.14 ? 43  SER A CA  1 
ATOM   283  C C   . SER A 1 53  ? 2.881   -11.199 0.377   1.00 31.43 ? 43  SER A C   1 
ATOM   284  O O   . SER A 1 53  ? 2.259   -11.986 1.083   1.00 31.03 ? 43  SER A O   1 
ATOM   285  C CB  . SER A 1 53  ? 4.923   -11.904 -0.875  1.00 35.47 ? 43  SER A CB  1 
ATOM   286  O OG  . SER A 1 53  ? 5.182   -12.721 0.249   1.00 38.47 ? 43  SER A OG  1 
ATOM   287  N N   . VAL A 1 54  ? 3.116   -9.944  0.746   1.00 30.95 ? 44  VAL A N   1 
ATOM   288  C CA  . VAL A 1 54  ? 2.612   -9.430  2.023   1.00 29.20 ? 44  VAL A CA  1 
ATOM   289  C C   . VAL A 1 54  ? 1.091   -9.355  2.037   1.00 29.33 ? 44  VAL A C   1 
ATOM   290  O O   . VAL A 1 54  ? 0.459   -9.630  3.068   1.00 26.51 ? 44  VAL A O   1 
ATOM   291  C CB  . VAL A 1 54  ? 3.157   -8.018  2.326   1.00 28.98 ? 44  VAL A CB  1 
ATOM   292  C CG1 . VAL A 1 54  ? 2.396   -7.392  3.498   1.00 26.37 ? 44  VAL A CG1 1 
ATOM   293  C CG2 . VAL A 1 54  ? 4.627   -8.104  2.621   1.00 27.49 ? 44  VAL A CG2 1 
ATOM   294  N N   . GLN A 1 55  ? 0.508   -8.969  0.898   1.00 28.78 ? 45  GLN A N   1 
ATOM   295  C CA  . GLN A 1 55  ? -0.952  -8.846  0.778   1.00 31.04 ? 45  GLN A CA  1 
ATOM   296  C C   . GLN A 1 55  ? -1.631  -10.190 1.089   1.00 32.86 ? 45  GLN A C   1 
ATOM   297  O O   . GLN A 1 55  ? -2.605  -10.254 1.843   1.00 31.53 ? 45  GLN A O   1 
ATOM   298  C CB  . GLN A 1 55  ? -1.337  -8.388  -0.639  1.00 29.57 ? 45  GLN A CB  1 
ATOM   299  C CG  . GLN A 1 55  ? -2.809  -8.025  -0.781  1.00 33.32 ? 45  GLN A CG  1 
ATOM   300  C CD  . GLN A 1 55  ? -3.179  -7.522  -2.188  1.00 35.96 ? 45  GLN A CD  1 
ATOM   301  O OE1 . GLN A 1 55  ? -2.524  -6.634  -2.750  1.00 32.06 ? 45  GLN A OE1 1 
ATOM   302  N NE2 . GLN A 1 55  ? -4.240  -8.089  -2.749  1.00 36.71 ? 45  GLN A NE2 1 
ATOM   303  N N   . LYS A 1 56  ? -1.110  -11.264 0.506   1.00 36.28 ? 46  LYS A N   1 
ATOM   304  C CA  . LYS A 1 56  ? -1.683  -12.583 0.751   1.00 40.98 ? 46  LYS A CA  1 
ATOM   305  C C   . LYS A 1 56  ? -1.614  -12.928 2.234   1.00 41.76 ? 46  LYS A C   1 
ATOM   306  O O   . LYS A 1 56  ? -2.561  -13.468 2.790   1.00 42.45 ? 46  LYS A O   1 
ATOM   307  C CB  . LYS A 1 56  ? -0.963  -13.646 -0.083  1.00 42.02 ? 46  LYS A CB  1 
ATOM   308  C CG  . LYS A 1 56  ? -1.210  -13.511 -1.595  1.00 43.78 ? 46  LYS A CG  1 
ATOM   309  C CD  . LYS A 1 56  ? -0.388  -14.526 -2.378  1.00 47.89 ? 46  LYS A CD  1 
ATOM   310  C CE  . LYS A 1 56  ? 1.109   -14.420 -2.042  1.00 50.03 ? 46  LYS A CE  1 
ATOM   311  N NZ  . LYS A 1 56  ? 1.932   -15.513 -2.646  1.00 49.93 ? 46  LYS A NZ  1 
ATOM   312  N N   . GLU A 1 57  ? -0.498  -12.604 2.876   1.00 44.50 ? 47  GLU A N   1 
ATOM   313  C CA  . GLU A 1 57  ? -0.349  -12.882 4.297   1.00 47.76 ? 47  GLU A CA  1 
ATOM   314  C C   . GLU A 1 57  ? -1.299  -12.049 5.159   1.00 48.62 ? 47  GLU A C   1 
ATOM   315  O O   . GLU A 1 57  ? -1.846  -12.549 6.140   1.00 47.85 ? 47  GLU A O   1 
ATOM   316  C CB  . GLU A 1 57  ? 1.092   -12.641 4.740   1.00 50.82 ? 47  GLU A CB  1 
ATOM   317  C CG  . GLU A 1 57  ? 1.231   -12.399 6.240   1.00 55.92 ? 47  GLU A CG  1 
ATOM   318  C CD  . GLU A 1 57  ? 2.553   -12.891 6.807   1.00 59.98 ? 47  GLU A CD  1 
ATOM   319  O OE1 . GLU A 1 57  ? 3.618   -12.558 6.231   1.00 61.02 ? 47  GLU A OE1 1 
ATOM   320  O OE2 . GLU A 1 57  ? 2.517   -13.608 7.837   1.00 61.85 ? 47  GLU A OE2 1 
ATOM   321  N N   . VAL A 1 58  ? -1.482  -10.780 4.800   1.00 48.87 ? 48  VAL A N   1 
ATOM   322  C CA  . VAL A 1 58  ? -2.378  -9.903  5.545   1.00 49.95 ? 48  VAL A CA  1 
ATOM   323  C C   . VAL A 1 58  ? -3.816  -10.386 5.369   1.00 51.12 ? 48  VAL A C   1 
ATOM   324  O O   . VAL A 1 58  ? -4.587  -10.451 6.329   1.00 50.02 ? 48  VAL A O   1 
ATOM   325  C CB  . VAL A 1 58  ? -2.292  -8.433  5.040   1.00 49.79 ? 48  VAL A CB  1 
ATOM   326  C CG1 . VAL A 1 58  ? -3.353  -7.577  5.718   1.00 49.67 ? 48  VAL A CG1 1 
ATOM   327  C CG2 . VAL A 1 58  ? -0.916  -7.865  5.320   1.00 50.82 ? 48  VAL A CG2 1 
ATOM   328  N N   . GLU A 1 59  ? -4.163  -10.736 4.135   1.00 52.91 ? 49  GLU A N   1 
ATOM   329  C CA  . GLU A 1 59  ? -5.509  -11.187 3.824   1.00 55.62 ? 49  GLU A CA  1 
ATOM   330  C C   . GLU A 1 59  ? -5.999  -12.364 4.649   1.00 57.83 ? 49  GLU A C   1 
ATOM   331  O O   . GLU A 1 59  ? -7.150  -12.377 5.081   1.00 58.74 ? 49  GLU A O   1 
ATOM   332  C CB  . GLU A 1 59  ? -5.629  -11.512 2.332   1.00 54.62 ? 49  GLU A CB  1 
ATOM   333  C CG  . GLU A 1 59  ? -5.458  -10.282 1.466   1.00 56.37 ? 49  GLU A CG  1 
ATOM   334  C CD  . GLU A 1 59  ? -5.950  -10.462 0.049   1.00 56.38 ? 49  GLU A CD  1 
ATOM   335  O OE1 . GLU A 1 59  ? -5.506  -11.414 -0.626  1.00 58.15 ? 49  GLU A OE1 1 
ATOM   336  O OE2 . GLU A 1 59  ? -6.776  -9.639  -0.391  1.00 56.37 ? 49  GLU A OE2 1 
ATOM   337  N N   . LYS A 1 60  ? -5.143  -13.352 4.876   1.00 59.63 ? 50  LYS A N   1 
ATOM   338  C CA  . LYS A 1 60  ? -5.563  -14.510 5.643   1.00 62.15 ? 50  LYS A CA  1 
ATOM   339  C C   . LYS A 1 60  ? -5.559  -14.270 7.142   1.00 63.79 ? 50  LYS A C   1 
ATOM   340  O O   . LYS A 1 60  ? -6.457  -14.741 7.840   1.00 65.25 ? 50  LYS A O   1 
ATOM   341  C CB  . LYS A 1 60  ? -4.696  -15.726 5.314   1.00 62.47 ? 50  LYS A CB  1 
ATOM   342  C CG  . LYS A 1 60  ? -3.234  -15.573 5.661   1.00 64.03 ? 50  LYS A CG  1 
ATOM   343  C CD  . LYS A 1 60  ? -2.469  -16.857 5.373   1.00 65.40 ? 50  LYS A CD  1 
ATOM   344  C CE  . LYS A 1 60  ? -2.577  -17.254 3.905   1.00 65.79 ? 50  LYS A CE  1 
ATOM   345  N NZ  . LYS A 1 60  ? -1.697  -18.413 3.582   1.00 66.14 ? 50  LYS A NZ  1 
ATOM   346  N N   . ASN A 1 61  ? -4.568  -13.534 7.640   1.00 65.87 ? 51  ASN A N   1 
ATOM   347  C CA  . ASN A 1 61  ? -4.470  -13.266 9.071   1.00 67.97 ? 51  ASN A CA  1 
ATOM   348  C C   . ASN A 1 61  ? -5.466  -12.240 9.604   1.00 69.95 ? 51  ASN A C   1 
ATOM   349  O O   . ASN A 1 61  ? -5.960  -12.381 10.721  1.00 70.23 ? 51  ASN A O   1 
ATOM   350  C CB  . ASN A 1 61  ? -3.050  -12.824 9.441   1.00 68.05 ? 51  ASN A CB  1 
ATOM   351  C CG  . ASN A 1 61  ? -2.004  -13.885 9.129   1.00 68.93 ? 51  ASN A CG  1 
ATOM   352  O OD1 . ASN A 1 61  ? -2.328  -15.058 8.929   1.00 69.34 ? 51  ASN A OD1 1 
ATOM   353  N ND2 . ASN A 1 61  ? -0.738  -13.476 9.100   1.00 69.51 ? 51  ASN A ND2 1 
ATOM   354  N N   . LEU A 1 62  ? -5.760  -11.210 8.815   1.00 72.44 ? 52  LEU A N   1 
ATOM   355  C CA  . LEU A 1 62  ? -6.697  -10.170 9.239   1.00 75.95 ? 52  LEU A CA  1 
ATOM   356  C C   . LEU A 1 62  ? -8.064  -10.397 8.608   1.00 79.38 ? 52  LEU A C   1 
ATOM   357  O O   . LEU A 1 62  ? -8.926  -9.514  8.615   1.00 80.61 ? 52  LEU A O   1 
ATOM   358  C CB  . LEU A 1 62  ? -6.164  -8.791  8.845   1.00 74.39 ? 52  LEU A CB  1 
ATOM   359  C CG  . LEU A 1 62  ? -4.724  -8.500  9.283   1.00 73.49 ? 52  LEU A CG  1 
ATOM   360  C CD1 . LEU A 1 62  ? -4.359  -7.060  8.955   1.00 72.24 ? 52  LEU A CD1 1 
ATOM   361  C CD2 . LEU A 1 62  ? -4.586  -8.759  10.774  1.00 73.12 ? 52  LEU A CD2 1 
ATOM   362  N N   . LYS A 1 63  ? -8.241  -11.600 8.069   1.00 83.34 ? 53  LYS A N   1 
ATOM   363  C CA  . LYS A 1 63  ? -9.466  -12.033 7.403   1.00 86.26 ? 53  LYS A CA  1 
ATOM   364  C C   . LYS A 1 63  ? -10.775 -11.577 8.049   1.00 86.97 ? 53  LYS A C   1 
ATOM   365  O O   . LYS A 1 63  ? -11.408 -10.631 7.582   1.00 87.32 ? 53  LYS A O   1 
ATOM   366  C CB  . LYS A 1 63  ? -9.465  -13.564 7.289   1.00 88.50 ? 53  LYS A CB  1 
ATOM   367  C CG  . LYS A 1 63  ? -10.713 -14.166 6.653   1.00 92.65 ? 53  LYS A CG  1 
ATOM   368  C CD  . LYS A 1 63  ? -10.644 -15.690 6.644   1.00 94.74 ? 53  LYS A CD  1 
ATOM   369  C CE  . LYS A 1 63  ? -11.901 -16.307 6.047   1.00 95.30 ? 53  LYS A CE  1 
ATOM   370  N NZ  . LYS A 1 63  ? -11.840 -17.793 6.051   1.00 94.32 ? 53  LYS A NZ  1 
ATOM   371  N N   . SER A 1 64  ? -11.176 -12.264 9.116   1.00 87.47 ? 54  SER A N   1 
ATOM   372  C CA  . SER A 1 64  ? -12.424 -11.966 9.817   1.00 88.49 ? 54  SER A CA  1 
ATOM   373  C C   . SER A 1 64  ? -12.645 -10.483 10.137  1.00 88.78 ? 54  SER A C   1 
ATOM   374  O O   . SER A 1 64  ? -13.784 -10.013 10.175  1.00 88.76 ? 54  SER A O   1 
ATOM   375  C CB  . SER A 1 64  ? -12.498 -12.792 11.108  1.00 88.77 ? 54  SER A CB  1 
ATOM   376  O OG  . SER A 1 64  ? -13.808 -12.783 11.658  1.00 91.62 ? 54  SER A OG  1 
ATOM   377  N N   . CYS A 1 65  ? -11.561 -9.747  10.356  1.00 88.93 ? 55  CYS A N   1 
ATOM   378  C CA  . CYS A 1 65  ? -11.659 -8.327  10.675  1.00 88.92 ? 55  CYS A CA  1 
ATOM   379  C C   . CYS A 1 65  ? -12.038 -7.432  9.490   1.00 88.31 ? 55  CYS A C   1 
ATOM   380  O O   . CYS A 1 65  ? -12.798 -6.476  9.647   1.00 88.61 ? 55  CYS A O   1 
ATOM   381  C CB  . CYS A 1 65  ? -10.345 -7.832  11.270  1.00 89.50 ? 55  CYS A CB  1 
ATOM   382  S SG  . CYS A 1 65  ? -10.324 -6.051  11.519  1.00 92.10 ? 55  CYS A SG  1 
ATOM   383  N N   . LEU A 1 66  ? -11.504 -7.734  8.311   1.00 87.12 ? 56  LEU A N   1 
ATOM   384  C CA  . LEU A 1 66  ? -11.791 -6.936  7.123   1.00 85.45 ? 56  LEU A CA  1 
ATOM   385  C C   . LEU A 1 66  ? -13.192 -7.179  6.558   1.00 84.28 ? 56  LEU A C   1 
ATOM   386  O O   . LEU A 1 66  ? -13.766 -6.305  5.907   1.00 83.52 ? 56  LEU A O   1 
ATOM   387  C CB  . LEU A 1 66  ? -10.739 -7.213  6.045   1.00 85.29 ? 56  LEU A CB  1 
ATOM   388  C CG  . LEU A 1 66  ? -9.294  -6.851  6.407   1.00 84.62 ? 56  LEU A CG  1 
ATOM   389  C CD1 . LEU A 1 66  ? -8.354  -7.337  5.318   1.00 84.37 ? 56  LEU A CD1 1 
ATOM   390  C CD2 . LEU A 1 66  ? -9.168  -5.348  6.593   1.00 84.04 ? 56  LEU A CD2 1 
ATOM   391  N N   . ASP A 1 67  ? -13.741 -8.364  6.809   1.00 82.40 ? 57  ASP A N   1 
ATOM   392  C CA  . ASP A 1 67  ? -15.075 -8.711  6.325   1.00 80.39 ? 57  ASP A CA  1 
ATOM   393  C C   . ASP A 1 67  ? -16.145 -7.752  6.832   1.00 78.44 ? 57  ASP A C   1 
ATOM   394  O O   . ASP A 1 67  ? -17.093 -7.431  6.114   1.00 79.19 ? 57  ASP A O   1 
ATOM   395  C CB  . ASP A 1 67  ? -15.459 -10.130 6.757   1.00 81.10 ? 57  ASP A CB  1 
ATOM   396  C CG  . ASP A 1 67  ? -14.712 -11.195 5.992   1.00 81.46 ? 57  ASP A CG  1 
ATOM   397  O OD1 . ASP A 1 67  ? -14.648 -11.089 4.750   1.00 82.49 ? 57  ASP A OD1 1 
ATOM   398  O OD2 . ASP A 1 67  ? -14.203 -12.144 6.624   1.00 81.80 ? 57  ASP A OD2 1 
ATOM   399  N N   . ASN A 1 68  ? -15.987 -7.304  8.074   1.00 75.17 ? 58  ASN A N   1 
ATOM   400  C CA  . ASN A 1 68  ? -16.954 -6.406  8.688   1.00 71.64 ? 58  ASN A CA  1 
ATOM   401  C C   . ASN A 1 68  ? -16.787 -4.939  8.319   1.00 68.08 ? 58  ASN A C   1 
ATOM   402  O O   . ASN A 1 68  ? -17.165 -4.060  9.087   1.00 67.93 ? 58  ASN A O   1 
ATOM   403  C CB  . ASN A 1 68  ? -16.919 -6.560  10.208  1.00 73.06 ? 58  ASN A CB  1 
ATOM   404  C CG  . ASN A 1 68  ? -15.543 -6.311  10.785  1.00 74.77 ? 58  ASN A CG  1 
ATOM   405  O OD1 . ASN A 1 68  ? -14.978 -5.225  10.630  1.00 76.66 ? 58  ASN A OD1 1 
ATOM   406  N ND2 . ASN A 1 68  ? -14.993 -7.318  11.458  1.00 75.77 ? 58  ASN A ND2 1 
ATOM   407  N N   . VAL A 1 69  ? -16.203 -4.679  7.155   1.00 63.27 ? 59  VAL A N   1 
ATOM   408  C CA  . VAL A 1 69  ? -16.032 -3.310  6.671   1.00 58.92 ? 59  VAL A CA  1 
ATOM   409  C C   . VAL A 1 69  ? -16.365 -3.308  5.184   1.00 54.74 ? 59  VAL A C   1 
ATOM   410  O O   . VAL A 1 69  ? -15.789 -4.072  4.403   1.00 54.29 ? 59  VAL A O   1 
ATOM   411  C CB  . VAL A 1 69  ? -14.593 -2.783  6.864   1.00 59.59 ? 59  VAL A CB  1 
ATOM   412  C CG1 . VAL A 1 69  ? -14.464 -1.407  6.234   1.00 58.63 ? 59  VAL A CG1 1 
ATOM   413  C CG2 . VAL A 1 69  ? -14.265 -2.697  8.342   1.00 60.35 ? 59  VAL A CG2 1 
ATOM   414  N N   . ASN A 1 70  ? -17.303 -2.457  4.794   1.00 49.34 ? 60  ASN A N   1 
ATOM   415  C CA  . ASN A 1 70  ? -17.703 -2.397  3.401   1.00 44.87 ? 60  ASN A CA  1 
ATOM   416  C C   . ASN A 1 70  ? -17.167 -1.154  2.719   1.00 41.45 ? 60  ASN A C   1 
ATOM   417  O O   . ASN A 1 70  ? -17.548 -0.030  3.062   1.00 40.74 ? 60  ASN A O   1 
ATOM   418  C CB  . ASN A 1 70  ? -19.228 -2.457  3.304   1.00 45.00 ? 60  ASN A CB  1 
ATOM   419  C CG  . ASN A 1 70  ? -19.810 -3.594  4.141   1.00 46.29 ? 60  ASN A CG  1 
ATOM   420  O OD1 . ASN A 1 70  ? -19.320 -4.728  4.096   1.00 45.12 ? 60  ASN A OD1 1 
ATOM   421  N ND2 . ASN A 1 70  ? -20.861 -3.293  4.910   1.00 46.82 ? 60  ASN A ND2 1 
ATOM   422  N N   . VAL A 1 71  ? -16.262 -1.366  1.765   1.00 36.71 ? 61  VAL A N   1 
ATOM   423  C CA  . VAL A 1 71  ? -15.661 -0.265  1.016   1.00 35.88 ? 61  VAL A CA  1 
ATOM   424  C C   . VAL A 1 71  ? -16.566 -0.065  -0.189  1.00 34.65 ? 61  VAL A C   1 
ATOM   425  O O   . VAL A 1 71  ? -16.328 -0.615  -1.279  1.00 33.64 ? 61  VAL A O   1 
ATOM   426  C CB  . VAL A 1 71  ? -14.218 -0.616  0.585   1.00 36.18 ? 61  VAL A CB  1 
ATOM   427  C CG1 . VAL A 1 71  ? -13.538 0.602   -0.036  1.00 35.67 ? 61  VAL A CG1 1 
ATOM   428  C CG2 . VAL A 1 71  ? -13.435 -1.117  1.802   1.00 35.68 ? 61  VAL A CG2 1 
ATOM   429  N N   . VAL A 1 72  ? -17.615 0.726   0.035   1.00 33.43 ? 62  VAL A N   1 
ATOM   430  C CA  . VAL A 1 72  ? -18.637 0.963   -0.965  1.00 31.35 ? 62  VAL A CA  1 
ATOM   431  C C   . VAL A 1 72  ? -18.393 2.162   -1.841  1.00 30.82 ? 62  VAL A C   1 
ATOM   432  O O   . VAL A 1 72  ? -19.106 2.379   -2.823  1.00 30.07 ? 62  VAL A O   1 
ATOM   433  C CB  . VAL A 1 72  ? -20.034 1.089   -0.291  1.00 33.62 ? 62  VAL A CB  1 
ATOM   434  C CG1 . VAL A 1 72  ? -20.303 -0.147  0.548   1.00 32.61 ? 62  VAL A CG1 1 
ATOM   435  C CG2 . VAL A 1 72  ? -20.107 2.348   0.590   1.00 32.29 ? 62  VAL A CG2 1 
ATOM   436  N N   . SER A 1 73  ? -17.379 2.943   -1.489  1.00 28.68 ? 63  SER A N   1 
ATOM   437  C CA  . SER A 1 73  ? -17.048 4.123   -2.259  1.00 27.33 ? 63  SER A CA  1 
ATOM   438  C C   . SER A 1 73  ? -15.579 4.465   -2.062  1.00 26.92 ? 63  SER A C   1 
ATOM   439  O O   . SER A 1 73  ? -14.929 3.935   -1.159  1.00 25.51 ? 63  SER A O   1 
ATOM   440  C CB  . SER A 1 73  ? -17.912 5.306   -1.811  1.00 25.20 ? 63  SER A CB  1 
ATOM   441  O OG  . SER A 1 73  ? -17.429 5.856   -0.592  1.00 29.27 ? 63  SER A OG  1 
ATOM   442  N N   . VAL A 1 74  ? -15.069 5.347   -2.921  1.00 26.66 ? 64  VAL A N   1 
ATOM   443  C CA  . VAL A 1 74  ? -13.699 5.808   -2.836  1.00 28.52 ? 64  VAL A CA  1 
ATOM   444  C C   . VAL A 1 74  ? -13.511 6.644   -1.566  1.00 29.69 ? 64  VAL A C   1 
ATOM   445  O O   . VAL A 1 74  ? -12.424 6.648   -0.983  1.00 29.84 ? 64  VAL A O   1 
ATOM   446  C CB  . VAL A 1 74  ? -13.321 6.664   -4.065  1.00 31.19 ? 64  VAL A CB  1 
ATOM   447  C CG1 . VAL A 1 74  ? -11.911 7.240   -3.901  1.00 32.47 ? 64  VAL A CG1 1 
ATOM   448  C CG2 . VAL A 1 74  ? -13.386 5.803   -5.326  1.00 34.09 ? 64  VAL A CG2 1 
ATOM   449  N N   . ASP A 1 75  ? -14.570 7.336   -1.131  1.00 29.74 ? 65  ASP A N   1 
ATOM   450  C CA  . ASP A 1 75  ? -14.497 8.161   0.070   1.00 30.88 ? 65  ASP A CA  1 
ATOM   451  C C   . ASP A 1 75  ? -14.181 7.296   1.263   1.00 30.51 ? 65  ASP A C   1 
ATOM   452  O O   . ASP A 1 75  ? -13.340 7.638   2.083   1.00 30.37 ? 65  ASP A O   1 
ATOM   453  C CB  . ASP A 1 75  ? -15.821 8.873   0.347   1.00 34.12 ? 65  ASP A CB  1 
ATOM   454  C CG  . ASP A 1 75  ? -16.124 9.935   -0.661  1.00 34.50 ? 65  ASP A CG  1 
ATOM   455  O OD1 . ASP A 1 75  ? -15.204 10.734  -0.983  1.00 35.39 ? 65  ASP A OD1 1 
ATOM   456  O OD2 . ASP A 1 75  ? -17.289 9.967   -1.114  1.00 37.42 ? 65  ASP A OD2 1 
ATOM   457  N N   . THR A 1 76  ? -14.903 6.189   1.358   1.00 30.81 ? 66  THR A N   1 
ATOM   458  C CA  . THR A 1 76  ? -14.720 5.232   2.423   1.00 30.54 ? 66  THR A CA  1 
ATOM   459  C C   . THR A 1 76  ? -13.337 4.614   2.317   1.00 29.61 ? 66  THR A C   1 
ATOM   460  O O   . THR A 1 76  ? -12.655 4.444   3.320   1.00 29.23 ? 66  THR A O   1 
ATOM   461  C CB  . THR A 1 76  ? -15.814 4.131   2.357   1.00 31.60 ? 66  THR A CB  1 
ATOM   462  O OG1 . THR A 1 76  ? -16.894 4.506   3.225   1.00 33.01 ? 66  THR A OG1 1 
ATOM   463  C CG2 . THR A 1 76  ? -15.264 2.763   2.790   1.00 31.85 ? 66  THR A CG2 1 
ATOM   464  N N   . ALA A 1 77  ? -12.928 4.281   1.096   1.00 29.45 ? 67  ALA A N   1 
ATOM   465  C CA  . ALA A 1 77  ? -11.611 3.691   0.872   1.00 29.08 ? 67  ALA A CA  1 
ATOM   466  C C   . ALA A 1 77  ? -10.510 4.646   1.355   1.00 29.30 ? 67  ALA A C   1 
ATOM   467  O O   . ALA A 1 77  ? -9.561  4.226   2.021   1.00 29.75 ? 67  ALA A O   1 
ATOM   468  C CB  . ALA A 1 77  ? -11.416 3.389   -0.607  1.00 29.27 ? 67  ALA A CB  1 
ATOM   469  N N   . ARG A 1 78  ? -10.646 5.921   1.011   1.00 27.64 ? 68  ARG A N   1 
ATOM   470  C CA  . ARG A 1 78  ? -9.668  6.930   1.396   1.00 30.39 ? 68  ARG A CA  1 
ATOM   471  C C   . ARG A 1 78  ? -9.634  7.135   2.914   1.00 30.44 ? 68  ARG A C   1 
ATOM   472  O O   . ARG A 1 78  ? -8.563  7.308   3.509   1.00 29.94 ? 68  ARG A O   1 
ATOM   473  C CB  . ARG A 1 78  ? -9.985  8.272   0.718   1.00 30.78 ? 68  ARG A CB  1 
ATOM   474  C CG  . ARG A 1 78  ? -9.012  9.381   1.112   1.00 34.13 ? 68  ARG A CG  1 
ATOM   475  C CD  . ARG A 1 78  ? -9.263  10.673  0.350   1.00 36.86 ? 68  ARG A CD  1 
ATOM   476  N NE  . ARG A 1 78  ? -10.667 11.046  0.431   1.00 43.98 ? 68  ARG A NE  1 
ATOM   477  C CZ  . ARG A 1 78  ? -11.550 10.871  -0.550  1.00 47.28 ? 68  ARG A CZ  1 
ATOM   478  N NH1 . ARG A 1 78  ? -11.177 10.331  -1.710  1.00 46.48 ? 68  ARG A NH1 1 
ATOM   479  N NH2 . ARG A 1 78  ? -12.819 11.214  -0.357  1.00 48.94 ? 68  ARG A NH2 1 
ATOM   480  N N   . THR A 1 79  ? -10.811 7.126   3.523   1.00 28.30 ? 69  THR A N   1 
ATOM   481  C CA  . THR A 1 79  ? -10.933 7.304   4.960   1.00 29.68 ? 69  THR A CA  1 
ATOM   482  C C   . THR A 1 79  ? -10.324 6.120   5.695   1.00 27.00 ? 69  THR A C   1 
ATOM   483  O O   . THR A 1 79  ? -9.597  6.278   6.662   1.00 27.39 ? 69  THR A O   1 
ATOM   484  C CB  . THR A 1 79  ? -12.423 7.424   5.367   1.00 31.07 ? 69  THR A CB  1 
ATOM   485  O OG1 . THR A 1 79  ? -12.989 8.571   4.723   1.00 37.98 ? 69  THR A OG1 1 
ATOM   486  C CG2 . THR A 1 79  ? -12.553 7.605   6.872   1.00 34.93 ? 69  THR A CG2 1 
ATOM   487  N N   . LEU A 1 80  ? -10.637 4.922   5.224   1.00 27.57 ? 70  LEU A N   1 
ATOM   488  C CA  . LEU A 1 80  ? -10.141 3.712   5.848   1.00 25.90 ? 70  LEU A CA  1 
ATOM   489  C C   . LEU A 1 80  ? -8.634  3.610   5.686   1.00 26.41 ? 70  LEU A C   1 
ATOM   490  O O   . LEU A 1 80  ? -7.926  3.180   6.594   1.00 25.36 ? 70  LEU A O   1 
ATOM   491  C CB  . LEU A 1 80  ? -10.803 2.501   5.216   1.00 26.56 ? 70  LEU A CB  1 
ATOM   492  C CG  . LEU A 1 80  ? -10.285 1.185   5.771   1.00 29.00 ? 70  LEU A CG  1 
ATOM   493  C CD1 . LEU A 1 80  ? -10.515 1.165   7.294   1.00 31.26 ? 70  LEU A CD1 1 
ATOM   494  C CD2 . LEU A 1 80  ? -11.007 0.022   5.074   1.00 30.32 ? 70  LEU A CD2 1 
ATOM   495  N N   . PHE A 1 81  ? -8.145  3.999   4.516   1.00 25.17 ? 71  PHE A N   1 
ATOM   496  C CA  . PHE A 1 81  ? -6.719  3.942   4.268   1.00 24.63 ? 71  PHE A CA  1 
ATOM   497  C C   . PHE A 1 81  ? -6.002  4.879   5.257   1.00 25.32 ? 71  PHE A C   1 
ATOM   498  O O   . PHE A 1 81  ? -5.082  4.450   5.958   1.00 24.59 ? 71  PHE A O   1 
ATOM   499  C CB  . PHE A 1 81  ? -6.426  4.360   2.831   1.00 22.22 ? 71  PHE A CB  1 
ATOM   500  C CG  . PHE A 1 81  ? -4.971  4.470   2.520   1.00 22.40 ? 71  PHE A CG  1 
ATOM   501  C CD1 . PHE A 1 81  ? -4.226  3.326   2.186   1.00 21.89 ? 71  PHE A CD1 1 
ATOM   502  C CD2 . PHE A 1 81  ? -4.346  5.722   2.522   1.00 22.51 ? 71  PHE A CD2 1 
ATOM   503  C CE1 . PHE A 1 81  ? -2.891  3.424   1.848   1.00 22.92 ? 71  PHE A CE1 1 
ATOM   504  C CE2 . PHE A 1 81  ? -2.997  5.841   2.186   1.00 23.33 ? 71  PHE A CE2 1 
ATOM   505  C CZ  . PHE A 1 81  ? -2.261  4.688   1.844   1.00 23.89 ? 71  PHE A CZ  1 
ATOM   506  N N   . ASN A 1 82  ? -6.422  6.147   5.300   1.00 24.86 ? 72  ASN A N   1 
ATOM   507  C CA  . ASN A 1 82  ? -5.809  7.129   6.191   1.00 26.23 ? 72  ASN A CA  1 
ATOM   508  C C   . ASN A 1 82  ? -5.878  6.739   7.672   1.00 26.06 ? 72  ASN A C   1 
ATOM   509  O O   . ASN A 1 82  ? -4.900  6.930   8.390   1.00 24.22 ? 72  ASN A O   1 
ATOM   510  C CB  . ASN A 1 82  ? -6.421  8.530   5.970   1.00 27.92 ? 72  ASN A CB  1 
ATOM   511  C CG  . ASN A 1 82  ? -6.125  9.066   4.570   1.00 32.79 ? 72  ASN A CG  1 
ATOM   512  O OD1 . ASN A 1 82  ? -5.133  8.662   3.959   1.00 32.90 ? 72  ASN A OD1 1 
ATOM   513  N ND2 . ASN A 1 82  ? -6.973  9.969   4.059   1.00 31.43 ? 72  ASN A ND2 1 
ATOM   514  N N   . GLN A 1 83  ? -6.998  6.166   8.126   1.00 25.11 ? 73  GLN A N   1 
ATOM   515  C CA  . GLN A 1 83  ? -7.084  5.755   9.536   1.00 26.43 ? 73  GLN A CA  1 
ATOM   516  C C   . GLN A 1 83  ? -6.093  4.620   9.795   1.00 24.58 ? 73  GLN A C   1 
ATOM   517  O O   . GLN A 1 83  ? -5.347  4.641   10.777  1.00 23.73 ? 73  GLN A O   1 
ATOM   518  C CB  . GLN A 1 83  ? -8.481  5.244   9.900   1.00 26.86 ? 73  GLN A CB  1 
ATOM   519  C CG  . GLN A 1 83  ? -9.628  6.262   9.899   1.00 30.64 ? 73  GLN A CG  1 
ATOM   520  C CD  . GLN A 1 83  ? -10.967 5.579   10.233  1.00 34.23 ? 73  GLN A CD  1 
ATOM   521  O OE1 . GLN A 1 83  ? -11.394 4.650   9.534   1.00 33.79 ? 73  GLN A OE1 1 
ATOM   522  N NE2 . GLN A 1 83  ? -11.621 6.030   11.303  1.00 32.45 ? 73  GLN A NE2 1 
ATOM   523  N N   . VAL A 1 84  ? -6.100  3.624   8.916   1.00 23.98 ? 74  VAL A N   1 
ATOM   524  C CA  . VAL A 1 84  ? -5.205  2.477   9.062   1.00 23.95 ? 74  VAL A CA  1 
ATOM   525  C C   . VAL A 1 84  ? -3.745  2.910   9.025   1.00 25.01 ? 74  VAL A C   1 
ATOM   526  O O   . VAL A 1 84  ? -2.951  2.495   9.884   1.00 24.57 ? 74  VAL A O   1 
ATOM   527  C CB  . VAL A 1 84  ? -5.459  1.404   7.976   1.00 21.78 ? 74  VAL A CB  1 
ATOM   528  C CG1 . VAL A 1 84  ? -4.377  0.328   8.052   1.00 17.98 ? 74  VAL A CG1 1 
ATOM   529  C CG2 . VAL A 1 84  ? -6.829  0.764   8.190   1.00 21.67 ? 74  VAL A CG2 1 
ATOM   530  N N   . MET A 1 85  ? -3.399  3.756   8.055   1.00 25.03 ? 75  MET A N   1 
ATOM   531  C CA  . MET A 1 85  ? -2.024  4.256   7.941   1.00 26.92 ? 75  MET A CA  1 
ATOM   532  C C   . MET A 1 85  ? -1.614  5.063   9.168   1.00 29.26 ? 75  MET A C   1 
ATOM   533  O O   . MET A 1 85  ? -0.463  4.972   9.620   1.00 30.01 ? 75  MET A O   1 
ATOM   534  C CB  . MET A 1 85  ? -1.864  5.145   6.702   1.00 28.73 ? 75  MET A CB  1 
ATOM   535  C CG  . MET A 1 85  ? -1.951  4.388   5.376   1.00 31.61 ? 75  MET A CG  1 
ATOM   536  S SD  . MET A 1 85  ? -0.753  3.050   5.297   1.00 32.87 ? 75  MET A SD  1 
ATOM   537  C CE  . MET A 1 85  ? -1.781  1.633   5.682   1.00 30.81 ? 75  MET A CE  1 
ATOM   538  N N   . GLU A 1 86  ? -2.536  5.870   9.702   1.00 28.93 ? 76  GLU A N   1 
ATOM   539  C CA  . GLU A 1 86  ? -2.215  6.666   10.879  1.00 29.54 ? 76  GLU A CA  1 
ATOM   540  C C   . GLU A 1 86  ? -1.866  5.746   12.067  1.00 28.47 ? 76  GLU A C   1 
ATOM   541  O O   . GLU A 1 86  ? -0.864  5.953   12.741  1.00 24.68 ? 76  GLU A O   1 
ATOM   542  C CB  . GLU A 1 86  ? -3.380  7.586   11.269  1.00 31.00 ? 76  GLU A CB  1 
ATOM   543  C CG  . GLU A 1 86  ? -3.193  8.197   12.652  1.00 39.85 ? 76  GLU A CG  1 
ATOM   544  C CD  . GLU A 1 86  ? -4.419  8.950   13.168  1.00 44.85 ? 76  GLU A CD  1 
ATOM   545  O OE1 . GLU A 1 86  ? -5.542  8.390   13.146  1.00 47.04 ? 76  GLU A OE1 1 
ATOM   546  O OE2 . GLU A 1 86  ? -4.247  10.106  13.610  1.00 48.37 ? 76  GLU A OE2 1 
ATOM   547  N N   . LYS A 1 87  ? -2.698  4.739   12.313  1.00 26.99 ? 77  LYS A N   1 
ATOM   548  C CA  . LYS A 1 87  ? -2.450  3.795   13.402  1.00 28.12 ? 77  LYS A CA  1 
ATOM   549  C C   . LYS A 1 87  ? -1.128  3.034   13.213  1.00 27.95 ? 77  LYS A C   1 
ATOM   550  O O   . LYS A 1 87  ? -0.394  2.805   14.176  1.00 27.77 ? 77  LYS A O   1 
ATOM   551  C CB  . LYS A 1 87  ? -3.602  2.791   13.495  1.00 30.90 ? 77  LYS A CB  1 
ATOM   552  C CG  . LYS A 1 87  ? -3.394  1.695   14.522  1.00 34.55 ? 77  LYS A CG  1 
ATOM   553  C CD  . LYS A 1 87  ? -3.266  2.271   15.943  1.00 37.55 ? 77  LYS A CD  1 
ATOM   554  C CE  . LYS A 1 87  ? -4.451  3.175   16.318  1.00 38.63 ? 77  LYS A CE  1 
ATOM   555  N NZ  . LYS A 1 87  ? -4.333  3.713   17.726  1.00 39.69 ? 77  LYS A NZ  1 
ATOM   556  N N   . GLU A 1 88  ? -0.824  2.647   11.974  1.00 25.59 ? 78  GLU A N   1 
ATOM   557  C CA  . GLU A 1 88  ? 0.403   1.919   11.701  1.00 23.71 ? 78  GLU A CA  1 
ATOM   558  C C   . GLU A 1 88  ? 1.668   2.735   11.945  1.00 23.15 ? 78  GLU A C   1 
ATOM   559  O O   . GLU A 1 88  ? 2.635   2.242   12.504  1.00 23.31 ? 78  GLU A O   1 
ATOM   560  C CB  . GLU A 1 88  ? 0.421   1.395   10.260  1.00 22.91 ? 78  GLU A CB  1 
ATOM   561  C CG  . GLU A 1 88  ? 1.800   0.834   9.868   1.00 26.30 ? 78  GLU A CG  1 
ATOM   562  C CD  . GLU A 1 88  ? 1.835   0.146   8.509   1.00 27.62 ? 78  GLU A CD  1 
ATOM   563  O OE1 . GLU A 1 88  ? 1.016   0.477   7.607   1.00 26.49 ? 78  GLU A OE1 1 
ATOM   564  O OE2 . GLU A 1 88  ? 2.715   -0.718  8.337   1.00 27.92 ? 78  GLU A OE2 1 
ATOM   565  N N   . PHE A 1 89  ? 1.654   3.994   11.541  1.00 22.61 ? 79  PHE A N   1 
ATOM   566  C CA  . PHE A 1 89  ? 2.820   4.847   11.676  1.00 22.29 ? 79  PHE A CA  1 
ATOM   567  C C   . PHE A 1 89  ? 2.847   5.813   12.862  1.00 22.32 ? 79  PHE A C   1 
ATOM   568  O O   . PHE A 1 89  ? 3.776   6.590   12.985  1.00 25.34 ? 79  PHE A O   1 
ATOM   569  C CB  . PHE A 1 89  ? 3.012   5.612   10.366  1.00 19.53 ? 79  PHE A CB  1 
ATOM   570  C CG  . PHE A 1 89  ? 3.447   4.731   9.212   1.00 21.12 ? 79  PHE A CG  1 
ATOM   571  C CD1 . PHE A 1 89  ? 4.782   4.349   9.079   1.00 19.02 ? 79  PHE A CD1 1 
ATOM   572  C CD2 . PHE A 1 89  ? 2.515   4.265   8.275   1.00 18.01 ? 79  PHE A CD2 1 
ATOM   573  C CE1 . PHE A 1 89  ? 5.178   3.512   8.028   1.00 22.05 ? 79  PHE A CE1 1 
ATOM   574  C CE2 . PHE A 1 89  ? 2.906   3.419   7.214   1.00 19.87 ? 79  PHE A CE2 1 
ATOM   575  C CZ  . PHE A 1 89  ? 4.230   3.043   7.088   1.00 19.22 ? 79  PHE A CZ  1 
ATOM   576  N N   . GLU A 1 90  ? 1.858   5.750   13.739  1.00 22.51 ? 80  GLU A N   1 
ATOM   577  C CA  . GLU A 1 90  ? 1.801   6.643   14.907  1.00 24.66 ? 80  GLU A CA  1 
ATOM   578  C C   . GLU A 1 90  ? 2.984   6.486   15.870  1.00 26.71 ? 80  GLU A C   1 
ATOM   579  O O   . GLU A 1 90  ? 3.252   7.394   16.670  1.00 27.83 ? 80  GLU A O   1 
ATOM   580  C CB  . GLU A 1 90  ? 0.511   6.409   15.712  1.00 21.74 ? 80  GLU A CB  1 
ATOM   581  C CG  . GLU A 1 90  ? 0.398   4.990   16.256  1.00 22.98 ? 80  GLU A CG  1 
ATOM   582  C CD  . GLU A 1 90  ? -0.772  4.803   17.226  1.00 28.03 ? 80  GLU A CD  1 
ATOM   583  O OE1 . GLU A 1 90  ? -1.791  5.518   17.089  1.00 25.75 ? 80  GLU A OE1 1 
ATOM   584  O OE2 . GLU A 1 90  ? -0.673  3.925   18.119  1.00 31.65 ? 80  GLU A OE2 1 
ATOM   585  N N   . ASP A 1 91  ? 3.673   5.345   15.825  1.00 27.51 ? 81  ASP A N   1 
ATOM   586  C CA  . ASP A 1 91  ? 4.805   5.137   16.721  1.00 28.07 ? 81  ASP A CA  1 
ATOM   587  C C   . ASP A 1 91  ? 6.070   5.802   16.196  1.00 28.71 ? 81  ASP A C   1 
ATOM   588  O O   . ASP A 1 91  ? 7.124   5.682   16.810  1.00 29.97 ? 81  ASP A O   1 
ATOM   589  C CB  . ASP A 1 91  ? 5.056   3.635   16.968  1.00 29.90 ? 81  ASP A CB  1 
ATOM   590  C CG  . ASP A 1 91  ? 5.292   2.853   15.678  1.00 29.19 ? 81  ASP A CG  1 
ATOM   591  O OD1 . ASP A 1 91  ? 5.527   3.496   14.640  1.00 29.06 ? 81  ASP A OD1 1 
ATOM   592  O OD2 . ASP A 1 91  ? 5.258   1.601   15.707  1.00 30.16 ? 81  ASP A OD2 1 
ATOM   593  N N   . GLY A 1 92  ? 5.971   6.499   15.060  1.00 28.17 ? 82  GLY A N   1 
ATOM   594  C CA  . GLY A 1 92  ? 7.140   7.189   14.514  1.00 27.62 ? 82  GLY A CA  1 
ATOM   595  C C   . GLY A 1 92  ? 8.159   6.320   13.774  1.00 27.54 ? 82  GLY A C   1 
ATOM   596  O O   . GLY A 1 92  ? 9.135   6.819   13.194  1.00 28.34 ? 82  GLY A O   1 
ATOM   597  N N   . ILE A 1 93  ? 7.944   5.014   13.771  1.00 26.00 ? 83  ILE A N   1 
ATOM   598  C CA  . ILE A 1 93  ? 8.880   4.138   13.090  1.00 26.62 ? 83  ILE A CA  1 
ATOM   599  C C   . ILE A 1 93  ? 8.564   3.992   11.587  1.00 26.64 ? 83  ILE A C   1 
ATOM   600  O O   . ILE A 1 93  ? 7.425   3.791   11.184  1.00 25.89 ? 83  ILE A O   1 
ATOM   601  C CB  . ILE A 1 93  ? 8.908   2.741   13.756  1.00 27.48 ? 83  ILE A CB  1 
ATOM   602  C CG1 . ILE A 1 93  ? 9.462   2.847   15.189  1.00 29.18 ? 83  ILE A CG1 1 
ATOM   603  C CG2 . ILE A 1 93  ? 9.751   1.775   12.920  1.00 27.92 ? 83  ILE A CG2 1 
ATOM   604  C CD1 . ILE A 1 93  ? 9.462   1.505   15.971  1.00 27.35 ? 83  ILE A CD1 1 
ATOM   605  N N   . ILE A 1 94  ? 9.599   4.110   10.769  1.00 26.30 ? 84  ILE A N   1 
ATOM   606  C CA  . ILE A 1 94  ? 9.474   3.965   9.335   1.00 25.42 ? 84  ILE A CA  1 
ATOM   607  C C   . ILE A 1 94  ? 10.601  3.073   8.814   1.00 26.85 ? 84  ILE A C   1 
ATOM   608  O O   . ILE A 1 94  ? 11.769  3.329   9.110   1.00 26.78 ? 84  ILE A O   1 
ATOM   609  C CB  . ILE A 1 94  ? 9.615   5.318   8.612   1.00 25.68 ? 84  ILE A CB  1 
ATOM   610  C CG1 . ILE A 1 94  ? 8.623   6.334   9.201   1.00 25.06 ? 84  ILE A CG1 1 
ATOM   611  C CG2 . ILE A 1 94  ? 9.457   5.100   7.075   1.00 23.69 ? 84  ILE A CG2 1 
ATOM   612  C CD1 . ILE A 1 94  ? 8.826   7.763   8.700   1.00 25.64 ? 84  ILE A CD1 1 
ATOM   613  N N   . ASN A 1 95  ? 10.250  2.038   8.049   1.00 27.02 ? 85  ASN A N   1 
ATOM   614  C CA  . ASN A 1 95  ? 11.240  1.154   7.427   1.00 26.17 ? 85  ASN A CA  1 
ATOM   615  C C   . ASN A 1 95  ? 10.618  0.621   6.131   1.00 26.92 ? 85  ASN A C   1 
ATOM   616  O O   . ASN A 1 95  ? 9.410   0.765   5.911   1.00 26.05 ? 85  ASN A O   1 
ATOM   617  C CB  . ASN A 1 95  ? 11.672  0.005   8.366   1.00 24.77 ? 85  ASN A CB  1 
ATOM   618  C CG  . ASN A 1 95  ? 10.501  -0.894  8.822   1.00 27.81 ? 85  ASN A CG  1 
ATOM   619  O OD1 . ASN A 1 95  ? 9.805   -1.507  8.007   1.00 27.27 ? 85  ASN A OD1 1 
ATOM   620  N ND2 . ASN A 1 95  ? 10.295  -0.974  10.138  1.00 27.18 ? 85  ASN A ND2 1 
ATOM   621  N N   . TRP A 1 96  ? 11.453  0.040   5.272   1.00 26.35 ? 86  TRP A N   1 
ATOM   622  C CA  . TRP A 1 96  ? 11.018  -0.509  3.994   1.00 25.47 ? 86  TRP A CA  1 
ATOM   623  C C   . TRP A 1 96  ? 9.951   -1.587  4.147   1.00 25.45 ? 86  TRP A C   1 
ATOM   624  O O   . TRP A 1 96  ? 9.041   -1.690  3.321   1.00 24.84 ? 86  TRP A O   1 
ATOM   625  C CB  . TRP A 1 96  ? 12.216  -1.062  3.225   1.00 24.27 ? 86  TRP A CB  1 
ATOM   626  C CG  . TRP A 1 96  ? 13.079  0.006   2.633   1.00 25.68 ? 86  TRP A CG  1 
ATOM   627  C CD1 . TRP A 1 96  ? 14.424  0.168   2.815   1.00 25.15 ? 86  TRP A CD1 1 
ATOM   628  C CD2 . TRP A 1 96  ? 12.673  1.037   1.717   1.00 26.48 ? 86  TRP A CD2 1 
ATOM   629  N NE1 . TRP A 1 96  ? 14.879  1.230   2.068   1.00 26.39 ? 86  TRP A NE1 1 
ATOM   630  C CE2 . TRP A 1 96  ? 13.829  1.782   1.386   1.00 27.54 ? 86  TRP A CE2 1 
ATOM   631  C CE3 . TRP A 1 96  ? 11.448  1.400   1.144   1.00 27.70 ? 86  TRP A CE3 1 
ATOM   632  C CZ2 . TRP A 1 96  ? 13.797  2.872   0.504   1.00 27.28 ? 86  TRP A CZ2 1 
ATOM   633  C CZ3 . TRP A 1 96  ? 11.418  2.489   0.261   1.00 29.51 ? 86  TRP A CZ3 1 
ATOM   634  C CH2 . TRP A 1 96  ? 12.589  3.208   -0.046  1.00 27.65 ? 86  TRP A CH2 1 
ATOM   635  N N   . GLY A 1 97  ? 10.063  -2.384  5.205   1.00 25.57 ? 87  GLY A N   1 
ATOM   636  C CA  . GLY A 1 97  ? 9.073   -3.416  5.437   1.00 23.62 ? 87  GLY A CA  1 
ATOM   637  C C   . GLY A 1 97  ? 7.699   -2.775  5.549   1.00 23.42 ? 87  GLY A C   1 
ATOM   638  O O   . GLY A 1 97  ? 6.739   -3.221  4.913   1.00 22.67 ? 87  GLY A O   1 
ATOM   639  N N   . ARG A 1 98  ? 7.606   -1.709  6.342   1.00 22.69 ? 88  ARG A N   1 
ATOM   640  C CA  . ARG A 1 98  ? 6.334   -1.009  6.532   1.00 24.31 ? 88  ARG A CA  1 
ATOM   641  C C   . ARG A 1 98  ? 5.806   -0.316  5.285   1.00 21.83 ? 88  ARG A C   1 
ATOM   642  O O   . ARG A 1 98  ? 4.598   -0.283  5.065   1.00 22.36 ? 88  ARG A O   1 
ATOM   643  C CB  . ARG A 1 98  ? 6.433   0.026   7.660   1.00 21.61 ? 88  ARG A CB  1 
ATOM   644  C CG  . ARG A 1 98  ? 6.497   -0.603  9.047   1.00 24.49 ? 88  ARG A CG  1 
ATOM   645  C CD  . ARG A 1 98  ? 6.306   0.439   10.137  1.00 21.77 ? 88  ARG A CD  1 
ATOM   646  N NE  . ARG A 1 98  ? 6.528   -0.137  11.458  1.00 22.66 ? 88  ARG A NE  1 
ATOM   647  C CZ  . ARG A 1 98  ? 6.231   0.472   12.600  1.00 24.37 ? 88  ARG A CZ  1 
ATOM   648  N NH1 . ARG A 1 98  ? 5.691   1.688   12.585  1.00 23.37 ? 88  ARG A NH1 1 
ATOM   649  N NH2 . ARG A 1 98  ? 6.477   -0.138  13.759  1.00 25.69 ? 88  ARG A NH2 1 
ATOM   650  N N   . ILE A 1 99  ? 6.703   0.258   4.491   1.00 21.10 ? 89  ILE A N   1 
ATOM   651  C CA  . ILE A 1 99  ? 6.288   0.945   3.276   1.00 20.46 ? 89  ILE A CA  1 
ATOM   652  C C   . ILE A 1 99  ? 5.695   -0.080  2.317   1.00 19.37 ? 89  ILE A C   1 
ATOM   653  O O   . ILE A 1 99  ? 4.763   0.232   1.574   1.00 18.52 ? 89  ILE A O   1 
ATOM   654  C CB  . ILE A 1 99  ? 7.480   1.696   2.646   1.00 21.49 ? 89  ILE A CB  1 
ATOM   655  C CG1 . ILE A 1 99  ? 7.753   2.962   3.488   1.00 22.30 ? 89  ILE A CG1 1 
ATOM   656  C CG2 . ILE A 1 99  ? 7.200   2.020   1.160   1.00 15.40 ? 89  ILE A CG2 1 
ATOM   657  C CD1 . ILE A 1 99  ? 9.112   3.590   3.252   1.00 23.44 ? 89  ILE A CD1 1 
ATOM   658  N N   . VAL A 1 100 ? 6.225   -1.302  2.351   1.00 17.15 ? 90  VAL A N   1 
ATOM   659  C CA  . VAL A 1 100 ? 5.707   -2.359  1.503   1.00 19.68 ? 90  VAL A CA  1 
ATOM   660  C C   . VAL A 1 100 ? 4.268   -2.710  1.925   1.00 21.68 ? 90  VAL A C   1 
ATOM   661  O O   . VAL A 1 100 ? 3.428   -2.993  1.062   1.00 22.90 ? 90  VAL A O   1 
ATOM   662  C CB  . VAL A 1 100 ? 6.589   -3.631  1.567   1.00 18.44 ? 90  VAL A CB  1 
ATOM   663  C CG1 . VAL A 1 100 ? 5.830   -4.816  0.974   1.00 15.78 ? 90  VAL A CG1 1 
ATOM   664  C CG2 . VAL A 1 100 ? 7.932   -3.394  0.788   1.00 16.96 ? 90  VAL A CG2 1 
ATOM   665  N N   . THR A 1 101 ? 3.970   -2.681  3.232   1.00 19.99 ? 91  THR A N   1 
ATOM   666  C CA  . THR A 1 101 ? 2.611   -3.007  3.672   1.00 22.36 ? 91  THR A CA  1 
ATOM   667  C C   . THR A 1 101 ? 1.589   -1.975  3.236   1.00 21.45 ? 91  THR A C   1 
ATOM   668  O O   . THR A 1 101 ? 0.388   -2.264  3.215   1.00 24.29 ? 91  THR A O   1 
ATOM   669  C CB  . THR A 1 101 ? 2.483   -3.163  5.204   1.00 21.68 ? 91  THR A CB  1 
ATOM   670  O OG1 . THR A 1 101 ? 2.613   -1.879  5.828   1.00 20.87 ? 91  THR A OG1 1 
ATOM   671  C CG2 . THR A 1 101 ? 3.534   -4.159  5.737   1.00 19.77 ? 91  THR A CG2 1 
ATOM   672  N N   . ILE A 1 102 ? 2.056   -0.778  2.900   1.00 21.69 ? 92  ILE A N   1 
ATOM   673  C CA  . ILE A 1 102 ? 1.170   0.280   2.434   1.00 20.19 ? 92  ILE A CA  1 
ATOM   674  C C   . ILE A 1 102 ? 0.587   -0.157  1.093   1.00 21.18 ? 92  ILE A C   1 
ATOM   675  O O   . ILE A 1 102 ? -0.611  -0.025  0.849   1.00 18.11 ? 92  ILE A O   1 
ATOM   676  C CB  . ILE A 1 102 ? 1.930   1.613   2.235   1.00 19.90 ? 92  ILE A CB  1 
ATOM   677  C CG1 . ILE A 1 102 ? 2.551   2.060   3.570   1.00 20.02 ? 92  ILE A CG1 1 
ATOM   678  C CG2 . ILE A 1 102 ? 0.979   2.672   1.696   1.00 17.07 ? 92  ILE A CG2 1 
ATOM   679  C CD1 . ILE A 1 102 ? 3.288   3.387   3.528   1.00 16.47 ? 92  ILE A CD1 1 
ATOM   680  N N   . PHE A 1 103 ? 1.451   -0.673  0.219   1.00 20.79 ? 93  PHE A N   1 
ATOM   681  C CA  . PHE A 1 103 ? 1.005   -1.143  -1.084  1.00 20.60 ? 93  PHE A CA  1 
ATOM   682  C C   . PHE A 1 103 ? 0.118   -2.384  -0.901  1.00 21.43 ? 93  PHE A C   1 
ATOM   683  O O   . PHE A 1 103 ? -0.906  -2.520  -1.565  1.00 21.96 ? 93  PHE A O   1 
ATOM   684  C CB  . PHE A 1 103 ? 2.226   -1.437  -1.976  1.00 20.89 ? 93  PHE A CB  1 
ATOM   685  C CG  . PHE A 1 103 ? 2.970   -0.186  -2.412  1.00 19.84 ? 93  PHE A CG  1 
ATOM   686  C CD1 . PHE A 1 103 ? 2.541   0.543   -3.518  1.00 21.25 ? 93  PHE A CD1 1 
ATOM   687  C CD2 . PHE A 1 103 ? 4.051   0.293   -1.672  1.00 20.05 ? 93  PHE A CD2 1 
ATOM   688  C CE1 . PHE A 1 103 ? 3.171   1.750   -3.880  1.00 22.44 ? 93  PHE A CE1 1 
ATOM   689  C CE2 . PHE A 1 103 ? 4.690   1.485   -2.016  1.00 22.67 ? 93  PHE A CE2 1 
ATOM   690  C CZ  . PHE A 1 103 ? 4.246   2.223   -3.129  1.00 22.36 ? 93  PHE A CZ  1 
ATOM   691  N N   . ALA A 1 104 ? 0.487   -3.281  0.013   1.00 21.50 ? 94  ALA A N   1 
ATOM   692  C CA  . ALA A 1 104 ? -0.336  -4.466  0.239   1.00 20.95 ? 94  ALA A CA  1 
ATOM   693  C C   . ALA A 1 104 ? -1.751  -4.005  0.613   1.00 21.01 ? 94  ALA A C   1 
ATOM   694  O O   . ALA A 1 104 ? -2.735  -4.463  0.016   1.00 21.76 ? 94  ALA A O   1 
ATOM   695  C CB  . ALA A 1 104 ? 0.247   -5.335  1.339   1.00 16.68 ? 94  ALA A CB  1 
ATOM   696  N N   . PHE A 1 105 ? -1.851  -3.082  1.567   1.00 19.63 ? 95  PHE A N   1 
ATOM   697  C CA  . PHE A 1 105 ? -3.159  -2.599  1.992   1.00 21.88 ? 95  PHE A CA  1 
ATOM   698  C C   . PHE A 1 105 ? -3.974  -1.940  0.872   1.00 22.62 ? 95  PHE A C   1 
ATOM   699  O O   . PHE A 1 105 ? -5.206  -2.059  0.835   1.00 22.98 ? 95  PHE A O   1 
ATOM   700  C CB  . PHE A 1 105 ? -3.041  -1.614  3.165   1.00 21.61 ? 95  PHE A CB  1 
ATOM   701  C CG  . PHE A 1 105 ? -4.334  -1.417  3.891   1.00 23.62 ? 95  PHE A CG  1 
ATOM   702  C CD1 . PHE A 1 105 ? -4.938  -2.485  4.547   1.00 26.12 ? 95  PHE A CD1 1 
ATOM   703  C CD2 . PHE A 1 105 ? -4.982  -0.185  3.890   1.00 22.44 ? 95  PHE A CD2 1 
ATOM   704  C CE1 . PHE A 1 105 ? -6.180  -2.322  5.195   1.00 26.20 ? 95  PHE A CE1 1 
ATOM   705  C CE2 . PHE A 1 105 ? -6.201  -0.019  4.525   1.00 23.22 ? 95  PHE A CE2 1 
ATOM   706  C CZ  . PHE A 1 105 ? -6.804  -1.092  5.180   1.00 24.74 ? 95  PHE A CZ  1 
ATOM   707  N N   . GLU A 1 106 ? -3.301  -1.210  -0.011  1.00 21.89 ? 96  GLU A N   1 
ATOM   708  C CA  . GLU A 1 106 ? -3.982  -0.583  -1.143  1.00 22.54 ? 96  GLU A CA  1 
ATOM   709  C C   . GLU A 1 106 ? -4.553  -1.705  -2.034  1.00 21.88 ? 96  GLU A C   1 
ATOM   710  O O   . GLU A 1 106 ? -5.610  -1.554  -2.641  1.00 20.64 ? 96  GLU A O   1 
ATOM   711  C CB  . GLU A 1 106 ? -2.991  0.280   -1.959  1.00 24.69 ? 96  GLU A CB  1 
ATOM   712  C CG  . GLU A 1 106 ? -3.295  0.298   -3.454  1.00 30.21 ? 96  GLU A CG  1 
ATOM   713  C CD  . GLU A 1 106 ? -2.193  0.897   -4.311  1.00 30.19 ? 96  GLU A CD  1 
ATOM   714  O OE1 . GLU A 1 106 ? -1.028  0.485   -4.201  1.00 32.75 ? 96  GLU A OE1 1 
ATOM   715  O OE2 . GLU A 1 106 ? -2.506  1.780   -5.116  1.00 34.95 ? 96  GLU A OE2 1 
ATOM   716  N N   . GLY A 1 107 ? -3.826  -2.819  -2.126  1.00 22.19 ? 97  GLY A N   1 
ATOM   717  C CA  . GLY A 1 107 ? -4.299  -3.941  -2.918  1.00 23.60 ? 97  GLY A CA  1 
ATOM   718  C C   . GLY A 1 107 ? -5.551  -4.534  -2.285  1.00 24.19 ? 97  GLY A C   1 
ATOM   719  O O   . GLY A 1 107 ? -6.478  -4.945  -2.979  1.00 26.52 ? 97  GLY A O   1 
ATOM   720  N N   . ILE A 1 108 ? -5.588  -4.577  -0.959  1.00 24.81 ? 98  ILE A N   1 
ATOM   721  C CA  . ILE A 1 108 ? -6.748  -5.119  -0.271  1.00 25.99 ? 98  ILE A CA  1 
ATOM   722  C C   . ILE A 1 108 ? -7.955  -4.205  -0.498  1.00 26.21 ? 98  ILE A C   1 
ATOM   723  O O   . ILE A 1 108 ? -9.065  -4.679  -0.733  1.00 25.30 ? 98  ILE A O   1 
ATOM   724  C CB  . ILE A 1 108 ? -6.473  -5.269  1.237   1.00 26.76 ? 98  ILE A CB  1 
ATOM   725  C CG1 . ILE A 1 108 ? -5.383  -6.328  1.440   1.00 26.22 ? 98  ILE A CG1 1 
ATOM   726  C CG2 . ILE A 1 108 ? -7.778  -5.624  1.982   1.00 25.66 ? 98  ILE A CG2 1 
ATOM   727  C CD1 . ILE A 1 108 ? -4.900  -6.448  2.873   1.00 23.30 ? 98  ILE A CD1 1 
ATOM   728  N N   . LEU A 1 109 ? -7.723  -2.896  -0.452  1.00 26.81 ? 99  LEU A N   1 
ATOM   729  C CA  . LEU A 1 109 ? -8.793  -1.927  -0.678  1.00 27.22 ? 99  LEU A CA  1 
ATOM   730  C C   . LEU A 1 109 ? -9.363  -1.974  -2.088  1.00 28.65 ? 99  LEU A C   1 
ATOM   731  O O   . LEU A 1 109 ? -10.579 -1.922  -2.268  1.00 26.75 ? 99  LEU A O   1 
ATOM   732  C CB  . LEU A 1 109 ? -8.314  -0.505  -0.405  1.00 27.64 ? 99  LEU A CB  1 
ATOM   733  C CG  . LEU A 1 109 ? -8.318  -0.071  1.055   1.00 30.53 ? 99  LEU A CG  1 
ATOM   734  C CD1 . LEU A 1 109 ? -7.956  1.400   1.142   1.00 30.13 ? 99  LEU A CD1 1 
ATOM   735  C CD2 . LEU A 1 109 ? -9.704  -0.327  1.660   1.00 31.08 ? 99  LEU A CD2 1 
ATOM   736  N N   . ILE A 1 110 ? -8.498  -2.056  -3.094  1.00 28.45 ? 100 ILE A N   1 
ATOM   737  C CA  . ILE A 1 110 ? -8.993  -2.088  -4.465  1.00 30.32 ? 100 ILE A CA  1 
ATOM   738  C C   . ILE A 1 110 ? -9.860  -3.342  -4.676  1.00 29.23 ? 100 ILE A C   1 
ATOM   739  O O   . ILE A 1 110 ? -10.908 -3.277  -5.316  1.00 27.83 ? 100 ILE A O   1 
ATOM   740  C CB  . ILE A 1 110 ? -7.826  -2.036  -5.494  1.00 31.42 ? 100 ILE A CB  1 
ATOM   741  C CG1 . ILE A 1 110 ? -8.354  -1.545  -6.839  1.00 34.71 ? 100 ILE A CG1 1 
ATOM   742  C CG2 . ILE A 1 110 ? -7.181  -3.389  -5.655  1.00 33.48 ? 100 ILE A CG2 1 
ATOM   743  C CD1 . ILE A 1 110 ? -8.734  -0.058  -6.844  1.00 33.56 ? 100 ILE A CD1 1 
ATOM   744  N N   . LYS A 1 111 ? -9.438  -4.467  -4.107  1.00 29.16 ? 101 LYS A N   1 
ATOM   745  C CA  . LYS A 1 111 ? -10.201 -5.709  -4.227  1.00 31.15 ? 101 LYS A CA  1 
ATOM   746  C C   . LYS A 1 111 ? -11.583 -5.557  -3.588  1.00 32.68 ? 101 LYS A C   1 
ATOM   747  O O   . LYS A 1 111 ? -12.590 -5.945  -4.185  1.00 33.54 ? 101 LYS A O   1 
ATOM   748  C CB  . LYS A 1 111 ? -9.460  -6.874  -3.558  1.00 30.49 ? 101 LYS A CB  1 
ATOM   749  C CG  . LYS A 1 111 ? -8.274  -7.405  -4.360  1.00 32.25 ? 101 LYS A CG  1 
ATOM   750  C CD  . LYS A 1 111 ? -7.507  -8.511  -3.624  1.00 30.49 ? 101 LYS A CD  1 
ATOM   751  C CE  . LYS A 1 111 ? -8.408  -9.684  -3.274  1.00 32.02 ? 101 LYS A CE  1 
ATOM   752  N NZ  . LYS A 1 111 ? -7.639  -10.888 -2.809  1.00 33.53 ? 101 LYS A NZ  1 
ATOM   753  N N   . LYS A 1 112 ? -11.633 -4.996  -2.382  1.00 32.31 ? 102 LYS A N   1 
ATOM   754  C CA  . LYS A 1 112 ? -12.911 -4.808  -1.714  1.00 34.79 ? 102 LYS A CA  1 
ATOM   755  C C   . LYS A 1 112 ? -13.761 -3.780  -2.475  1.00 37.37 ? 102 LYS A C   1 
ATOM   756  O O   . LYS A 1 112 ? -14.977 -3.936  -2.593  1.00 37.96 ? 102 LYS A O   1 
ATOM   757  C CB  . LYS A 1 112 ? -12.690 -4.385  -0.259  1.00 34.47 ? 102 LYS A CB  1 
ATOM   758  C CG  . LYS A 1 112 ? -12.120 -5.506  0.607   1.00 34.26 ? 102 LYS A CG  1 
ATOM   759  C CD  . LYS A 1 112 ? -11.767 -5.034  2.008   1.00 39.46 ? 102 LYS A CD  1 
ATOM   760  C CE  . LYS A 1 112 ? -13.005 -4.705  2.846   1.00 42.33 ? 102 LYS A CE  1 
ATOM   761  N NZ  . LYS A 1 112 ? -13.794 -5.926  3.209   1.00 44.02 ? 102 LYS A NZ  1 
ATOM   762  N N   . LEU A 1 113 ? -13.119 -2.755  -3.025  1.00 37.16 ? 103 LEU A N   1 
ATOM   763  C CA  . LEU A 1 113 ? -13.838 -1.737  -3.775  1.00 40.18 ? 103 LEU A CA  1 
ATOM   764  C C   . LEU A 1 113 ? -14.456 -2.321  -5.066  1.00 42.98 ? 103 LEU A C   1 
ATOM   765  O O   . LEU A 1 113 ? -15.600 -2.014  -5.415  1.00 42.48 ? 103 LEU A O   1 
ATOM   766  C CB  . LEU A 1 113 ? -12.895 -0.584  -4.126  1.00 38.01 ? 103 LEU A CB  1 
ATOM   767  C CG  . LEU A 1 113 ? -13.583 0.679   -4.621  1.00 40.46 ? 103 LEU A CG  1 
ATOM   768  C CD1 . LEU A 1 113 ? -14.459 1.247   -3.494  1.00 41.66 ? 103 LEU A CD1 1 
ATOM   769  C CD2 . LEU A 1 113 ? -12.545 1.711   -5.062  1.00 41.79 ? 103 LEU A CD2 1 
ATOM   770  N N   . LEU A 1 114 ? -13.691 -3.155  -5.772  1.00 44.48 ? 104 LEU A N   1 
ATOM   771  C CA  . LEU A 1 114 ? -14.167 -3.764  -7.011  1.00 47.03 ? 104 LEU A CA  1 
ATOM   772  C C   . LEU A 1 114 ? -15.475 -4.532  -6.806  1.00 47.85 ? 104 LEU A C   1 
ATOM   773  O O   . LEU A 1 114 ? -16.350 -4.524  -7.668  1.00 46.39 ? 104 LEU A O   1 
ATOM   774  C CB  . LEU A 1 114 ? -13.113 -4.719  -7.581  1.00 47.57 ? 104 LEU A CB  1 
ATOM   775  C CG  . LEU A 1 114 ? -13.543 -5.510  -8.822  1.00 48.09 ? 104 LEU A CG  1 
ATOM   776  C CD1 . LEU A 1 114 ? -13.829 -4.549  -9.969  1.00 48.31 ? 104 LEU A CD1 1 
ATOM   777  C CD2 . LEU A 1 114 ? -12.450 -6.489  -9.213  1.00 49.06 ? 104 LEU A CD2 1 
ATOM   778  N N   . ARG A 1 115 ? -15.590 -5.184  -5.653  1.00 49.60 ? 105 ARG A N   1 
ATOM   779  C CA  . ARG A 1 115 ? -16.766 -5.971  -5.314  1.00 53.06 ? 105 ARG A CA  1 
ATOM   780  C C   . ARG A 1 115 ? -17.897 -5.187  -4.627  1.00 52.05 ? 105 ARG A C   1 
ATOM   781  O O   . ARG A 1 115 ? -19.080 -5.400  -4.920  1.00 51.44 ? 105 ARG A O   1 
ATOM   782  C CB  . ARG A 1 115 ? -16.338 -7.135  -4.423  1.00 57.67 ? 105 ARG A CB  1 
ATOM   783  C CG  . ARG A 1 115 ? -17.466 -8.017  -3.936  1.00 70.31 ? 105 ARG A CG  1 
ATOM   784  C CD  . ARG A 1 115 ? -18.289 -8.580  -5.097  1.00 79.36 ? 105 ARG A CD  1 
ATOM   785  N NE  . ARG A 1 115 ? -19.173 -9.662  -4.667  1.00 85.87 ? 105 ARG A NE  1 
ATOM   786  C CZ  . ARG A 1 115 ? -20.192 -10.125 -5.385  1.00 89.00 ? 105 ARG A CZ  1 
ATOM   787  N NH1 . ARG A 1 115 ? -20.464 -9.600  -6.572  1.00 90.73 ? 105 ARG A NH1 1 
ATOM   788  N NH2 . ARG A 1 115 ? -20.940 -11.117 -4.918  1.00 90.04 ? 105 ARG A NH2 1 
ATOM   789  N N   . GLN A 1 116 ? -17.527 -4.260  -3.742  1.00 50.26 ? 106 GLN A N   1 
ATOM   790  C CA  . GLN A 1 116 ? -18.500 -3.497  -2.968  1.00 48.51 ? 106 GLN A CA  1 
ATOM   791  C C   . GLN A 1 116 ? -18.858 -2.079  -3.422  1.00 48.42 ? 106 GLN A C   1 
ATOM   792  O O   . GLN A 1 116 ? -19.847 -1.525  -2.956  1.00 48.70 ? 106 GLN A O   1 
ATOM   793  C CB  . GLN A 1 116 ? -18.037 -3.459  -1.509  1.00 47.71 ? 106 GLN A CB  1 
ATOM   794  C CG  . GLN A 1 116 ? -17.667 -4.828  -0.952  1.00 46.08 ? 106 GLN A CG  1 
ATOM   795  C CD  . GLN A 1 116 ? -17.077 -4.755  0.451   1.00 45.55 ? 106 GLN A CD  1 
ATOM   796  O OE1 . GLN A 1 116 ? -16.035 -4.130  0.675   1.00 45.52 ? 106 GLN A OE1 1 
ATOM   797  N NE2 . GLN A 1 116 ? -17.741 -5.394  1.402   1.00 44.37 ? 106 GLN A NE2 1 
ATOM   798  N N   . GLN A 1 117 ? -18.082 -1.485  -4.321  1.00 50.59 ? 107 GLN A N   1 
ATOM   799  C CA  . GLN A 1 117 ? -18.383 -0.125  -4.769  1.00 52.23 ? 107 GLN A CA  1 
ATOM   800  C C   . GLN A 1 117 ? -19.779 -0.047  -5.376  1.00 54.16 ? 107 GLN A C   1 
ATOM   801  O O   . GLN A 1 117 ? -20.072 -0.689  -6.386  1.00 53.25 ? 107 GLN A O   1 
ATOM   802  C CB  . GLN A 1 117 ? -17.332 0.362   -5.774  1.00 51.90 ? 107 GLN A CB  1 
ATOM   803  C CG  . GLN A 1 117 ? -17.542 1.788   -6.274  1.00 53.15 ? 107 GLN A CG  1 
ATOM   804  C CD  . GLN A 1 117 ? -16.388 2.286   -7.143  1.00 55.71 ? 107 GLN A CD  1 
ATOM   805  O OE1 . GLN A 1 117 ? -15.956 3.520   -6.907  1.00 58.33 ? 107 GLN A OE1 1 
ATOM   806  N NE2 . GLN A 1 117 ? -15.902 1.572   -8.020  1.00 56.11 ? 107 GLN A NE2 1 
ATOM   807  N N   . ILE A 1 118 ? -20.640 0.739   -4.737  1.00 55.90 ? 108 ILE A N   1 
ATOM   808  C CA  . ILE A 1 118 ? -22.023 0.912   -5.173  1.00 58.35 ? 108 ILE A CA  1 
ATOM   809  C C   . ILE A 1 118 ? -22.138 1.475   -6.591  1.00 60.62 ? 108 ILE A C   1 
ATOM   810  O O   . ILE A 1 118 ? -22.892 0.946   -7.411  1.00 62.91 ? 108 ILE A O   1 
ATOM   811  C CB  . ILE A 1 118 ? -22.798 1.814   -4.173  1.00 57.72 ? 108 ILE A CB  1 
ATOM   812  C CG1 . ILE A 1 118 ? -23.115 1.006   -2.904  1.00 56.96 ? 108 ILE A CG1 1 
ATOM   813  C CG2 . ILE A 1 118 ? -24.071 2.344   -4.813  1.00 57.28 ? 108 ILE A CG2 1 
ATOM   814  C CD1 . ILE A 1 118 ? -23.749 1.800   -1.769  1.00 53.28 ? 108 ILE A CD1 1 
ATOM   815  N N   . ALA A 1 119 ? -21.390 2.537   -6.874  1.00 62.20 ? 109 ALA A N   1 
ATOM   816  C CA  . ALA A 1 119 ? -21.394 3.164   -8.193  1.00 64.58 ? 109 ALA A CA  1 
ATOM   817  C C   . ALA A 1 119 ? -20.059 2.849   -8.881  1.00 67.25 ? 109 ALA A C   1 
ATOM   818  O O   . ALA A 1 119 ? -19.139 3.668   -8.875  1.00 65.91 ? 109 ALA A O   1 
ATOM   819  C CB  . ALA A 1 119 ? -21.576 4.672   -8.045  1.00 63.54 ? 109 ALA A CB  1 
ATOM   820  N N   . PRO A 1 120 ? -19.948 1.654   -9.490  1.00 70.27 ? 110 PRO A N   1 
ATOM   821  C CA  . PRO A 1 120 ? -18.764 1.145   -10.195 1.00 73.49 ? 110 PRO A CA  1 
ATOM   822  C C   . PRO A 1 120 ? -18.129 2.064   -11.228 1.00 75.93 ? 110 PRO A C   1 
ATOM   823  O O   . PRO A 1 120 ? -18.338 1.896   -12.430 1.00 76.97 ? 110 PRO A O   1 
ATOM   824  C CB  . PRO A 1 120 ? -19.271 -0.149  -10.825 1.00 72.75 ? 110 PRO A CB  1 
ATOM   825  C CG  . PRO A 1 120 ? -20.298 -0.604  -9.845  1.00 73.23 ? 110 PRO A CG  1 
ATOM   826  C CD  . PRO A 1 120 ? -21.045 0.677   -9.577  1.00 71.13 ? 110 PRO A CD  1 
ATOM   827  N N   . ASP A 1 121 ? -17.336 3.021   -10.761 1.00 78.74 ? 111 ASP A N   1 
ATOM   828  C CA  . ASP A 1 121 ? -16.664 3.951   -11.660 1.00 81.43 ? 111 ASP A CA  1 
ATOM   829  C C   . ASP A 1 121 ? -15.248 3.445   -11.933 1.00 83.18 ? 111 ASP A C   1 
ATOM   830  O O   . ASP A 1 121 ? -14.329 3.705   -11.159 1.00 83.68 ? 111 ASP A O   1 
ATOM   831  C CB  . ASP A 1 121 ? -16.637 5.350   -11.034 1.00 82.27 ? 111 ASP A CB  1 
ATOM   832  C CG  . ASP A 1 121 ? -15.835 6.339   -11.851 1.00 82.92 ? 111 ASP A CG  1 
ATOM   833  O OD1 . ASP A 1 121 ? -15.643 6.097   -13.062 1.00 82.98 ? 111 ASP A OD1 1 
ATOM   834  O OD2 . ASP A 1 121 ? -15.407 7.365   -11.283 1.00 83.13 ? 111 ASP A OD2 1 
ATOM   835  N N   . VAL A 1 122 ? -15.088 2.717   -13.038 1.00 85.87 ? 112 VAL A N   1 
ATOM   836  C CA  . VAL A 1 122 ? -13.805 2.129   -13.429 1.00 88.23 ? 112 VAL A CA  1 
ATOM   837  C C   . VAL A 1 122 ? -12.657 3.141   -13.603 1.00 88.85 ? 112 VAL A C   1 
ATOM   838  O O   . VAL A 1 122 ? -11.662 2.861   -14.272 1.00 88.88 ? 112 VAL A O   1 
ATOM   839  C CB  . VAL A 1 122 ? -13.969 1.296   -14.737 1.00 89.01 ? 112 VAL A CB  1 
ATOM   840  C CG1 . VAL A 1 122 ? -12.734 0.448   -14.989 1.00 90.68 ? 112 VAL A CG1 1 
ATOM   841  C CG2 . VAL A 1 122 ? -15.200 0.402   -14.633 1.00 90.78 ? 112 VAL A CG2 1 
ATOM   842  N N   . ASP A 1 123 ? -12.797 4.313   -12.992 1.00 88.86 ? 113 ASP A N   1 
ATOM   843  C CA  . ASP A 1 123 ? -11.774 5.353   -13.066 1.00 89.19 ? 113 ASP A CA  1 
ATOM   844  C C   . ASP A 1 123 ? -11.642 6.037   -11.701 1.00 88.11 ? 113 ASP A C   1 
ATOM   845  O O   . ASP A 1 123 ? -11.509 7.259   -11.609 1.00 89.25 ? 113 ASP A O   1 
ATOM   846  C CB  . ASP A 1 123 ? -12.140 6.383   -14.142 1.00 91.18 ? 113 ASP A CB  1 
ATOM   847  C CG  . ASP A 1 123 ? -10.982 7.310   -14.490 1.00 92.70 ? 113 ASP A CG  1 
ATOM   848  O OD1 . ASP A 1 123 ? -9.877  6.800   -14.771 1.00 92.45 ? 113 ASP A OD1 1 
ATOM   849  O OD2 . ASP A 1 123 ? -11.179 8.546   -14.495 1.00 93.18 ? 113 ASP A OD2 1 
ATOM   850  N N   . THR A 1 124 ? -11.696 5.231   -10.643 1.00 86.43 ? 114 THR A N   1 
ATOM   851  C CA  . THR A 1 124 ? -11.577 5.714   -9.270  1.00 82.13 ? 114 THR A CA  1 
ATOM   852  C C   . THR A 1 124 ? -10.296 5.121   -8.717  1.00 79.15 ? 114 THR A C   1 
ATOM   853  O O   . THR A 1 124 ? -9.823  5.496   -7.646  1.00 77.27 ? 114 THR A O   1 
ATOM   854  C CB  . THR A 1 124 ? -12.743 5.224   -8.394  1.00 82.71 ? 114 THR A CB  1 
ATOM   855  O OG1 . THR A 1 124 ? -12.800 3.791   -8.432  1.00 81.34 ? 114 THR A OG1 1 
ATOM   856  C CG2 . THR A 1 124 ? -14.058 5.798   -8.882  1.00 81.98 ? 114 THR A CG2 1 
ATOM   857  N N   . TYR A 1 125 ? -9.748  4.184   -9.475  1.00 74.63 ? 115 TYR A N   1 
ATOM   858  C CA  . TYR A 1 125 ? -8.525  3.494   -9.113  1.00 71.57 ? 115 TYR A CA  1 
ATOM   859  C C   . TYR A 1 125 ? -7.330  4.436   -9.230  1.00 67.61 ? 115 TYR A C   1 
ATOM   860  O O   . TYR A 1 125 ? -6.264  4.181   -8.669  1.00 67.59 ? 115 TYR A O   1 
ATOM   861  C CB  . TYR A 1 125 ? -8.351  2.277   -10.022 1.00 73.84 ? 115 TYR A CB  1 
ATOM   862  C CG  . TYR A 1 125 ? -9.627  1.469   -10.190 1.00 75.39 ? 115 TYR A CG  1 
ATOM   863  C CD1 . TYR A 1 125 ? -10.453 1.190   -9.098  1.00 76.31 ? 115 TYR A CD1 1 
ATOM   864  C CD2 . TYR A 1 125 ? -9.993  0.956   -11.434 1.00 76.74 ? 115 TYR A CD2 1 
ATOM   865  C CE1 . TYR A 1 125 ? -11.605 0.420   -9.238  1.00 77.15 ? 115 TYR A CE1 1 
ATOM   866  C CE2 . TYR A 1 125 ? -11.145 0.183   -11.588 1.00 77.05 ? 115 TYR A CE2 1 
ATOM   867  C CZ  . TYR A 1 125 ? -11.945 -0.082  -10.489 1.00 77.62 ? 115 TYR A CZ  1 
ATOM   868  O OH  . TYR A 1 125 ? -13.077 -0.853  -10.641 1.00 77.20 ? 115 TYR A OH  1 
ATOM   869  N N   . LYS A 1 126 ? -7.515  5.528   -9.961  1.00 61.47 ? 116 LYS A N   1 
ATOM   870  C CA  . LYS A 1 126 ? -6.456  6.506   -10.116 1.00 55.93 ? 116 LYS A CA  1 
ATOM   871  C C   . LYS A 1 126 ? -6.462  7.406   -8.882  1.00 51.72 ? 116 LYS A C   1 
ATOM   872  O O   . LYS A 1 126 ? -5.429  7.950   -8.496  1.00 48.89 ? 116 LYS A O   1 
ATOM   873  C CB  . LYS A 1 126 ? -6.672  7.344   -11.381 1.00 55.84 ? 116 LYS A CB  1 
ATOM   874  C CG  . LYS A 1 126 ? -6.740  6.530   -12.670 1.00 57.09 ? 116 LYS A CG  1 
ATOM   875  C CD  . LYS A 1 126 ? -5.584  5.543   -12.778 1.00 56.62 ? 116 LYS A CD  1 
ATOM   876  C CE  . LYS A 1 126 ? -5.681  4.691   -14.036 1.00 57.35 ? 116 LYS A CE  1 
ATOM   877  N NZ  . LYS A 1 126 ? -5.468  5.480   -15.288 1.00 58.25 ? 116 LYS A NZ  1 
ATOM   878  N N   . GLU A 1 127 ? -7.634  7.546   -8.270  1.00 47.62 ? 117 GLU A N   1 
ATOM   879  C CA  . GLU A 1 127 ? -7.799  8.368   -7.076  1.00 44.77 ? 117 GLU A CA  1 
ATOM   880  C C   . GLU A 1 127 ? -7.193  7.630   -5.883  1.00 40.44 ? 117 GLU A C   1 
ATOM   881  O O   . GLU A 1 127 ? -6.683  8.242   -4.953  1.00 36.95 ? 117 GLU A O   1 
ATOM   882  C CB  . GLU A 1 127 ? -9.280  8.638   -6.815  1.00 48.99 ? 117 GLU A CB  1 
ATOM   883  C CG  . GLU A 1 127 ? -9.594  10.053  -6.336  1.00 55.20 ? 117 GLU A CG  1 
ATOM   884  C CD  . GLU A 1 127 ? -8.943  10.395  -5.004  1.00 58.84 ? 117 GLU A CD  1 
ATOM   885  O OE1 . GLU A 1 127 ? -9.147  9.634   -4.032  1.00 61.74 ? 117 GLU A OE1 1 
ATOM   886  O OE2 . GLU A 1 127 ? -8.239  11.430  -4.925  1.00 59.74 ? 117 GLU A OE2 1 
ATOM   887  N N   . ILE A 1 128 ? -7.256  6.305   -5.928  1.00 35.56 ? 118 ILE A N   1 
ATOM   888  C CA  . ILE A 1 128 ? -6.694  5.486   -4.874  1.00 33.04 ? 118 ILE A CA  1 
ATOM   889  C C   . ILE A 1 128 ? -5.164  5.611   -4.913  1.00 30.23 ? 118 ILE A C   1 
ATOM   890  O O   . ILE A 1 128 ? -4.528  5.841   -3.891  1.00 27.56 ? 118 ILE A O   1 
ATOM   891  C CB  . ILE A 1 128 ? -7.142  4.028   -5.043  1.00 33.29 ? 118 ILE A CB  1 
ATOM   892  C CG1 . ILE A 1 128 ? -8.618  3.921   -4.641  1.00 35.29 ? 118 ILE A CG1 1 
ATOM   893  C CG2 . ILE A 1 128 ? -6.256  3.095   -4.236  1.00 32.85 ? 118 ILE A CG2 1 
ATOM   894  C CD1 . ILE A 1 128 ? -9.181  2.521   -4.684  1.00 36.77 ? 118 ILE A CD1 1 
ATOM   895  N N   . SER A 1 129 ? -4.593  5.499   -6.105  1.00 28.48 ? 119 SER A N   1 
ATOM   896  C CA  . SER A 1 129 ? -3.151  5.617   -6.280  1.00 29.37 ? 119 SER A CA  1 
ATOM   897  C C   . SER A 1 129 ? -2.727  7.002   -5.823  1.00 27.98 ? 119 SER A C   1 
ATOM   898  O O   . SER A 1 129 ? -1.624  7.193   -5.319  1.00 28.83 ? 119 SER A O   1 
ATOM   899  C CB  . SER A 1 129 ? -2.777  5.427   -7.755  1.00 27.38 ? 119 SER A CB  1 
ATOM   900  O OG  . SER A 1 129 ? -3.145  4.132   -8.184  1.00 28.80 ? 119 SER A OG  1 
ATOM   901  N N   . TYR A 1 130 ? -3.615  7.966   -6.008  1.00 26.35 ? 120 TYR A N   1 
ATOM   902  C CA  . TYR A 1 130 ? -3.332  9.326   -5.593  1.00 26.00 ? 120 TYR A CA  1 
ATOM   903  C C   . TYR A 1 130 ? -3.228  9.418   -4.072  1.00 24.20 ? 120 TYR A C   1 
ATOM   904  O O   . TYR A 1 130 ? -2.254  9.953   -3.547  1.00 23.66 ? 120 TYR A O   1 
ATOM   905  C CB  . TYR A 1 130 ? -4.430  10.283  -6.103  1.00 27.93 ? 120 TYR A CB  1 
ATOM   906  C CG  . TYR A 1 130 ? -4.197  11.742  -5.752  1.00 31.04 ? 120 TYR A CG  1 
ATOM   907  C CD1 . TYR A 1 130 ? -3.458  12.576  -6.588  1.00 31.77 ? 120 TYR A CD1 1 
ATOM   908  C CD2 . TYR A 1 130 ? -4.649  12.264  -4.533  1.00 33.50 ? 120 TYR A CD2 1 
ATOM   909  C CE1 . TYR A 1 130 ? -3.160  13.884  -6.220  1.00 33.02 ? 120 TYR A CE1 1 
ATOM   910  C CE2 . TYR A 1 130 ? -4.356  13.574  -4.152  1.00 33.71 ? 120 TYR A CE2 1 
ATOM   911  C CZ  . TYR A 1 130 ? -3.605  14.378  -4.998  1.00 35.56 ? 120 TYR A CZ  1 
ATOM   912  O OH  . TYR A 1 130 ? -3.263  15.657  -4.586  1.00 36.56 ? 120 TYR A OH  1 
ATOM   913  N N   . PHE A 1 131 ? -4.201  8.892   -3.335  1.00 22.54 ? 121 PHE A N   1 
ATOM   914  C CA  . PHE A 1 131 ? -4.067  9.081   -1.905  1.00 23.57 ? 121 PHE A CA  1 
ATOM   915  C C   . PHE A 1 131 ? -3.019  8.201   -1.280  1.00 22.90 ? 121 PHE A C   1 
ATOM   916  O O   . PHE A 1 131 ? -2.516  8.507   -0.209  1.00 24.43 ? 121 PHE A O   1 
ATOM   917  C CB  . PHE A 1 131 ? -5.420  9.031   -1.165  1.00 23.82 ? 121 PHE A CB  1 
ATOM   918  C CG  . PHE A 1 131 ? -6.187  7.750   -1.309  1.00 23.69 ? 121 PHE A CG  1 
ATOM   919  C CD1 . PHE A 1 131 ? -5.736  6.578   -0.720  1.00 21.83 ? 121 PHE A CD1 1 
ATOM   920  C CD2 . PHE A 1 131 ? -7.432  7.754   -1.933  1.00 25.24 ? 121 PHE A CD2 1 
ATOM   921  C CE1 . PHE A 1 131 ? -6.523  5.416   -0.737  1.00 26.26 ? 121 PHE A CE1 1 
ATOM   922  C CE2 . PHE A 1 131 ? -8.228  6.600   -1.960  1.00 27.68 ? 121 PHE A CE2 1 
ATOM   923  C CZ  . PHE A 1 131 ? -7.774  5.425   -1.358  1.00 25.49 ? 121 PHE A CZ  1 
ATOM   924  N N   . VAL A 1 132 ? -2.653  7.125   -1.963  1.00 22.89 ? 122 VAL A N   1 
ATOM   925  C CA  . VAL A 1 132 ? -1.595  6.273   -1.459  1.00 22.46 ? 122 VAL A CA  1 
ATOM   926  C C   . VAL A 1 132 ? -0.287  7.079   -1.619  1.00 22.68 ? 122 VAL A C   1 
ATOM   927  O O   . VAL A 1 132 ? 0.501   7.204   -0.679  1.00 22.57 ? 122 VAL A O   1 
ATOM   928  C CB  . VAL A 1 132 ? -1.552  4.916   -2.251  1.00 25.13 ? 122 VAL A CB  1 
ATOM   929  C CG1 . VAL A 1 132 ? -0.244  4.176   -1.958  1.00 22.48 ? 122 VAL A CG1 1 
ATOM   930  C CG2 . VAL A 1 132 ? -2.775  4.050   -1.856  1.00 22.38 ? 122 VAL A CG2 1 
ATOM   931  N N   . ALA A 1 133 ? -0.072  7.656   -2.802  1.00 21.96 ? 123 ALA A N   1 
ATOM   932  C CA  . ALA A 1 133 ? 1.122   8.467   -3.039  1.00 23.33 ? 123 ALA A CA  1 
ATOM   933  C C   . ALA A 1 133 ? 1.163   9.633   -2.034  1.00 25.35 ? 123 ALA A C   1 
ATOM   934  O O   . ALA A 1 133 ? 2.181   9.893   -1.404  1.00 25.38 ? 123 ALA A O   1 
ATOM   935  C CB  . ALA A 1 133 ? 1.110   9.010   -4.472  1.00 23.45 ? 123 ALA A CB  1 
ATOM   936  N N   . GLU A 1 134 ? 0.049   10.345  -1.907  1.00 26.38 ? 124 GLU A N   1 
ATOM   937  C CA  . GLU A 1 134 ? -0.040  11.452  -0.970  1.00 26.92 ? 124 GLU A CA  1 
ATOM   938  C C   . GLU A 1 134 ? 0.409   11.058  0.438   1.00 25.29 ? 124 GLU A C   1 
ATOM   939  O O   . GLU A 1 134 ? 1.202   11.779  1.049   1.00 24.63 ? 124 GLU A O   1 
ATOM   940  C CB  . GLU A 1 134 ? -1.473  11.994  -0.916  1.00 31.55 ? 124 GLU A CB  1 
ATOM   941  C CG  . GLU A 1 134 ? -1.804  12.804  0.357   1.00 37.79 ? 124 GLU A CG  1 
ATOM   942  C CD  . GLU A 1 134 ? -3.044  13.694  0.208   1.00 43.50 ? 124 GLU A CD  1 
ATOM   943  O OE1 . GLU A 1 134 ? -4.068  13.241  -0.372  1.00 46.25 ? 124 GLU A OE1 1 
ATOM   944  O OE2 . GLU A 1 134 ? -2.997  14.850  0.688   1.00 46.62 ? 124 GLU A OE2 1 
ATOM   945  N N   . PHE A 1 135 ? -0.084  9.929   0.955   1.00 22.57 ? 125 PHE A N   1 
ATOM   946  C CA  . PHE A 1 135 ? 0.301   9.527   2.309   1.00 24.84 ? 125 PHE A CA  1 
ATOM   947  C C   . PHE A 1 135 ? 1.804   9.243   2.421   1.00 24.75 ? 125 PHE A C   1 
ATOM   948  O O   . PHE A 1 135 ? 2.502   9.776   3.302   1.00 25.60 ? 125 PHE A O   1 
ATOM   949  C CB  . PHE A 1 135 ? -0.457  8.278   2.777   1.00 25.37 ? 125 PHE A CB  1 
ATOM   950  C CG  . PHE A 1 135 ? -0.019  7.814   4.153   1.00 25.59 ? 125 PHE A CG  1 
ATOM   951  C CD1 . PHE A 1 135 ? -0.520  8.431   5.299   1.00 25.22 ? 125 PHE A CD1 1 
ATOM   952  C CD2 . PHE A 1 135 ? 0.987   6.873   4.292   1.00 22.38 ? 125 PHE A CD2 1 
ATOM   953  C CE1 . PHE A 1 135 ? -0.013  8.119   6.554   1.00 24.33 ? 125 PHE A CE1 1 
ATOM   954  C CE2 . PHE A 1 135 ? 1.504   6.548   5.538   1.00 22.84 ? 125 PHE A CE2 1 
ATOM   955  C CZ  . PHE A 1 135 ? 1.006   7.173   6.672   1.00 24.75 ? 125 PHE A CZ  1 
ATOM   956  N N   . ILE A 1 136 ? 2.280   8.389   1.523   1.00 23.65 ? 126 ILE A N   1 
ATOM   957  C CA  . ILE A 1 136 ? 3.675   8.005   1.470   1.00 24.90 ? 126 ILE A CA  1 
ATOM   958  C C   . ILE A 1 136 ? 4.595   9.215   1.350   1.00 25.89 ? 126 ILE A C   1 
ATOM   959  O O   . ILE A 1 136 ? 5.566   9.343   2.095   1.00 24.13 ? 126 ILE A O   1 
ATOM   960  C CB  . ILE A 1 136 ? 3.956   7.067   0.268   1.00 25.04 ? 126 ILE A CB  1 
ATOM   961  C CG1 . ILE A 1 136 ? 3.176   5.760   0.418   1.00 25.83 ? 126 ILE A CG1 1 
ATOM   962  C CG2 . ILE A 1 136 ? 5.437   6.786   0.177   1.00 23.63 ? 126 ILE A CG2 1 
ATOM   963  C CD1 . ILE A 1 136 ? 3.473   4.746   -0.694  1.00 29.88 ? 126 ILE A CD1 1 
ATOM   964  N N   . MET A 1 137 ? 4.299   10.085  0.387   1.00 27.94 ? 127 MET A N   1 
ATOM   965  C CA  . MET A 1 137 ? 5.104   11.287  0.160   1.00 30.36 ? 127 MET A CA  1 
ATOM   966  C C   . MET A 1 137 ? 5.216   12.162  1.427   1.00 29.92 ? 127 MET A C   1 
ATOM   967  O O   . MET A 1 137 ? 6.306   12.433  1.928   1.00 26.46 ? 127 MET A O   1 
ATOM   968  C CB  . MET A 1 137 ? 4.469   12.131  -0.951  1.00 34.74 ? 127 MET A CB  1 
ATOM   969  C CG  . MET A 1 137 ? 5.376   13.199  -1.540  1.00 40.73 ? 127 MET A CG  1 
ATOM   970  S SD  . MET A 1 137 ? 6.671   12.420  -2.535  1.00 50.52 ? 127 MET A SD  1 
ATOM   971  C CE  . MET A 1 137 ? 8.100   12.539  -1.427  1.00 48.77 ? 127 MET A CE  1 
ATOM   972  N N   . ASN A 1 138 ? 4.070   12.581  1.940   1.00 29.17 ? 128 ASN A N   1 
ATOM   973  C CA  . ASN A 1 138 ? 4.031   13.455  3.101   1.00 32.14 ? 128 ASN A CA  1 
ATOM   974  C C   . ASN A 1 138 ? 4.445   12.841  4.428   1.00 33.50 ? 128 ASN A C   1 
ATOM   975  O O   . ASN A 1 138 ? 4.864   13.560  5.326   1.00 36.01 ? 128 ASN A O   1 
ATOM   976  C CB  . ASN A 1 138 ? 2.636   14.079  3.238   1.00 31.40 ? 128 ASN A CB  1 
ATOM   977  C CG  . ASN A 1 138 ? 2.277   14.976  2.055   1.00 33.84 ? 128 ASN A CG  1 
ATOM   978  O OD1 . ASN A 1 138 ? 3.163   15.501  1.368   1.00 36.02 ? 128 ASN A OD1 1 
ATOM   979  N ND2 . ASN A 1 138 ? 0.980   15.175  1.824   1.00 33.86 ? 128 ASN A ND2 1 
ATOM   980  N N   . ASN A 1 139 ? 4.372   11.518  4.551   1.00 33.35 ? 129 ASN A N   1 
ATOM   981  C CA  . ASN A 1 139 ? 4.710   10.897  5.822   1.00 32.84 ? 129 ASN A CA  1 
ATOM   982  C C   . ASN A 1 139 ? 5.984   10.053  5.867   1.00 31.98 ? 129 ASN A C   1 
ATOM   983  O O   . ASN A 1 139 ? 6.490   9.763   6.953   1.00 32.09 ? 129 ASN A O   1 
ATOM   984  C CB  . ASN A 1 139 ? 3.513   10.051  6.287   1.00 34.63 ? 129 ASN A CB  1 
ATOM   985  C CG  . ASN A 1 139 ? 2.263   10.887  6.517   1.00 34.02 ? 129 ASN A CG  1 
ATOM   986  O OD1 . ASN A 1 139 ? 2.133   11.566  7.532   1.00 36.45 ? 129 ASN A OD1 1 
ATOM   987  N ND2 . ASN A 1 139 ? 1.347   10.850  5.565   1.00 35.35 ? 129 ASN A ND2 1 
ATOM   988  N N   . THR A 1 140 ? 6.513   9.658   4.712   1.00 30.75 ? 130 THR A N   1 
ATOM   989  C CA  . THR A 1 140 ? 7.716   8.836   4.698   1.00 29.10 ? 130 THR A CA  1 
ATOM   990  C C   . THR A 1 140 ? 8.708   9.300   3.636   1.00 32.02 ? 130 THR A C   1 
ATOM   991  O O   . THR A 1 140 ? 9.808   8.731   3.506   1.00 32.80 ? 130 THR A O   1 
ATOM   992  C CB  . THR A 1 140 ? 7.373   7.341   4.416   1.00 28.95 ? 130 THR A CB  1 
ATOM   993  O OG1 . THR A 1 140 ? 7.025   7.178   3.039   1.00 26.52 ? 130 THR A OG1 1 
ATOM   994  C CG2 . THR A 1 140 ? 6.195   6.882   5.250   1.00 27.45 ? 130 THR A CG2 1 
ATOM   995  N N   . GLY A 1 141 ? 8.321   10.331  2.884   1.00 32.42 ? 131 GLY A N   1 
ATOM   996  C CA  . GLY A 1 141 ? 9.168   10.854  1.823   1.00 31.85 ? 131 GLY A CA  1 
ATOM   997  C C   . GLY A 1 141 ? 10.573  11.220  2.247   1.00 34.13 ? 131 GLY A C   1 
ATOM   998  O O   . GLY A 1 141 ? 11.537  10.945  1.534   1.00 34.53 ? 131 GLY A O   1 
ATOM   999  N N   . GLU A 1 142 ? 10.707  11.842  3.412   1.00 35.40 ? 132 GLU A N   1 
ATOM   1000 C CA  . GLU A 1 142 ? 12.021  12.234  3.890   1.00 35.44 ? 132 GLU A CA  1 
ATOM   1001 C C   . GLU A 1 142 ? 12.860  11.023  4.302   1.00 32.57 ? 132 GLU A C   1 
ATOM   1002 O O   . GLU A 1 142 ? 14.046  10.937  3.983   1.00 31.04 ? 132 GLU A O   1 
ATOM   1003 C CB  . GLU A 1 142 ? 11.866  13.231  5.041   1.00 39.09 ? 132 GLU A CB  1 
ATOM   1004 C CG  . GLU A 1 142 ? 11.341  14.587  4.551   1.00 46.97 ? 132 GLU A CG  1 
ATOM   1005 C CD  . GLU A 1 142 ? 11.045  15.575  5.671   1.00 51.36 ? 132 GLU A CD  1 
ATOM   1006 O OE1 . GLU A 1 142 ? 10.025  15.396  6.380   1.00 56.31 ? 132 GLU A OE1 1 
ATOM   1007 O OE2 . GLU A 1 142 ? 11.835  16.529  5.839   1.00 52.56 ? 132 GLU A OE2 1 
ATOM   1008 N N   . TRP A 1 143 ? 12.246  10.081  5.003   1.00 29.46 ? 133 TRP A N   1 
ATOM   1009 C CA  . TRP A 1 143 ? 12.956  8.877   5.411   1.00 27.02 ? 133 TRP A CA  1 
ATOM   1010 C C   . TRP A 1 143 ? 13.402  8.086   4.155   1.00 27.01 ? 133 TRP A C   1 
ATOM   1011 O O   . TRP A 1 143 ? 14.511  7.551   4.089   1.00 25.66 ? 133 TRP A O   1 
ATOM   1012 C CB  . TRP A 1 143 ? 12.031  8.010   6.256   1.00 24.94 ? 133 TRP A CB  1 
ATOM   1013 C CG  . TRP A 1 143 ? 12.692  6.761   6.703   1.00 25.40 ? 133 TRP A CG  1 
ATOM   1014 C CD1 . TRP A 1 143 ? 13.307  6.543   7.897   1.00 25.36 ? 133 TRP A CD1 1 
ATOM   1015 C CD2 . TRP A 1 143 ? 12.858  5.560   5.936   1.00 24.25 ? 133 TRP A CD2 1 
ATOM   1016 N NE1 . TRP A 1 143 ? 13.846  5.283   7.928   1.00 25.25 ? 133 TRP A NE1 1 
ATOM   1017 C CE2 . TRP A 1 143 ? 13.587  4.656   6.736   1.00 24.51 ? 133 TRP A CE2 1 
ATOM   1018 C CE3 . TRP A 1 143 ? 12.461  5.163   4.647   1.00 22.76 ? 133 TRP A CE3 1 
ATOM   1019 C CZ2 . TRP A 1 143 ? 13.934  3.371   6.290   1.00 23.98 ? 133 TRP A CZ2 1 
ATOM   1020 C CZ3 . TRP A 1 143 ? 12.804  3.897   4.205   1.00 21.44 ? 133 TRP A CZ3 1 
ATOM   1021 C CH2 . TRP A 1 143 ? 13.533  3.016   5.021   1.00 24.08 ? 133 TRP A CH2 1 
ATOM   1022 N N   . ILE A 1 144 ? 12.513  8.000   3.168   1.00 27.29 ? 134 ILE A N   1 
ATOM   1023 C CA  . ILE A 1 144 ? 12.809  7.283   1.938   1.00 29.89 ? 134 ILE A CA  1 
ATOM   1024 C C   . ILE A 1 144 ? 14.088  7.865   1.308   1.00 31.13 ? 134 ILE A C   1 
ATOM   1025 O O   . ILE A 1 144 ? 15.036  7.124   1.019   1.00 27.79 ? 134 ILE A O   1 
ATOM   1026 C CB  . ILE A 1 144 ? 11.596  7.364   0.951   1.00 29.00 ? 134 ILE A CB  1 
ATOM   1027 C CG1 . ILE A 1 144 ? 10.531  6.324   1.349   1.00 28.20 ? 134 ILE A CG1 1 
ATOM   1028 C CG2 . ILE A 1 144 ? 12.059  7.158   -0.474  1.00 29.48 ? 134 ILE A CG2 1 
ATOM   1029 C CD1 . ILE A 1 144 ? 9.227   6.373   0.498   1.00 31.31 ? 134 ILE A CD1 1 
ATOM   1030 N N   . ARG A 1 145 ? 14.108  9.189   1.140   1.00 32.80 ? 135 ARG A N   1 
ATOM   1031 C CA  . ARG A 1 145 ? 15.253  9.907   0.562   1.00 36.69 ? 135 ARG A CA  1 
ATOM   1032 C C   . ARG A 1 145 ? 16.540  9.620   1.347   1.00 36.72 ? 135 ARG A C   1 
ATOM   1033 O O   . ARG A 1 145 ? 17.544  9.210   0.771   1.00 37.68 ? 135 ARG A O   1 
ATOM   1034 C CB  . ARG A 1 145 ? 14.981  11.421  0.557   1.00 39.64 ? 135 ARG A CB  1 
ATOM   1035 C CG  . ARG A 1 145 ? 16.023  12.260  -0.188  1.00 45.66 ? 135 ARG A CG  1 
ATOM   1036 C CD  . ARG A 1 145 ? 15.989  13.748  0.232   1.00 52.54 ? 135 ARG A CD  1 
ATOM   1037 N NE  . ARG A 1 145 ? 16.343  13.928  1.644   1.00 58.06 ? 135 ARG A NE  1 
ATOM   1038 C CZ  . ARG A 1 145 ? 15.522  14.409  2.580   1.00 60.63 ? 135 ARG A CZ  1 
ATOM   1039 N NH1 . ARG A 1 145 ? 14.285  14.777  2.266   1.00 61.01 ? 135 ARG A NH1 1 
ATOM   1040 N NH2 . ARG A 1 145 ? 15.927  14.490  3.844   1.00 62.47 ? 135 ARG A NH2 1 
ATOM   1041 N N   . GLN A 1 146 ? 16.487  9.807   2.659   1.00 35.59 ? 136 GLN A N   1 
ATOM   1042 C CA  . GLN A 1 146 ? 17.638  9.581   3.525   1.00 36.74 ? 136 GLN A CA  1 
ATOM   1043 C C   . GLN A 1 146 ? 18.098  8.133   3.540   1.00 35.06 ? 136 GLN A C   1 
ATOM   1044 O O   . GLN A 1 146 ? 19.238  7.836   3.900   1.00 34.85 ? 136 GLN A O   1 
ATOM   1045 C CB  . GLN A 1 146 ? 17.315  10.018  4.955   1.00 38.29 ? 136 GLN A CB  1 
ATOM   1046 C CG  . GLN A 1 146 ? 16.891  11.461  5.070   1.00 41.69 ? 136 GLN A CG  1 
ATOM   1047 C CD  . GLN A 1 146 ? 16.589  11.855  6.496   1.00 45.49 ? 136 GLN A CD  1 
ATOM   1048 O OE1 . GLN A 1 146 ? 15.857  11.154  7.211   1.00 47.49 ? 136 GLN A OE1 1 
ATOM   1049 N NE2 . GLN A 1 146 ? 17.142  12.983  6.921   1.00 45.87 ? 136 GLN A NE2 1 
ATOM   1050 N N   . ASN A 1 147 ? 17.211  7.225   3.162   1.00 33.19 ? 137 ASN A N   1 
ATOM   1051 C CA  . ASN A 1 147 ? 17.582  5.827   3.143   1.00 30.38 ? 137 ASN A CA  1 
ATOM   1052 C C   . ASN A 1 147 ? 17.824  5.260   1.758   1.00 29.68 ? 137 ASN A C   1 
ATOM   1053 O O   . ASN A 1 147 ? 17.742  4.053   1.550   1.00 31.00 ? 137 ASN A O   1 
ATOM   1054 C CB  . ASN A 1 147 ? 16.559  5.008   3.931   1.00 29.18 ? 137 ASN A CB  1 
ATOM   1055 C CG  . ASN A 1 147 ? 16.754  5.156   5.432   1.00 31.23 ? 137 ASN A CG  1 
ATOM   1056 O OD1 . ASN A 1 147 ? 17.516  4.406   6.039   1.00 32.97 ? 137 ASN A OD1 1 
ATOM   1057 N ND2 . ASN A 1 147 ? 16.089  6.152   6.034   1.00 26.59 ? 137 ASN A ND2 1 
ATOM   1058 N N   . GLY A 1 148 ? 18.126  6.138   0.803   1.00 29.59 ? 138 GLY A N   1 
ATOM   1059 C CA  . GLY A 1 148 ? 18.479  5.680   -0.530  1.00 28.10 ? 138 GLY A CA  1 
ATOM   1060 C C   . GLY A 1 148 ? 17.442  5.685   -1.631  1.00 29.70 ? 138 GLY A C   1 
ATOM   1061 O O   . GLY A 1 148 ? 17.701  5.166   -2.725  1.00 29.39 ? 138 GLY A O   1 
ATOM   1062 N N   . GLY A 1 149 ? 16.279  6.264   -1.364  1.00 28.41 ? 139 GLY A N   1 
ATOM   1063 C CA  . GLY A 1 149 ? 15.249  6.281   -2.371  1.00 29.32 ? 139 GLY A CA  1 
ATOM   1064 C C   . GLY A 1 149 ? 14.852  4.878   -2.814  1.00 30.48 ? 139 GLY A C   1 
ATOM   1065 O O   . GLY A 1 149 ? 15.240  3.849   -2.222  1.00 28.95 ? 139 GLY A O   1 
ATOM   1066 N N   . TRP A 1 150 ? 14.073  4.825   -3.882  1.00 28.53 ? 140 TRP A N   1 
ATOM   1067 C CA  . TRP A 1 150 ? 13.623  3.547   -4.376  1.00 29.12 ? 140 TRP A CA  1 
ATOM   1068 C C   . TRP A 1 150 ? 14.720  2.742   -5.048  1.00 28.97 ? 140 TRP A C   1 
ATOM   1069 O O   . TRP A 1 150 ? 14.896  1.566   -4.749  1.00 27.67 ? 140 TRP A O   1 
ATOM   1070 C CB  . TRP A 1 150 ? 12.414  3.745   -5.311  1.00 25.86 ? 140 TRP A CB  1 
ATOM   1071 C CG  . TRP A 1 150 ? 11.251  4.381   -4.596  1.00 24.43 ? 140 TRP A CG  1 
ATOM   1072 C CD1 . TRP A 1 150 ? 10.976  5.725   -4.488  1.00 25.04 ? 140 TRP A CD1 1 
ATOM   1073 C CD2 . TRP A 1 150 ? 10.251  3.703   -3.806  1.00 24.33 ? 140 TRP A CD2 1 
ATOM   1074 N NE1 . TRP A 1 150 ? 9.871   5.919   -3.675  1.00 24.86 ? 140 TRP A NE1 1 
ATOM   1075 C CE2 . TRP A 1 150 ? 9.409   4.696   -3.251  1.00 24.77 ? 140 TRP A CE2 1 
ATOM   1076 C CE3 . TRP A 1 150 ? 9.993   2.355   -3.514  1.00 23.48 ? 140 TRP A CE3 1 
ATOM   1077 C CZ2 . TRP A 1 150 ? 8.325   4.377   -2.424  1.00 23.65 ? 140 TRP A CZ2 1 
ATOM   1078 C CZ3 . TRP A 1 150 ? 8.914   2.042   -2.691  1.00 25.91 ? 140 TRP A CZ3 1 
ATOM   1079 C CH2 . TRP A 1 150 ? 8.095   3.051   -2.157  1.00 24.30 ? 140 TRP A CH2 1 
ATOM   1080 N N   . GLU A 1 151 ? 15.487  3.365   -5.928  1.00 31.93 ? 141 GLU A N   1 
ATOM   1081 C CA  . GLU A 1 151 ? 16.528  2.622   -6.615  1.00 37.69 ? 141 GLU A CA  1 
ATOM   1082 C C   . GLU A 1 151 ? 17.699  2.198   -5.720  1.00 37.36 ? 141 GLU A C   1 
ATOM   1083 O O   . GLU A 1 151 ? 18.180  1.073   -5.816  1.00 39.97 ? 141 GLU A O   1 
ATOM   1084 C CB  . GLU A 1 151 ? 17.038  3.428   -7.817  1.00 41.97 ? 141 GLU A CB  1 
ATOM   1085 C CG  . GLU A 1 151 ? 15.910  3.967   -8.709  1.00 50.89 ? 141 GLU A CG  1 
ATOM   1086 C CD  . GLU A 1 151 ? 16.256  3.938   -10.194 1.00 56.74 ? 141 GLU A CD  1 
ATOM   1087 O OE1 . GLU A 1 151 ? 17.339  4.448   -10.573 1.00 59.73 ? 141 GLU A OE1 1 
ATOM   1088 O OE2 . GLU A 1 151 ? 15.439  3.406   -10.982 1.00 59.41 ? 141 GLU A OE2 1 
ATOM   1089 N N   . ASN A 1 152 ? 18.139  3.076   -4.831  1.00 35.77 ? 142 ASN A N   1 
ATOM   1090 C CA  . ASN A 1 152 ? 19.273  2.752   -3.979  1.00 35.71 ? 142 ASN A CA  1 
ATOM   1091 C C   . ASN A 1 152 ? 18.910  2.331   -2.569  1.00 33.60 ? 142 ASN A C   1 
ATOM   1092 O O   . ASN A 1 152 ? 19.786  2.038   -1.758  1.00 33.17 ? 142 ASN A O   1 
ATOM   1093 C CB  . ASN A 1 152 ? 20.244  3.938   -3.955  1.00 35.69 ? 142 ASN A CB  1 
ATOM   1094 C CG  . ASN A 1 152 ? 20.717  4.315   -5.352  1.00 37.38 ? 142 ASN A CG  1 
ATOM   1095 O OD1 . ASN A 1 152 ? 21.308  3.500   -6.061  1.00 38.34 ? 142 ASN A OD1 1 
ATOM   1096 N ND2 . ASN A 1 152 ? 20.442  5.543   -5.758  1.00 39.94 ? 142 ASN A ND2 1 
ATOM   1097 N N   . GLY A 1 153 ? 17.619  2.298   -2.282  1.00 31.98 ? 143 GLY A N   1 
ATOM   1098 C CA  . GLY A 1 153 ? 17.177  1.893   -0.960  1.00 29.98 ? 143 GLY A CA  1 
ATOM   1099 C C   . GLY A 1 153 ? 16.292  0.666   -1.046  1.00 29.06 ? 143 GLY A C   1 
ATOM   1100 O O   . GLY A 1 153 ? 16.700  -0.445  -0.694  1.00 31.34 ? 143 GLY A O   1 
ATOM   1101 N N   . PHE A 1 154 ? 15.069  0.856   -1.515  1.00 27.09 ? 144 PHE A N   1 
ATOM   1102 C CA  . PHE A 1 154 ? 14.166  -0.264  -1.636  1.00 27.31 ? 144 PHE A CA  1 
ATOM   1103 C C   . PHE A 1 154 ? 14.711  -1.404  -2.494  1.00 28.06 ? 144 PHE A C   1 
ATOM   1104 O O   . PHE A 1 154 ? 14.864  -2.520  -2.014  1.00 25.87 ? 144 PHE A O   1 
ATOM   1105 C CB  . PHE A 1 154 ? 12.837  0.150   -2.230  1.00 24.97 ? 144 PHE A CB  1 
ATOM   1106 C CG  . PHE A 1 154 ? 11.908  -1.001  -2.404  1.00 25.39 ? 144 PHE A CG  1 
ATOM   1107 C CD1 . PHE A 1 154 ? 11.352  -1.628  -1.289  1.00 25.44 ? 144 PHE A CD1 1 
ATOM   1108 C CD2 . PHE A 1 154 ? 11.627  -1.508  -3.672  1.00 22.00 ? 144 PHE A CD2 1 
ATOM   1109 C CE1 . PHE A 1 154 ? 10.518  -2.759  -1.436  1.00 25.19 ? 144 PHE A CE1 1 
ATOM   1110 C CE2 . PHE A 1 154 ? 10.794  -2.634  -3.826  1.00 23.71 ? 144 PHE A CE2 1 
ATOM   1111 C CZ  . PHE A 1 154 ? 10.242  -3.256  -2.707  1.00 22.36 ? 144 PHE A CZ  1 
ATOM   1112 N N   . VAL A 1 155 ? 14.992  -1.123  -3.764  1.00 29.16 ? 145 VAL A N   1 
ATOM   1113 C CA  . VAL A 1 155 ? 15.474  -2.153  -4.675  1.00 29.77 ? 145 VAL A CA  1 
ATOM   1114 C C   . VAL A 1 155 ? 16.720  -2.895  -4.216  1.00 30.01 ? 145 VAL A C   1 
ATOM   1115 O O   . VAL A 1 155 ? 16.782  -4.104  -4.351  1.00 28.60 ? 145 VAL A O   1 
ATOM   1116 C CB  . VAL A 1 155 ? 15.700  -1.590  -6.109  1.00 32.47 ? 145 VAL A CB  1 
ATOM   1117 C CG1 . VAL A 1 155 ? 16.272  -2.672  -7.023  1.00 32.36 ? 145 VAL A CG1 1 
ATOM   1118 C CG2 . VAL A 1 155 ? 14.380  -1.118  -6.683  1.00 32.92 ? 145 VAL A CG2 1 
ATOM   1119 N N   . LYS A 1 156 ? 17.711  -2.196  -3.668  1.00 32.84 ? 146 LYS A N   1 
ATOM   1120 C CA  . LYS A 1 156 ? 18.930  -2.883  -3.210  1.00 34.71 ? 146 LYS A CA  1 
ATOM   1121 C C   . LYS A 1 156 ? 18.595  -3.900  -2.110  1.00 34.51 ? 146 LYS A C   1 
ATOM   1122 O O   . LYS A 1 156 ? 19.163  -4.991  -2.060  1.00 34.82 ? 146 LYS A O   1 
ATOM   1123 C CB  . LYS A 1 156 ? 19.957  -1.884  -2.655  1.00 36.45 ? 146 LYS A CB  1 
ATOM   1124 C CG  . LYS A 1 156 ? 20.442  -0.846  -3.648  1.00 38.91 ? 146 LYS A CG  1 
ATOM   1125 C CD  . LYS A 1 156 ? 21.082  -1.493  -4.871  1.00 40.87 ? 146 LYS A CD  1 
ATOM   1126 C CE  . LYS A 1 156 ? 21.552  -0.443  -5.849  1.00 41.78 ? 146 LYS A CE  1 
ATOM   1127 N NZ  . LYS A 1 156 ? 22.176  -1.042  -7.051  1.00 43.66 ? 146 LYS A NZ  1 
ATOM   1128 N N   . LYS A 1 157 ? 17.663  -3.534  -1.238  1.00 34.39 ? 147 LYS A N   1 
ATOM   1129 C CA  . LYS A 1 157 ? 17.268  -4.399  -0.138  1.00 36.27 ? 147 LYS A CA  1 
ATOM   1130 C C   . LYS A 1 157 ? 16.335  -5.561  -0.505  1.00 35.63 ? 147 LYS A C   1 
ATOM   1131 O O   . LYS A 1 157 ? 16.411  -6.631  0.105   1.00 35.06 ? 147 LYS A O   1 
ATOM   1132 C CB  . LYS A 1 157 ? 16.613  -3.567  0.971   1.00 38.51 ? 147 LYS A CB  1 
ATOM   1133 C CG  . LYS A 1 157 ? 15.946  -4.397  2.079   1.00 45.18 ? 147 LYS A CG  1 
ATOM   1134 C CD  . LYS A 1 157 ? 15.253  -3.504  3.123   1.00 48.10 ? 147 LYS A CD  1 
ATOM   1135 C CE  . LYS A 1 157 ? 14.548  -4.333  4.207   1.00 50.49 ? 147 LYS A CE  1 
ATOM   1136 N NZ  . LYS A 1 157 ? 15.496  -5.093  5.095   1.00 48.48 ? 147 LYS A NZ  1 
ATOM   1137 N N   . PHE A 1 158 ? 15.465  -5.373  -1.495  1.00 32.85 ? 148 PHE A N   1 
ATOM   1138 C CA  . PHE A 1 158 ? 14.532  -6.435  -1.838  1.00 30.45 ? 148 PHE A CA  1 
ATOM   1139 C C   . PHE A 1 158 ? 14.728  -7.168  -3.145  1.00 30.71 ? 148 PHE A C   1 
ATOM   1140 O O   . PHE A 1 158 ? 14.029  -8.143  -3.405  1.00 28.16 ? 148 PHE A O   1 
ATOM   1141 C CB  . PHE A 1 158 ? 13.107  -5.902  -1.758  1.00 30.12 ? 148 PHE A CB  1 
ATOM   1142 C CG  . PHE A 1 158 ? 12.623  -5.706  -0.351  1.00 30.65 ? 148 PHE A CG  1 
ATOM   1143 C CD1 . PHE A 1 158 ? 12.065  -6.761  0.357   1.00 29.15 ? 148 PHE A CD1 1 
ATOM   1144 C CD2 . PHE A 1 158 ? 12.768  -4.476  0.283   1.00 31.96 ? 148 PHE A CD2 1 
ATOM   1145 C CE1 . PHE A 1 158 ? 11.655  -6.597  1.691   1.00 33.94 ? 148 PHE A CE1 1 
ATOM   1146 C CE2 . PHE A 1 158 ? 12.361  -4.300  1.615   1.00 34.79 ? 148 PHE A CE2 1 
ATOM   1147 C CZ  . PHE A 1 158 ? 11.806  -5.363  2.317   1.00 31.99 ? 148 PHE A CZ  1 
ATOM   1148 N N   . GLU A 1 159 ? 15.667  -6.712  -3.969  1.00 30.09 ? 149 GLU A N   1 
ATOM   1149 C CA  . GLU A 1 159 ? 15.913  -7.365  -5.251  1.00 32.01 ? 149 GLU A CA  1 
ATOM   1150 C C   . GLU A 1 159 ? 16.485  -8.777  -5.008  1.00 32.34 ? 149 GLU A C   1 
ATOM   1151 O O   . GLU A 1 159 ? 17.012  -9.074  -3.935  1.00 32.78 ? 149 GLU A O   1 
ATOM   1152 C CB  . GLU A 1 159 ? 16.886  -6.517  -6.103  1.00 32.36 ? 149 GLU A CB  1 
ATOM   1153 C CG  . GLU A 1 159 ? 18.357  -6.633  -5.681  1.00 33.28 ? 149 GLU A CG  1 
ATOM   1154 C CD  . GLU A 1 159 ? 19.279  -5.673  -6.424  1.00 37.42 ? 149 GLU A CD  1 
ATOM   1155 O OE1 . GLU A 1 159 ? 18.930  -5.228  -7.534  1.00 40.79 ? 149 GLU A OE1 1 
ATOM   1156 O OE2 . GLU A 1 159 ? 20.372  -5.367  -5.901  1.00 41.65 ? 149 GLU A OE2 1 
ATOM   1157 N N   . PRO A 1 160 ? 16.357  -9.674  -5.997  1.00 34.85 ? 150 PRO A N   1 
ATOM   1158 C CA  . PRO A 1 160 ? 16.886  -11.037 -5.828  1.00 35.20 ? 150 PRO A CA  1 
ATOM   1159 C C   . PRO A 1 160 ? 18.377  -11.045 -5.524  1.00 36.08 ? 150 PRO A C   1 
ATOM   1160 O O   . PRO A 1 160 ? 18.783  -11.819 -4.621  1.00 38.00 ? 150 PRO A O   1 
ATOM   1161 C CB  . PRO A 1 160 ? 16.554  -11.697 -7.158  1.00 35.12 ? 150 PRO A CB  1 
ATOM   1162 C CG  . PRO A 1 160 ? 15.249  -11.013 -7.524  1.00 34.44 ? 150 PRO A CG  1 
ATOM   1163 C CD  . PRO A 1 160 ? 15.561  -9.569  -7.233  1.00 33.01 ? 150 PRO A CD  1 
ATOM   1164 N N   . GLY B 2 1   ? -5.391  -2.219  18.237  1.00 76.51 ? 72  GLY B N   1 
ATOM   1165 C CA  . GLY B 2 1   ? -5.084  -1.191  17.206  1.00 75.99 ? 72  GLY B CA  1 
ATOM   1166 C C   . GLY B 2 1   ? -5.520  -1.661  15.835  1.00 75.23 ? 72  GLY B C   1 
ATOM   1167 O O   . GLY B 2 1   ? -5.149  -1.081  14.811  1.00 75.97 ? 72  GLY B O   1 
ATOM   1168 N N   . GLN B 2 2   ? -6.303  -2.733  15.820  1.00 73.10 ? 73  GLN B N   1 
ATOM   1169 C CA  . GLN B 2 2   ? -6.811  -3.293  14.579  1.00 69.98 ? 73  GLN B CA  1 
ATOM   1170 C C   . GLN B 2 2   ? -5.757  -3.493  13.490  1.00 64.47 ? 73  GLN B C   1 
ATOM   1171 O O   . GLN B 2 2   ? -4.627  -3.908  13.763  1.00 64.31 ? 73  GLN B O   1 
ATOM   1172 C CB  . GLN B 2 2   ? -7.949  -2.417  14.043  1.00 74.12 ? 73  GLN B CB  1 
ATOM   1173 C CG  . GLN B 2 2   ? -9.286  -2.628  14.750  1.00 79.49 ? 73  GLN B CG  1 
ATOM   1174 C CD  . GLN B 2 2   ? -9.876  -4.009  14.488  1.00 82.96 ? 73  GLN B CD  1 
ATOM   1175 O OE1 . GLN B 2 2   ? -9.282  -5.032  14.842  1.00 84.31 ? 73  GLN B OE1 1 
ATOM   1176 N NE2 . GLN B 2 2   ? -11.052 -4.041  13.859  1.00 84.23 ? 73  GLN B NE2 1 
ATOM   1177 N N   . VAL B 2 3   ? -6.149  -3.182  12.259  1.00 56.04 ? 74  VAL B N   1 
ATOM   1178 C CA  . VAL B 2 3   ? -5.307  -3.348  11.080  1.00 49.51 ? 74  VAL B CA  1 
ATOM   1179 C C   . VAL B 2 3   ? -3.972  -2.614  11.108  1.00 43.60 ? 74  VAL B C   1 
ATOM   1180 O O   . VAL B 2 3   ? -2.939  -3.184  10.748  1.00 41.11 ? 74  VAL B O   1 
ATOM   1181 C CB  . VAL B 2 3   ? -6.065  -2.907  9.815   1.00 50.15 ? 74  VAL B CB  1 
ATOM   1182 C CG1 . VAL B 2 3   ? -5.450  -3.563  8.589   1.00 49.15 ? 74  VAL B CG1 1 
ATOM   1183 C CG2 . VAL B 2 3   ? -7.539  -3.245  9.954   1.00 49.93 ? 74  VAL B CG2 1 
ATOM   1184 N N   . GLY B 2 4   ? -4.010  -1.349  11.514  1.00 37.63 ? 75  GLY B N   1 
ATOM   1185 C CA  . GLY B 2 4   ? -2.809  -0.543  11.583  1.00 34.37 ? 75  GLY B CA  1 
ATOM   1186 C C   . GLY B 2 4   ? -1.650  -1.227  12.280  1.00 32.05 ? 75  GLY B C   1 
ATOM   1187 O O   . GLY B 2 4   ? -0.590  -1.422  11.679  1.00 28.39 ? 75  GLY B O   1 
ATOM   1188 N N   . ARG B 2 5   ? -1.846  -1.616  13.537  1.00 31.85 ? 76  ARG B N   1 
ATOM   1189 C CA  . ARG B 2 5   ? -0.772  -2.270  14.293  1.00 32.42 ? 76  ARG B CA  1 
ATOM   1190 C C   . ARG B 2 5   ? -0.340  -3.602  13.674  1.00 32.28 ? 76  ARG B C   1 
ATOM   1191 O O   . ARG B 2 5   ? 0.850   -3.951  13.692  1.00 32.06 ? 76  ARG B O   1 
ATOM   1192 C CB  . ARG B 2 5   ? -1.172  -2.482  15.760  1.00 31.15 ? 76  ARG B CB  1 
ATOM   1193 C CG  . ARG B 2 5   ? -1.521  -1.211  16.520  1.00 29.11 ? 76  ARG B CG  1 
ATOM   1194 C CD  . ARG B 2 5   ? -0.558  -0.057  16.239  1.00 31.11 ? 76  ARG B CD  1 
ATOM   1195 N NE  . ARG B 2 5   ? 0.849   -0.375  16.498  1.00 28.73 ? 76  ARG B NE  1 
ATOM   1196 C CZ  . ARG B 2 5   ? 1.863   0.318   15.984  1.00 26.90 ? 76  ARG B CZ  1 
ATOM   1197 N NH1 . ARG B 2 5   ? 1.625   1.357   15.205  1.00 26.66 ? 76  ARG B NH1 1 
ATOM   1198 N NH2 . ARG B 2 5   ? 3.110   -0.049  16.206  1.00 28.34 ? 76  ARG B NH2 1 
ATOM   1199 N N   . GLN B 2 6   ? -1.290  -4.340  13.115  1.00 31.41 ? 77  GLN B N   1 
ATOM   1200 C CA  . GLN B 2 6   ? -0.950  -5.618  12.475  1.00 31.85 ? 77  GLN B CA  1 
ATOM   1201 C C   . GLN B 2 6   ? -0.024  -5.412  11.287  1.00 28.76 ? 77  GLN B C   1 
ATOM   1202 O O   . GLN B 2 6   ? 0.904   -6.186  11.059  1.00 29.08 ? 77  GLN B O   1 
ATOM   1203 C CB  . GLN B 2 6   ? -2.211  -6.355  12.007  1.00 33.83 ? 77  GLN B CB  1 
ATOM   1204 C CG  . GLN B 2 6   ? -2.969  -7.005  13.147  1.00 43.04 ? 77  GLN B CG  1 
ATOM   1205 C CD  . GLN B 2 6   ? -2.041  -7.757  14.102  1.00 47.37 ? 77  GLN B CD  1 
ATOM   1206 O OE1 . GLN B 2 6   ? -1.298  -8.660  13.694  1.00 49.46 ? 77  GLN B OE1 1 
ATOM   1207 N NE2 . GLN B 2 6   ? -2.077  -7.378  15.382  1.00 49.93 ? 77  GLN B NE2 1 
ATOM   1208 N N   . LEU B 2 7   ? -0.288  -4.363  10.522  1.00 28.51 ? 78  LEU B N   1 
ATOM   1209 C CA  . LEU B 2 7   ? 0.532   -4.055  9.372   1.00 25.85 ? 78  LEU B CA  1 
ATOM   1210 C C   . LEU B 2 7   ? 1.919   -3.647  9.851   1.00 25.69 ? 78  LEU B C   1 
ATOM   1211 O O   . LEU B 2 7   ? 2.919   -3.990  9.221   1.00 25.84 ? 78  LEU B O   1 
ATOM   1212 C CB  . LEU B 2 7   ? -0.129  -2.951  8.551   1.00 26.17 ? 78  LEU B CB  1 
ATOM   1213 C CG  . LEU B 2 7   ? -1.446  -3.361  7.863   1.00 26.58 ? 78  LEU B CG  1 
ATOM   1214 C CD1 . LEU B 2 7   ? -1.966  -2.208  7.039   1.00 26.92 ? 78  LEU B CD1 1 
ATOM   1215 C CD2 . LEU B 2 7   ? -1.207  -4.566  6.961   1.00 28.75 ? 78  LEU B CD2 1 
ATOM   1216 N N   . ALA B 2 8   ? 1.987   -2.929  10.973  1.00 24.03 ? 79  ALA B N   1 
ATOM   1217 C CA  . ALA B 2 8   ? 3.283   -2.516  11.518  1.00 24.00 ? 79  ALA B CA  1 
ATOM   1218 C C   . ALA B 2 8   ? 4.082   -3.766  11.883  1.00 23.97 ? 79  ALA B C   1 
ATOM   1219 O O   . ALA B 2 8   ? 5.235   -3.893  11.485  1.00 23.00 ? 79  ALA B O   1 
ATOM   1220 C CB  . ALA B 2 8   ? 3.093   -1.616  12.758  1.00 23.22 ? 79  ALA B CB  1 
ATOM   1221 N N   . ILE B 2 9   ? 3.457   -4.671  12.643  1.00 24.62 ? 80  ILE B N   1 
ATOM   1222 C CA  . ILE B 2 9   ? 4.053   -5.945  13.049  1.00 26.27 ? 80  ILE B CA  1 
ATOM   1223 C C   . ILE B 2 9   ? 4.569   -6.740  11.830  1.00 27.01 ? 80  ILE B C   1 
ATOM   1224 O O   . ILE B 2 9   ? 5.694   -7.226  11.834  1.00 25.98 ? 80  ILE B O   1 
ATOM   1225 C CB  . ILE B 2 9   ? 3.006   -6.820  13.788  1.00 29.06 ? 80  ILE B CB  1 
ATOM   1226 C CG1 . ILE B 2 9   ? 2.856   -6.357  15.240  1.00 32.86 ? 80  ILE B CG1 1 
ATOM   1227 C CG2 . ILE B 2 9   ? 3.403   -8.304  13.745  1.00 29.56 ? 80  ILE B CG2 1 
ATOM   1228 C CD1 . ILE B 2 9   ? 1.710   -7.068  15.997  1.00 31.99 ? 80  ILE B CD1 1 
ATOM   1229 N N   . ILE B 2 10  ? 3.738   -6.895  10.798  1.00 28.17 ? 81  ILE B N   1 
ATOM   1230 C CA  . ILE B 2 10  ? 4.166   -7.628  9.591   1.00 28.62 ? 81  ILE B CA  1 
ATOM   1231 C C   . ILE B 2 10  ? 5.278   -6.853  8.881   1.00 28.46 ? 81  ILE B C   1 
ATOM   1232 O O   . ILE B 2 10  ? 6.252   -7.444  8.394   1.00 28.24 ? 81  ILE B O   1 
ATOM   1233 C CB  . ILE B 2 10  ? 2.992   -7.822  8.604   1.00 29.60 ? 81  ILE B CB  1 
ATOM   1234 C CG1 . ILE B 2 10  ? 1.887   -8.641  9.275   1.00 31.08 ? 81  ILE B CG1 1 
ATOM   1235 C CG2 . ILE B 2 10  ? 3.464   -8.547  7.353   1.00 30.39 ? 81  ILE B CG2 1 
ATOM   1236 C CD1 . ILE B 2 10  ? 0.606   -8.718  8.460   1.00 32.82 ? 81  ILE B CD1 1 
ATOM   1237 N N   . GLY B 2 11  ? 5.127   -5.528  8.829   1.00 26.66 ? 82  GLY B N   1 
ATOM   1238 C CA  . GLY B 2 11  ? 6.120   -4.690  8.192   1.00 28.36 ? 82  GLY B CA  1 
ATOM   1239 C C   . GLY B 2 11  ? 7.488   -4.827  8.838   1.00 30.64 ? 82  GLY B C   1 
ATOM   1240 O O   . GLY B 2 11  ? 8.499   -4.990  8.136   1.00 29.85 ? 82  GLY B O   1 
ATOM   1241 N N   . ASP B 2 12  ? 7.535   -4.760  10.168  1.00 31.02 ? 83  ASP B N   1 
ATOM   1242 C CA  . ASP B 2 12  ? 8.810   -4.907  10.878  1.00 33.72 ? 83  ASP B CA  1 
ATOM   1243 C C   . ASP B 2 12  ? 9.315   -6.342  10.695  1.00 34.22 ? 83  ASP B C   1 
ATOM   1244 O O   . ASP B 2 12  ? 10.509  -6.608  10.698  1.00 31.30 ? 83  ASP B O   1 
ATOM   1245 C CB  . ASP B 2 12  ? 8.656   -4.629  12.378  1.00 35.17 ? 83  ASP B CB  1 
ATOM   1246 C CG  . ASP B 2 12  ? 8.266   -3.197  12.679  1.00 36.78 ? 83  ASP B CG  1 
ATOM   1247 O OD1 . ASP B 2 12  ? 8.539   -2.292  11.860  1.00 38.46 ? 83  ASP B OD1 1 
ATOM   1248 O OD2 . ASP B 2 12  ? 7.696   -2.976  13.760  1.00 38.94 ? 83  ASP B OD2 1 
ATOM   1249 N N   . ASP B 2 13  ? 8.381   -7.264  10.536  1.00 36.46 ? 84  ASP B N   1 
ATOM   1250 C CA  . ASP B 2 13  ? 8.721   -8.658  10.345  1.00 39.28 ? 84  ASP B CA  1 
ATOM   1251 C C   . ASP B 2 13  ? 9.483   -8.888  9.026   1.00 39.82 ? 84  ASP B C   1 
ATOM   1252 O O   . ASP B 2 13  ? 10.565  -9.481  9.036   1.00 38.83 ? 84  ASP B O   1 
ATOM   1253 C CB  . ASP B 2 13  ? 7.441   -9.480  10.382  1.00 42.73 ? 84  ASP B CB  1 
ATOM   1254 C CG  . ASP B 2 13  ? 7.676   -10.902 10.798  1.00 47.90 ? 84  ASP B CG  1 
ATOM   1255 O OD1 . ASP B 2 13  ? 8.386   -11.102 11.809  1.00 53.14 ? 84  ASP B OD1 1 
ATOM   1256 O OD2 . ASP B 2 13  ? 7.142   -11.819 10.124  1.00 51.51 ? 84  ASP B OD2 1 
ATOM   1257 N N   . ILE B 2 14  ? 8.934   -8.414  7.899   1.00 40.79 ? 85  ILE B N   1 
ATOM   1258 C CA  . ILE B 2 14  ? 9.601   -8.597  6.601   1.00 42.33 ? 85  ILE B CA  1 
ATOM   1259 C C   . ILE B 2 14  ? 10.748  -7.602  6.393   1.00 43.75 ? 85  ILE B C   1 
ATOM   1260 O O   . ILE B 2 14  ? 11.519  -7.723  5.445   1.00 43.15 ? 85  ILE B O   1 
ATOM   1261 C CB  . ILE B 2 14  ? 8.628   -8.464  5.384   1.00 41.71 ? 85  ILE B CB  1 
ATOM   1262 C CG1 . ILE B 2 14  ? 8.266   -6.998  5.149   1.00 41.04 ? 85  ILE B CG1 1 
ATOM   1263 C CG2 . ILE B 2 14  ? 7.387   -9.330  5.596   1.00 40.90 ? 85  ILE B CG2 1 
ATOM   1264 C CD1 . ILE B 2 14  ? 7.444   -6.767  3.911   1.00 42.87 ? 85  ILE B CD1 1 
ATOM   1265 N N   . ASN B 2 15  ? 10.857  -6.610  7.267   1.00 45.94 ? 86  ASN B N   1 
ATOM   1266 C CA  . ASN B 2 15  ? 11.947  -5.648  7.138   1.00 49.32 ? 86  ASN B CA  1 
ATOM   1267 C C   . ASN B 2 15  ? 13.240  -6.293  7.635   1.00 51.60 ? 86  ASN B C   1 
ATOM   1268 O O   . ASN B 2 15  ? 14.306  -6.111  7.049   1.00 50.85 ? 86  ASN B O   1 
ATOM   1269 C CB  . ASN B 2 15  ? 11.662  -4.389  7.957   1.00 48.70 ? 86  ASN B CB  1 
ATOM   1270 C CG  . ASN B 2 15  ? 12.744  -3.351  7.812   1.00 48.20 ? 86  ASN B CG  1 
ATOM   1271 O OD1 . ASN B 2 15  ? 13.280  -2.897  8.934   1.00 48.29 ? 86  ASN B OD1 1 
ATOM   1272 N ND2 . ASN B 2 15  ? 13.095  -2.960  6.704   1.00 48.27 ? 86  ASN B ND2 1 
ATOM   1273 N N   . ARG B 2 16  ? 13.134  -7.051  8.723   1.00 54.94 ? 87  ARG B N   1 
ATOM   1274 C CA  . ARG B 2 16  ? 14.293  -7.718  9.298   1.00 59.48 ? 87  ARG B CA  1 
ATOM   1275 C C   . ARG B 2 16  ? 14.776  -8.816  8.359   1.00 60.72 ? 87  ARG B C   1 
ATOM   1276 O O   . ARG B 2 16  ? 15.914  -8.687  7.854   1.00 61.55 ? 87  ARG B O   1 
ATOM   1277 C CB  . ARG B 2 16  ? 13.934  -8.308  10.665  1.00 62.47 ? 87  ARG B CB  1 
ATOM   1278 C CG  . ARG B 2 16  ? 13.493  -7.270  11.689  1.00 67.30 ? 87  ARG B CG  1 
ATOM   1279 C CD  . ARG B 2 16  ? 14.591  -6.242  11.956  1.00 71.93 ? 87  ARG B CD  1 
ATOM   1280 N NE  . ARG B 2 16  ? 14.169  -5.210  12.906  1.00 75.74 ? 87  ARG B NE  1 
ATOM   1281 C CZ  . ARG B 2 16  ? 13.234  -4.295  12.659  1.00 77.16 ? 87  ARG B CZ  1 
ATOM   1282 N NH1 . ARG B 2 16  ? 12.615  -4.272  11.484  1.00 76.63 ? 87  ARG B NH1 1 
ATOM   1283 N NH2 . ARG B 2 16  ? 12.913  -3.403  13.591  1.00 77.37 ? 87  ARG B NH2 1 
ATOM   1284 O OXT . ARG B 2 16  ? 14.007  -9.776  8.127   1.00 59.35 ? 87  ARG B OXT 1 
HETATM 1285 O O   . HOH C 3 .   ? 6.770   1.389   -13.435 1.00 30.77 ? 152 HOH A O   1 
HETATM 1286 O O   . HOH C 3 .   ? 5.925   14.509  -9.072  1.00 26.19 ? 153 HOH A O   1 
HETATM 1287 O O   . HOH C 3 .   ? -3.841  9.786   1.822   1.00 26.30 ? 154 HOH A O   1 
HETATM 1288 O O   . HOH C 3 .   ? 13.873  7.112   -5.586  1.00 43.48 ? 155 HOH A O   1 
HETATM 1289 O O   . HOH C 3 .   ? 11.802  9.917   -5.946  1.00 43.59 ? 156 HOH A O   1 
HETATM 1290 O O   . HOH C 3 .   ? 7.008   7.661   -13.061 1.00 42.14 ? 157 HOH A O   1 
HETATM 1291 O O   . HOH C 3 .   ? 4.521   -1.079  -8.254  1.00 29.78 ? 158 HOH A O   1 
HETATM 1292 O O   . HOH C 3 .   ? 6.762   -8.578  -10.581 1.00 35.73 ? 159 HOH A O   1 
HETATM 1293 O O   . HOH C 3 .   ? -5.945  11.569  1.114   1.00 37.05 ? 160 HOH A O   1 
HETATM 1294 O O   . HOH C 3 .   ? 17.841  1.529   2.614   1.00 31.19 ? 161 HOH A O   1 
HETATM 1295 O O   . HOH C 3 .   ? 13.521  10.761  8.887   1.00 59.25 ? 162 HOH A O   1 
HETATM 1296 O O   . HOH C 3 .   ? 15.338  4.744   10.335  1.00 45.26 ? 163 HOH A O   1 
HETATM 1297 O O   . HOH C 3 .   ? 12.096  5.019   11.661  1.00 37.27 ? 164 HOH A O   1 
HETATM 1298 O O   . HOH C 3 .   ? 11.983  7.650   11.125  1.00 48.48 ? 165 HOH A O   1 
HETATM 1299 O O   . HOH C 3 .   ? 6.010   6.635   11.600  1.00 32.55 ? 166 HOH A O   1 
HETATM 1300 O O   . HOH C 3 .   ? 5.219   9.398   16.399  1.00 33.35 ? 167 HOH A O   1 
HETATM 1301 O O   . HOH C 3 .   ? 1.970   10.004  16.237  1.00 32.69 ? 168 HOH A O   1 
HETATM 1302 O O   . HOH C 3 .   ? -2.282  8.215   16.488  1.00 44.75 ? 169 HOH A O   1 
HETATM 1303 O O   . HOH C 3 .   ? -5.279  7.062   15.818  1.00 51.58 ? 170 HOH A O   1 
HETATM 1304 O O   . HOH C 3 .   ? 18.324  -7.850  -1.470  1.00 38.95 ? 171 HOH A O   1 
HETATM 1305 O O   . HOH C 3 .   ? -2.806  7.703   -14.265 1.00 41.19 ? 172 HOH A O   1 
HETATM 1306 O O   . HOH C 3 .   ? 13.084  -0.114  11.900  1.00 33.82 ? 173 HOH A O   1 
HETATM 1307 O O   . HOH C 3 .   ? 13.930  0.837   -11.675 1.00 46.65 ? 174 HOH A O   1 
HETATM 1308 O O   . HOH C 3 .   ? 13.014  8.718   -7.892  1.00 39.54 ? 175 HOH A O   1 
HETATM 1309 O O   . HOH C 3 .   ? 0.172   4.848   -14.455 1.00 49.76 ? 176 HOH A O   1 
HETATM 1310 O O   . HOH C 3 .   ? 9.363   10.768  6.552   1.00 27.90 ? 177 HOH A O   1 
HETATM 1311 O O   . HOH C 3 .   ? 21.799  2.293   -8.767  1.00 30.33 ? 178 HOH A O   1 
HETATM 1312 O O   . HOH C 3 .   ? 17.983  2.400   8.777   1.00 30.33 ? 179 HOH A O   1 
HETATM 1313 O O   . HOH D 3 .   ? 14.336  -0.439  6.050   1.00 24.79 ? 7   HOH B O   1 
HETATM 1314 O O   . HOH D 3 .   ? -6.484  0.373   12.363  1.00 31.43 ? 8   HOH B O   1 
HETATM 1315 O O   . HOH D 3 .   ? 7.452   -7.461  14.053  1.00 29.25 ? 26  HOH B O   1 
# 
